data_3D4E
# 
_entry.id   3D4E 
# 
_audit_conform.dict_name       mmcif_pdbx.dic 
_audit_conform.dict_version    5.397 
_audit_conform.dict_location   http://mmcif.pdb.org/dictionaries/ascii/mmcif_pdbx.dic 
# 
loop_
_database_2.database_id 
_database_2.database_code 
_database_2.pdbx_database_accession 
_database_2.pdbx_DOI 
PDB   3D4E         pdb_00003d4e 10.2210/pdb3d4e/pdb 
RCSB  RCSB047577   ?            ?                   
WWPDB D_1000047577 ?            ?                   
# 
loop_
_pdbx_audit_revision_history.ordinal 
_pdbx_audit_revision_history.data_content_type 
_pdbx_audit_revision_history.major_revision 
_pdbx_audit_revision_history.minor_revision 
_pdbx_audit_revision_history.revision_date 
1 'Structure model' 1 0 2008-07-08 
2 'Structure model' 1 1 2011-07-13 
3 'Structure model' 1 2 2017-10-25 
4 'Structure model' 1 3 2019-07-24 
5 'Structure model' 1 4 2023-02-01 
6 'Structure model' 1 5 2024-10-09 
# 
_pdbx_audit_revision_details.ordinal             1 
_pdbx_audit_revision_details.revision_ordinal    1 
_pdbx_audit_revision_details.data_content_type   'Structure model' 
_pdbx_audit_revision_details.provider            repository 
_pdbx_audit_revision_details.type                'Initial release' 
_pdbx_audit_revision_details.description         ? 
_pdbx_audit_revision_details.details             ? 
# 
loop_
_pdbx_audit_revision_group.ordinal 
_pdbx_audit_revision_group.revision_ordinal 
_pdbx_audit_revision_group.data_content_type 
_pdbx_audit_revision_group.group 
1  2 'Structure model' Advisory                     
2  2 'Structure model' 'Version format compliance'  
3  3 'Structure model' 'Author supporting evidence' 
4  3 'Structure model' 'Refinement description'     
5  4 'Structure model' 'Data collection'            
6  4 'Structure model' 'Derived calculations'       
7  4 'Structure model' 'Refinement description'     
8  5 'Structure model' 'Database references'        
9  5 'Structure model' 'Derived calculations'       
10 6 'Structure model' 'Data collection'            
11 6 'Structure model' 'Structure summary'          
# 
loop_
_pdbx_audit_revision_category.ordinal 
_pdbx_audit_revision_category.revision_ordinal 
_pdbx_audit_revision_category.data_content_type 
_pdbx_audit_revision_category.category 
1  3 'Structure model' pdbx_struct_assembly_auth_evidence 
2  3 'Structure model' software                           
3  4 'Structure model' software                           
4  4 'Structure model' struct_conn                        
5  5 'Structure model' database_2                         
6  5 'Structure model' struct_ref_seq_dif                 
7  5 'Structure model' struct_site                        
8  6 'Structure model' chem_comp_atom                     
9  6 'Structure model' chem_comp_bond                     
10 6 'Structure model' pdbx_entry_details                 
11 6 'Structure model' pdbx_modification_feature          
# 
loop_
_pdbx_audit_revision_item.ordinal 
_pdbx_audit_revision_item.revision_ordinal 
_pdbx_audit_revision_item.data_content_type 
_pdbx_audit_revision_item.item 
1  3 'Structure model' '_software.classification'                     
2  3 'Structure model' '_software.name'                               
3  4 'Structure model' '_software.classification'                     
4  4 'Structure model' '_software.contact_author'                     
5  4 'Structure model' '_software.contact_author_email'               
6  4 'Structure model' '_software.language'                           
7  4 'Structure model' '_software.location'                           
8  4 'Structure model' '_software.name'                               
9  4 'Structure model' '_software.type'                               
10 4 'Structure model' '_software.version'                            
11 4 'Structure model' '_struct_conn.pdbx_leaving_atom_flag'          
12 5 'Structure model' '_database_2.pdbx_DOI'                         
13 5 'Structure model' '_database_2.pdbx_database_accession'          
14 5 'Structure model' '_struct_ref_seq_dif.details'                  
15 5 'Structure model' '_struct_site.pdbx_auth_asym_id'               
16 5 'Structure model' '_struct_site.pdbx_auth_comp_id'               
17 5 'Structure model' '_struct_site.pdbx_auth_seq_id'                
18 6 'Structure model' '_pdbx_entry_details.has_protein_modification' 
# 
_pdbx_database_status.SG_entry                        Y 
_pdbx_database_status.entry_id                        3D4E 
_pdbx_database_status.deposit_site                    RCSB 
_pdbx_database_status.process_site                    RCSB 
_pdbx_database_status.recvd_initial_deposition_date   2008-05-14 
_pdbx_database_status.status_code                     REL 
_pdbx_database_status.status_code_sf                  REL 
_pdbx_database_status.status_code_mr                  ? 
_pdbx_database_status.pdb_format_compatible           Y 
_pdbx_database_status.status_code_cs                  ? 
_pdbx_database_status.methods_development_category    ? 
_pdbx_database_status.status_code_nmr_data            ? 
# 
_pdbx_database_related.db_name        TargetDB 
_pdbx_database_related.db_id          390321 
_pdbx_database_related.details        . 
_pdbx_database_related.content_type   unspecified 
# 
_audit_author.name           'Joint Center for Structural Genomics (JCSG)' 
_audit_author.pdbx_ordinal   1 
# 
_citation.id                        primary 
_citation.title                     
'Crystal structure of putative beta-lactamase inhibitor protein (NP_721579.1) from STREPTOCOCCUS MUTANS at 1.40 A resolution' 
_citation.journal_abbrev            'To be published' 
_citation.journal_volume            ? 
_citation.page_first                ? 
_citation.page_last                 ? 
_citation.year                      ? 
_citation.journal_id_ASTM           ? 
_citation.country                   ? 
_citation.journal_id_ISSN           ? 
_citation.journal_id_CSD            0353 
_citation.book_publisher            ? 
_citation.pdbx_database_id_PubMed   ? 
_citation.pdbx_database_id_DOI      ? 
# 
_citation_author.citation_id        primary 
_citation_author.name               'Joint Center for Structural Genomics (JCSG)' 
_citation_author.ordinal            1 
_citation_author.identifier_ORCID   ? 
# 
loop_
_entity.id 
_entity.type 
_entity.src_method 
_entity.pdbx_description 
_entity.formula_weight 
_entity.pdbx_number_of_molecules 
_entity.pdbx_ec 
_entity.pdbx_mutation 
_entity.pdbx_fragment 
_entity.details 
1 polymer     man 'putative beta-lactamase inhibitor protein' 20155.027 1   ? V150I ? ? 
2 non-polymer syn 'ACETATE ION'                               59.044    1   ? ?     ? ? 
3 non-polymer syn 1,2-ETHANEDIOL                              62.068    3   ? ?     ? ? 
4 water       nat water                                       18.015    157 ? ?     ? ? 
# 
_entity_poly.entity_id                      1 
_entity_poly.type                           'polypeptide(L)' 
_entity_poly.nstd_linkage                   no 
_entity_poly.nstd_monomer                   yes 
_entity_poly.pdbx_seq_one_letter_code       
;GEDKKGGTKPSNEAALTKTENLDFRLSFNKIKVTTDQNHFSGGTSIEQLKQWFGDPNKSEQRNAGNITLDSYTWVKDGAV
INAQLYKNSTVARSISNFSFSREAKIGKEDYDELKIGESYKKIVEKLGEPDVLSQS(MSE)SSDKEE(MSE)QTVWSSGI
KTKSSSATIELYFENGLLKNKTQKDLE
;
_entity_poly.pdbx_seq_one_letter_code_can   
;GEDKKGGTKPSNEAALTKTENLDFRLSFNKIKVTTDQNHFSGGTSIEQLKQWFGDPNKSEQRNAGNITLDSYTWVKDGAV
INAQLYKNSTVARSISNFSFSREAKIGKEDYDELKIGESYKKIVEKLGEPDVLSQSMSSDKEEMQTVWSSGIKTKSSSAT
IELYFENGLLKNKTQKDLE
;
_entity_poly.pdbx_strand_id                 A 
_entity_poly.pdbx_target_identifier         390321 
# 
loop_
_pdbx_entity_nonpoly.entity_id 
_pdbx_entity_nonpoly.name 
_pdbx_entity_nonpoly.comp_id 
2 'ACETATE ION'  ACT 
3 1,2-ETHANEDIOL EDO 
4 water          HOH 
# 
loop_
_entity_poly_seq.entity_id 
_entity_poly_seq.num 
_entity_poly_seq.mon_id 
_entity_poly_seq.hetero 
1 1   GLY n 
1 2   GLU n 
1 3   ASP n 
1 4   LYS n 
1 5   LYS n 
1 6   GLY n 
1 7   GLY n 
1 8   THR n 
1 9   LYS n 
1 10  PRO n 
1 11  SER n 
1 12  ASN n 
1 13  GLU n 
1 14  ALA n 
1 15  ALA n 
1 16  LEU n 
1 17  THR n 
1 18  LYS n 
1 19  THR n 
1 20  GLU n 
1 21  ASN n 
1 22  LEU n 
1 23  ASP n 
1 24  PHE n 
1 25  ARG n 
1 26  LEU n 
1 27  SER n 
1 28  PHE n 
1 29  ASN n 
1 30  LYS n 
1 31  ILE n 
1 32  LYS n 
1 33  VAL n 
1 34  THR n 
1 35  THR n 
1 36  ASP n 
1 37  GLN n 
1 38  ASN n 
1 39  HIS n 
1 40  PHE n 
1 41  SER n 
1 42  GLY n 
1 43  GLY n 
1 44  THR n 
1 45  SER n 
1 46  ILE n 
1 47  GLU n 
1 48  GLN n 
1 49  LEU n 
1 50  LYS n 
1 51  GLN n 
1 52  TRP n 
1 53  PHE n 
1 54  GLY n 
1 55  ASP n 
1 56  PRO n 
1 57  ASN n 
1 58  LYS n 
1 59  SER n 
1 60  GLU n 
1 61  GLN n 
1 62  ARG n 
1 63  ASN n 
1 64  ALA n 
1 65  GLY n 
1 66  ASN n 
1 67  ILE n 
1 68  THR n 
1 69  LEU n 
1 70  ASP n 
1 71  SER n 
1 72  TYR n 
1 73  THR n 
1 74  TRP n 
1 75  VAL n 
1 76  LYS n 
1 77  ASP n 
1 78  GLY n 
1 79  ALA n 
1 80  VAL n 
1 81  ILE n 
1 82  ASN n 
1 83  ALA n 
1 84  GLN n 
1 85  LEU n 
1 86  TYR n 
1 87  LYS n 
1 88  ASN n 
1 89  SER n 
1 90  THR n 
1 91  VAL n 
1 92  ALA n 
1 93  ARG n 
1 94  SER n 
1 95  ILE n 
1 96  SER n 
1 97  ASN n 
1 98  PHE n 
1 99  SER n 
1 100 PHE n 
1 101 SER n 
1 102 ARG n 
1 103 GLU n 
1 104 ALA n 
1 105 LYS n 
1 106 ILE n 
1 107 GLY n 
1 108 LYS n 
1 109 GLU n 
1 110 ASP n 
1 111 TYR n 
1 112 ASP n 
1 113 GLU n 
1 114 LEU n 
1 115 LYS n 
1 116 ILE n 
1 117 GLY n 
1 118 GLU n 
1 119 SER n 
1 120 TYR n 
1 121 LYS n 
1 122 LYS n 
1 123 ILE n 
1 124 VAL n 
1 125 GLU n 
1 126 LYS n 
1 127 LEU n 
1 128 GLY n 
1 129 GLU n 
1 130 PRO n 
1 131 ASP n 
1 132 VAL n 
1 133 LEU n 
1 134 SER n 
1 135 GLN n 
1 136 SER n 
1 137 MSE n 
1 138 SER n 
1 139 SER n 
1 140 ASP n 
1 141 LYS n 
1 142 GLU n 
1 143 GLU n 
1 144 MSE n 
1 145 GLN n 
1 146 THR n 
1 147 VAL n 
1 148 TRP n 
1 149 SER n 
1 150 SER n 
1 151 GLY n 
1 152 ILE n 
1 153 LYS n 
1 154 THR n 
1 155 LYS n 
1 156 SER n 
1 157 SER n 
1 158 SER n 
1 159 ALA n 
1 160 THR n 
1 161 ILE n 
1 162 GLU n 
1 163 LEU n 
1 164 TYR n 
1 165 PHE n 
1 166 GLU n 
1 167 ASN n 
1 168 GLY n 
1 169 LEU n 
1 170 LEU n 
1 171 LYS n 
1 172 ASN n 
1 173 LYS n 
1 174 THR n 
1 175 GLN n 
1 176 LYS n 
1 177 ASP n 
1 178 LEU n 
1 179 GLU n 
# 
_entity_src_gen.entity_id                          1 
_entity_src_gen.pdbx_src_id                        1 
_entity_src_gen.pdbx_alt_source_flag               sample 
_entity_src_gen.pdbx_seq_type                      ? 
_entity_src_gen.pdbx_beg_seq_num                   ? 
_entity_src_gen.pdbx_end_seq_num                   ? 
_entity_src_gen.gene_src_common_name               ? 
_entity_src_gen.gene_src_genus                     ? 
_entity_src_gen.pdbx_gene_src_gene                 'NP_721579.1, SMU_1196c' 
_entity_src_gen.gene_src_species                   ? 
_entity_src_gen.gene_src_strain                    
;Clarke [NCTC 10449]'
;
_entity_src_gen.gene_src_tissue                    ? 
_entity_src_gen.gene_src_tissue_fraction           ? 
_entity_src_gen.gene_src_details                   ? 
_entity_src_gen.pdbx_gene_src_fragment             ? 
_entity_src_gen.pdbx_gene_src_scientific_name      'Streptococcus mutans' 
_entity_src_gen.pdbx_gene_src_ncbi_taxonomy_id     1309 
_entity_src_gen.pdbx_gene_src_variant              ? 
_entity_src_gen.pdbx_gene_src_cell_line            ? 
_entity_src_gen.pdbx_gene_src_atcc                 25175 
_entity_src_gen.pdbx_gene_src_organ                ? 
_entity_src_gen.pdbx_gene_src_organelle            ? 
_entity_src_gen.pdbx_gene_src_cell                 ? 
_entity_src_gen.pdbx_gene_src_cellular_location    ? 
_entity_src_gen.host_org_common_name               ? 
_entity_src_gen.pdbx_host_org_scientific_name      'Escherichia coli' 
_entity_src_gen.pdbx_host_org_ncbi_taxonomy_id     ? 
_entity_src_gen.host_org_genus                     ? 
_entity_src_gen.pdbx_host_org_gene                 ? 
_entity_src_gen.pdbx_host_org_organ                ? 
_entity_src_gen.host_org_species                   ? 
_entity_src_gen.pdbx_host_org_tissue               ? 
_entity_src_gen.pdbx_host_org_tissue_fraction      ? 
_entity_src_gen.pdbx_host_org_strain               HK100 
_entity_src_gen.pdbx_host_org_variant              ? 
_entity_src_gen.pdbx_host_org_cell_line            ? 
_entity_src_gen.pdbx_host_org_atcc                 ? 
_entity_src_gen.pdbx_host_org_culture_collection   ? 
_entity_src_gen.pdbx_host_org_cell                 ? 
_entity_src_gen.pdbx_host_org_organelle            ? 
_entity_src_gen.pdbx_host_org_cellular_location    ? 
_entity_src_gen.pdbx_host_org_vector_type          Plasmid 
_entity_src_gen.pdbx_host_org_vector               ? 
_entity_src_gen.host_org_details                   ? 
_entity_src_gen.expression_system_id               ? 
_entity_src_gen.plasmid_name                       SpeedET 
_entity_src_gen.plasmid_details                    ? 
_entity_src_gen.pdbx_description                   ? 
# 
loop_
_chem_comp.id 
_chem_comp.type 
_chem_comp.mon_nstd_flag 
_chem_comp.name 
_chem_comp.pdbx_synonyms 
_chem_comp.formula 
_chem_comp.formula_weight 
ACT non-polymer         . 'ACETATE ION'    ?                 'C2 H3 O2 -1'    59.044  
ALA 'L-peptide linking' y ALANINE          ?                 'C3 H7 N O2'     89.093  
ARG 'L-peptide linking' y ARGININE         ?                 'C6 H15 N4 O2 1' 175.209 
ASN 'L-peptide linking' y ASPARAGINE       ?                 'C4 H8 N2 O3'    132.118 
ASP 'L-peptide linking' y 'ASPARTIC ACID'  ?                 'C4 H7 N O4'     133.103 
EDO non-polymer         . 1,2-ETHANEDIOL   'ETHYLENE GLYCOL' 'C2 H6 O2'       62.068  
GLN 'L-peptide linking' y GLUTAMINE        ?                 'C5 H10 N2 O3'   146.144 
GLU 'L-peptide linking' y 'GLUTAMIC ACID'  ?                 'C5 H9 N O4'     147.129 
GLY 'peptide linking'   y GLYCINE          ?                 'C2 H5 N O2'     75.067  
HIS 'L-peptide linking' y HISTIDINE        ?                 'C6 H10 N3 O2 1' 156.162 
HOH non-polymer         . WATER            ?                 'H2 O'           18.015  
ILE 'L-peptide linking' y ISOLEUCINE       ?                 'C6 H13 N O2'    131.173 
LEU 'L-peptide linking' y LEUCINE          ?                 'C6 H13 N O2'    131.173 
LYS 'L-peptide linking' y LYSINE           ?                 'C6 H15 N2 O2 1' 147.195 
MSE 'L-peptide linking' n SELENOMETHIONINE ?                 'C5 H11 N O2 Se' 196.106 
PHE 'L-peptide linking' y PHENYLALANINE    ?                 'C9 H11 N O2'    165.189 
PRO 'L-peptide linking' y PROLINE          ?                 'C5 H9 N O2'     115.130 
SER 'L-peptide linking' y SERINE           ?                 'C3 H7 N O3'     105.093 
THR 'L-peptide linking' y THREONINE        ?                 'C4 H9 N O3'     119.119 
TRP 'L-peptide linking' y TRYPTOPHAN       ?                 'C11 H12 N2 O2'  204.225 
TYR 'L-peptide linking' y TYROSINE         ?                 'C9 H11 N O3'    181.189 
VAL 'L-peptide linking' y VALINE           ?                 'C5 H11 N O2'    117.146 
# 
loop_
_pdbx_poly_seq_scheme.asym_id 
_pdbx_poly_seq_scheme.entity_id 
_pdbx_poly_seq_scheme.seq_id 
_pdbx_poly_seq_scheme.mon_id 
_pdbx_poly_seq_scheme.ndb_seq_num 
_pdbx_poly_seq_scheme.pdb_seq_num 
_pdbx_poly_seq_scheme.auth_seq_num 
_pdbx_poly_seq_scheme.pdb_mon_id 
_pdbx_poly_seq_scheme.auth_mon_id 
_pdbx_poly_seq_scheme.pdb_strand_id 
_pdbx_poly_seq_scheme.pdb_ins_code 
_pdbx_poly_seq_scheme.hetero 
A 1 1   GLY 1   0   ?   ?   ?   A . n 
A 1 2   GLU 2   29  ?   ?   ?   A . n 
A 1 3   ASP 3   30  ?   ?   ?   A . n 
A 1 4   LYS 4   31  ?   ?   ?   A . n 
A 1 5   LYS 5   32  ?   ?   ?   A . n 
A 1 6   GLY 6   33  ?   ?   ?   A . n 
A 1 7   GLY 7   34  ?   ?   ?   A . n 
A 1 8   THR 8   35  ?   ?   ?   A . n 
A 1 9   LYS 9   36  ?   ?   ?   A . n 
A 1 10  PRO 10  37  ?   ?   ?   A . n 
A 1 11  SER 11  38  ?   ?   ?   A . n 
A 1 12  ASN 12  39  ?   ?   ?   A . n 
A 1 13  GLU 13  40  ?   ?   ?   A . n 
A 1 14  ALA 14  41  ?   ?   ?   A . n 
A 1 15  ALA 15  42  ?   ?   ?   A . n 
A 1 16  LEU 16  43  ?   ?   ?   A . n 
A 1 17  THR 17  44  ?   ?   ?   A . n 
A 1 18  LYS 18  45  45  LYS LYS A . n 
A 1 19  THR 19  46  46  THR THR A . n 
A 1 20  GLU 20  47  47  GLU GLU A . n 
A 1 21  ASN 21  48  48  ASN ASN A . n 
A 1 22  LEU 22  49  49  LEU LEU A . n 
A 1 23  ASP 23  50  50  ASP ASP A . n 
A 1 24  PHE 24  51  51  PHE PHE A . n 
A 1 25  ARG 25  52  52  ARG ARG A . n 
A 1 26  LEU 26  53  53  LEU LEU A . n 
A 1 27  SER 27  54  54  SER SER A . n 
A 1 28  PHE 28  55  55  PHE PHE A . n 
A 1 29  ASN 29  56  56  ASN ASN A . n 
A 1 30  LYS 30  57  57  LYS LYS A . n 
A 1 31  ILE 31  58  58  ILE ILE A . n 
A 1 32  LYS 32  59  59  LYS LYS A . n 
A 1 33  VAL 33  60  60  VAL VAL A . n 
A 1 34  THR 34  61  61  THR THR A . n 
A 1 35  THR 35  62  62  THR THR A . n 
A 1 36  ASP 36  63  63  ASP ASP A . n 
A 1 37  GLN 37  64  64  GLN GLN A . n 
A 1 38  ASN 38  65  65  ASN ASN A . n 
A 1 39  HIS 39  66  66  HIS HIS A . n 
A 1 40  PHE 40  67  67  PHE PHE A . n 
A 1 41  SER 41  68  68  SER SER A . n 
A 1 42  GLY 42  69  69  GLY GLY A . n 
A 1 43  GLY 43  70  70  GLY GLY A . n 
A 1 44  THR 44  71  71  THR THR A . n 
A 1 45  SER 45  72  72  SER SER A . n 
A 1 46  ILE 46  73  73  ILE ILE A . n 
A 1 47  GLU 47  74  74  GLU GLU A . n 
A 1 48  GLN 48  75  75  GLN GLN A . n 
A 1 49  LEU 49  76  76  LEU LEU A . n 
A 1 50  LYS 50  77  77  LYS LYS A . n 
A 1 51  GLN 51  78  78  GLN GLN A . n 
A 1 52  TRP 52  79  79  TRP TRP A . n 
A 1 53  PHE 53  80  80  PHE PHE A . n 
A 1 54  GLY 54  81  81  GLY GLY A . n 
A 1 55  ASP 55  82  82  ASP ASP A . n 
A 1 56  PRO 56  83  83  PRO PRO A . n 
A 1 57  ASN 57  84  84  ASN ASN A . n 
A 1 58  LYS 58  85  85  LYS LYS A . n 
A 1 59  SER 59  86  86  SER SER A . n 
A 1 60  GLU 60  87  87  GLU GLU A . n 
A 1 61  GLN 61  88  88  GLN GLN A . n 
A 1 62  ARG 62  89  89  ARG ARG A . n 
A 1 63  ASN 63  90  90  ASN ASN A . n 
A 1 64  ALA 64  91  91  ALA ALA A . n 
A 1 65  GLY 65  92  92  GLY GLY A . n 
A 1 66  ASN 66  93  93  ASN ASN A . n 
A 1 67  ILE 67  94  94  ILE ILE A . n 
A 1 68  THR 68  95  95  THR THR A . n 
A 1 69  LEU 69  96  96  LEU LEU A . n 
A 1 70  ASP 70  97  97  ASP ASP A . n 
A 1 71  SER 71  98  98  SER SER A . n 
A 1 72  TYR 72  99  99  TYR TYR A . n 
A 1 73  THR 73  100 100 THR THR A . n 
A 1 74  TRP 74  101 101 TRP TRP A . n 
A 1 75  VAL 75  102 102 VAL VAL A . n 
A 1 76  LYS 76  103 103 LYS LYS A . n 
A 1 77  ASP 77  104 104 ASP ASP A . n 
A 1 78  GLY 78  105 105 GLY GLY A . n 
A 1 79  ALA 79  106 106 ALA ALA A . n 
A 1 80  VAL 80  107 107 VAL VAL A . n 
A 1 81  ILE 81  108 108 ILE ILE A . n 
A 1 82  ASN 82  109 109 ASN ASN A . n 
A 1 83  ALA 83  110 110 ALA ALA A . n 
A 1 84  GLN 84  111 111 GLN GLN A . n 
A 1 85  LEU 85  112 112 LEU LEU A . n 
A 1 86  TYR 86  113 113 TYR TYR A . n 
A 1 87  LYS 87  114 114 LYS LYS A . n 
A 1 88  ASN 88  115 115 ASN ASN A . n 
A 1 89  SER 89  116 116 SER SER A . n 
A 1 90  THR 90  117 117 THR THR A . n 
A 1 91  VAL 91  118 118 VAL VAL A . n 
A 1 92  ALA 92  119 119 ALA ALA A . n 
A 1 93  ARG 93  120 120 ARG ARG A . n 
A 1 94  SER 94  121 121 SER SER A . n 
A 1 95  ILE 95  122 122 ILE ILE A . n 
A 1 96  SER 96  123 123 SER SER A . n 
A 1 97  ASN 97  124 124 ASN ASN A . n 
A 1 98  PHE 98  125 125 PHE PHE A . n 
A 1 99  SER 99  126 126 SER SER A . n 
A 1 100 PHE 100 127 127 PHE PHE A . n 
A 1 101 SER 101 128 128 SER SER A . n 
A 1 102 ARG 102 129 129 ARG ARG A . n 
A 1 103 GLU 103 130 130 GLU GLU A . n 
A 1 104 ALA 104 131 131 ALA ALA A . n 
A 1 105 LYS 105 132 132 LYS LYS A . n 
A 1 106 ILE 106 133 133 ILE ILE A . n 
A 1 107 GLY 107 134 134 GLY GLY A . n 
A 1 108 LYS 108 135 135 LYS LYS A . n 
A 1 109 GLU 109 136 136 GLU GLU A . n 
A 1 110 ASP 110 137 137 ASP ASP A . n 
A 1 111 TYR 111 138 138 TYR TYR A . n 
A 1 112 ASP 112 139 139 ASP ASP A . n 
A 1 113 GLU 113 140 140 GLU GLU A . n 
A 1 114 LEU 114 141 141 LEU LEU A . n 
A 1 115 LYS 115 142 142 LYS LYS A . n 
A 1 116 ILE 116 143 143 ILE ILE A . n 
A 1 117 GLY 117 144 144 GLY GLY A . n 
A 1 118 GLU 118 145 145 GLU GLU A . n 
A 1 119 SER 119 146 146 SER SER A . n 
A 1 120 TYR 120 147 147 TYR TYR A . n 
A 1 121 LYS 121 148 148 LYS LYS A . n 
A 1 122 LYS 122 149 149 LYS LYS A . n 
A 1 123 ILE 123 150 150 ILE ILE A . n 
A 1 124 VAL 124 151 151 VAL VAL A . n 
A 1 125 GLU 125 152 152 GLU GLU A . n 
A 1 126 LYS 126 153 153 LYS LYS A . n 
A 1 127 LEU 127 154 154 LEU LEU A . n 
A 1 128 GLY 128 155 155 GLY GLY A . n 
A 1 129 GLU 129 156 156 GLU GLU A . n 
A 1 130 PRO 130 157 157 PRO PRO A . n 
A 1 131 ASP 131 158 158 ASP ASP A . n 
A 1 132 VAL 132 159 159 VAL VAL A . n 
A 1 133 LEU 133 160 160 LEU LEU A . n 
A 1 134 SER 134 161 161 SER SER A . n 
A 1 135 GLN 135 162 162 GLN GLN A . n 
A 1 136 SER 136 163 163 SER SER A . n 
A 1 137 MSE 137 164 164 MSE MSE A . n 
A 1 138 SER 138 165 165 SER SER A . n 
A 1 139 SER 139 166 166 SER SER A . n 
A 1 140 ASP 140 167 167 ASP ASP A . n 
A 1 141 LYS 141 168 168 LYS LYS A . n 
A 1 142 GLU 142 169 169 GLU GLU A . n 
A 1 143 GLU 143 170 170 GLU GLU A . n 
A 1 144 MSE 144 171 171 MSE MSE A . n 
A 1 145 GLN 145 172 172 GLN GLN A . n 
A 1 146 THR 146 173 173 THR THR A . n 
A 1 147 VAL 147 174 174 VAL VAL A . n 
A 1 148 TRP 148 175 175 TRP TRP A . n 
A 1 149 SER 149 176 176 SER SER A . n 
A 1 150 SER 150 177 177 SER SER A . n 
A 1 151 GLY 151 178 178 GLY GLY A . n 
A 1 152 ILE 152 179 179 ILE ILE A . n 
A 1 153 LYS 153 180 180 LYS LYS A . n 
A 1 154 THR 154 181 181 THR THR A . n 
A 1 155 LYS 155 182 182 LYS LYS A . n 
A 1 156 SER 156 183 183 SER SER A . n 
A 1 157 SER 157 184 184 SER SER A . n 
A 1 158 SER 158 185 185 SER SER A . n 
A 1 159 ALA 159 186 186 ALA ALA A . n 
A 1 160 THR 160 187 187 THR THR A . n 
A 1 161 ILE 161 188 188 ILE ILE A . n 
A 1 162 GLU 162 189 189 GLU GLU A . n 
A 1 163 LEU 163 190 190 LEU LEU A . n 
A 1 164 TYR 164 191 191 TYR TYR A . n 
A 1 165 PHE 165 192 192 PHE PHE A . n 
A 1 166 GLU 166 193 193 GLU GLU A . n 
A 1 167 ASN 167 194 194 ASN ASN A . n 
A 1 168 GLY 168 195 195 GLY GLY A . n 
A 1 169 LEU 169 196 196 LEU LEU A . n 
A 1 170 LEU 170 197 197 LEU LEU A . n 
A 1 171 LYS 171 198 198 LYS LYS A . n 
A 1 172 ASN 172 199 199 ASN ASN A . n 
A 1 173 LYS 173 200 200 LYS LYS A . n 
A 1 174 THR 174 201 201 THR THR A . n 
A 1 175 GLN 175 202 202 GLN GLN A . n 
A 1 176 LYS 176 203 203 LYS LYS A . n 
A 1 177 ASP 177 204 204 ASP ASP A . n 
A 1 178 LEU 178 205 205 LEU LEU A . n 
A 1 179 GLU 179 206 206 GLU GLU A . n 
# 
loop_
_pdbx_nonpoly_scheme.asym_id 
_pdbx_nonpoly_scheme.entity_id 
_pdbx_nonpoly_scheme.mon_id 
_pdbx_nonpoly_scheme.ndb_seq_num 
_pdbx_nonpoly_scheme.pdb_seq_num 
_pdbx_nonpoly_scheme.auth_seq_num 
_pdbx_nonpoly_scheme.pdb_mon_id 
_pdbx_nonpoly_scheme.auth_mon_id 
_pdbx_nonpoly_scheme.pdb_strand_id 
_pdbx_nonpoly_scheme.pdb_ins_code 
B 2 ACT 1   1   1   ACT ACT A . 
C 3 EDO 1   2   2   EDO EDO A . 
D 3 EDO 1   3   3   EDO EDO A . 
E 3 EDO 1   4   4   EDO EDO A . 
F 4 HOH 1   207 5   HOH HOH A . 
F 4 HOH 2   208 6   HOH HOH A . 
F 4 HOH 3   209 7   HOH HOH A . 
F 4 HOH 4   210 8   HOH HOH A . 
F 4 HOH 5   211 9   HOH HOH A . 
F 4 HOH 6   212 10  HOH HOH A . 
F 4 HOH 7   213 11  HOH HOH A . 
F 4 HOH 8   214 12  HOH HOH A . 
F 4 HOH 9   215 13  HOH HOH A . 
F 4 HOH 10  216 14  HOH HOH A . 
F 4 HOH 11  217 15  HOH HOH A . 
F 4 HOH 12  218 16  HOH HOH A . 
F 4 HOH 13  219 17  HOH HOH A . 
F 4 HOH 14  220 18  HOH HOH A . 
F 4 HOH 15  221 19  HOH HOH A . 
F 4 HOH 16  222 20  HOH HOH A . 
F 4 HOH 17  223 21  HOH HOH A . 
F 4 HOH 18  224 22  HOH HOH A . 
F 4 HOH 19  225 23  HOH HOH A . 
F 4 HOH 20  226 24  HOH HOH A . 
F 4 HOH 21  227 25  HOH HOH A . 
F 4 HOH 22  228 26  HOH HOH A . 
F 4 HOH 23  229 27  HOH HOH A . 
F 4 HOH 24  230 28  HOH HOH A . 
F 4 HOH 25  231 29  HOH HOH A . 
F 4 HOH 26  232 30  HOH HOH A . 
F 4 HOH 27  233 31  HOH HOH A . 
F 4 HOH 28  234 32  HOH HOH A . 
F 4 HOH 29  235 33  HOH HOH A . 
F 4 HOH 30  236 34  HOH HOH A . 
F 4 HOH 31  237 35  HOH HOH A . 
F 4 HOH 32  238 36  HOH HOH A . 
F 4 HOH 33  239 37  HOH HOH A . 
F 4 HOH 34  240 38  HOH HOH A . 
F 4 HOH 35  241 39  HOH HOH A . 
F 4 HOH 36  242 40  HOH HOH A . 
F 4 HOH 37  243 41  HOH HOH A . 
F 4 HOH 38  244 42  HOH HOH A . 
F 4 HOH 39  245 43  HOH HOH A . 
F 4 HOH 40  246 44  HOH HOH A . 
F 4 HOH 41  247 45  HOH HOH A . 
F 4 HOH 42  248 46  HOH HOH A . 
F 4 HOH 43  249 47  HOH HOH A . 
F 4 HOH 44  250 48  HOH HOH A . 
F 4 HOH 45  251 49  HOH HOH A . 
F 4 HOH 46  252 50  HOH HOH A . 
F 4 HOH 47  253 51  HOH HOH A . 
F 4 HOH 48  254 52  HOH HOH A . 
F 4 HOH 49  255 53  HOH HOH A . 
F 4 HOH 50  256 54  HOH HOH A . 
F 4 HOH 51  257 55  HOH HOH A . 
F 4 HOH 52  258 56  HOH HOH A . 
F 4 HOH 53  259 57  HOH HOH A . 
F 4 HOH 54  260 58  HOH HOH A . 
F 4 HOH 55  261 59  HOH HOH A . 
F 4 HOH 56  262 60  HOH HOH A . 
F 4 HOH 57  263 61  HOH HOH A . 
F 4 HOH 58  264 62  HOH HOH A . 
F 4 HOH 59  265 63  HOH HOH A . 
F 4 HOH 60  266 64  HOH HOH A . 
F 4 HOH 61  267 65  HOH HOH A . 
F 4 HOH 62  268 66  HOH HOH A . 
F 4 HOH 63  269 67  HOH HOH A . 
F 4 HOH 64  270 68  HOH HOH A . 
F 4 HOH 65  271 69  HOH HOH A . 
F 4 HOH 66  272 70  HOH HOH A . 
F 4 HOH 67  273 71  HOH HOH A . 
F 4 HOH 68  274 72  HOH HOH A . 
F 4 HOH 69  275 73  HOH HOH A . 
F 4 HOH 70  276 74  HOH HOH A . 
F 4 HOH 71  277 75  HOH HOH A . 
F 4 HOH 72  278 76  HOH HOH A . 
F 4 HOH 73  279 77  HOH HOH A . 
F 4 HOH 74  280 78  HOH HOH A . 
F 4 HOH 75  281 79  HOH HOH A . 
F 4 HOH 76  282 80  HOH HOH A . 
F 4 HOH 77  283 81  HOH HOH A . 
F 4 HOH 78  284 82  HOH HOH A . 
F 4 HOH 79  285 83  HOH HOH A . 
F 4 HOH 80  286 84  HOH HOH A . 
F 4 HOH 81  287 85  HOH HOH A . 
F 4 HOH 82  288 86  HOH HOH A . 
F 4 HOH 83  289 87  HOH HOH A . 
F 4 HOH 84  290 88  HOH HOH A . 
F 4 HOH 85  291 89  HOH HOH A . 
F 4 HOH 86  292 90  HOH HOH A . 
F 4 HOH 87  293 91  HOH HOH A . 
F 4 HOH 88  294 92  HOH HOH A . 
F 4 HOH 89  295 93  HOH HOH A . 
F 4 HOH 90  296 94  HOH HOH A . 
F 4 HOH 91  297 95  HOH HOH A . 
F 4 HOH 92  298 96  HOH HOH A . 
F 4 HOH 93  299 97  HOH HOH A . 
F 4 HOH 94  300 98  HOH HOH A . 
F 4 HOH 95  301 99  HOH HOH A . 
F 4 HOH 96  302 100 HOH HOH A . 
F 4 HOH 97  303 101 HOH HOH A . 
F 4 HOH 98  304 102 HOH HOH A . 
F 4 HOH 99  305 103 HOH HOH A . 
F 4 HOH 100 306 104 HOH HOH A . 
F 4 HOH 101 307 105 HOH HOH A . 
F 4 HOH 102 308 106 HOH HOH A . 
F 4 HOH 103 309 107 HOH HOH A . 
F 4 HOH 104 310 108 HOH HOH A . 
F 4 HOH 105 311 109 HOH HOH A . 
F 4 HOH 106 312 110 HOH HOH A . 
F 4 HOH 107 313 111 HOH HOH A . 
F 4 HOH 108 314 112 HOH HOH A . 
F 4 HOH 109 315 113 HOH HOH A . 
F 4 HOH 110 316 114 HOH HOH A . 
F 4 HOH 111 317 115 HOH HOH A . 
F 4 HOH 112 318 116 HOH HOH A . 
F 4 HOH 113 319 117 HOH HOH A . 
F 4 HOH 114 320 118 HOH HOH A . 
F 4 HOH 115 321 119 HOH HOH A . 
F 4 HOH 116 322 120 HOH HOH A . 
F 4 HOH 117 323 121 HOH HOH A . 
F 4 HOH 118 324 122 HOH HOH A . 
F 4 HOH 119 325 123 HOH HOH A . 
F 4 HOH 120 326 124 HOH HOH A . 
F 4 HOH 121 327 125 HOH HOH A . 
F 4 HOH 122 328 126 HOH HOH A . 
F 4 HOH 123 329 127 HOH HOH A . 
F 4 HOH 124 330 128 HOH HOH A . 
F 4 HOH 125 331 129 HOH HOH A . 
F 4 HOH 126 332 130 HOH HOH A . 
F 4 HOH 127 333 131 HOH HOH A . 
F 4 HOH 128 334 132 HOH HOH A . 
F 4 HOH 129 335 133 HOH HOH A . 
F 4 HOH 130 336 134 HOH HOH A . 
F 4 HOH 131 337 135 HOH HOH A . 
F 4 HOH 132 338 136 HOH HOH A . 
F 4 HOH 133 339 137 HOH HOH A . 
F 4 HOH 134 340 138 HOH HOH A . 
F 4 HOH 135 341 139 HOH HOH A . 
F 4 HOH 136 342 140 HOH HOH A . 
F 4 HOH 137 343 141 HOH HOH A . 
F 4 HOH 138 344 142 HOH HOH A . 
F 4 HOH 139 345 143 HOH HOH A . 
F 4 HOH 140 346 144 HOH HOH A . 
F 4 HOH 141 347 145 HOH HOH A . 
F 4 HOH 142 348 146 HOH HOH A . 
F 4 HOH 143 349 147 HOH HOH A . 
F 4 HOH 144 350 148 HOH HOH A . 
F 4 HOH 145 351 149 HOH HOH A . 
F 4 HOH 146 352 150 HOH HOH A . 
F 4 HOH 147 353 151 HOH HOH A . 
F 4 HOH 148 354 152 HOH HOH A . 
F 4 HOH 149 355 153 HOH HOH A . 
F 4 HOH 150 356 154 HOH HOH A . 
F 4 HOH 151 357 155 HOH HOH A . 
F 4 HOH 152 358 156 HOH HOH A . 
F 4 HOH 153 359 157 HOH HOH A . 
F 4 HOH 154 360 158 HOH HOH A . 
F 4 HOH 155 361 159 HOH HOH A . 
F 4 HOH 156 362 160 HOH HOH A . 
F 4 HOH 157 363 161 HOH HOH A . 
# 
loop_
_pdbx_unobs_or_zero_occ_atoms.id 
_pdbx_unobs_or_zero_occ_atoms.PDB_model_num 
_pdbx_unobs_or_zero_occ_atoms.polymer_flag 
_pdbx_unobs_or_zero_occ_atoms.occupancy_flag 
_pdbx_unobs_or_zero_occ_atoms.auth_asym_id 
_pdbx_unobs_or_zero_occ_atoms.auth_comp_id 
_pdbx_unobs_or_zero_occ_atoms.auth_seq_id 
_pdbx_unobs_or_zero_occ_atoms.PDB_ins_code 
_pdbx_unobs_or_zero_occ_atoms.auth_atom_id 
_pdbx_unobs_or_zero_occ_atoms.label_alt_id 
_pdbx_unobs_or_zero_occ_atoms.label_asym_id 
_pdbx_unobs_or_zero_occ_atoms.label_comp_id 
_pdbx_unobs_or_zero_occ_atoms.label_seq_id 
_pdbx_unobs_or_zero_occ_atoms.label_atom_id 
1  1 Y 1 A LYS 45  ? CG  ? A LYS 18  CG  
2  1 Y 1 A LYS 45  ? CD  ? A LYS 18  CD  
3  1 Y 1 A LYS 45  ? CE  ? A LYS 18  CE  
4  1 Y 1 A LYS 45  ? NZ  ? A LYS 18  NZ  
5  1 Y 1 A GLU 47  ? CG  ? A GLU 20  CG  
6  1 Y 1 A GLU 47  ? CD  ? A GLU 20  CD  
7  1 Y 1 A GLU 47  ? OE1 ? A GLU 20  OE1 
8  1 Y 1 A GLU 47  ? OE2 ? A GLU 20  OE2 
9  1 Y 1 A GLU 130 ? CG  ? A GLU 103 CG  
10 1 Y 1 A GLU 130 ? CD  ? A GLU 103 CD  
11 1 Y 1 A GLU 130 ? OE1 ? A GLU 103 OE1 
12 1 Y 1 A GLU 130 ? OE2 ? A GLU 103 OE2 
13 1 Y 1 A LYS 135 ? CD  ? A LYS 108 CD  
14 1 Y 1 A LYS 135 ? CE  ? A LYS 108 CE  
15 1 Y 1 A LYS 135 ? NZ  ? A LYS 108 NZ  
16 1 Y 1 A GLU 136 ? CG  ? A GLU 109 CG  
17 1 Y 1 A GLU 136 ? CD  ? A GLU 109 CD  
18 1 Y 1 A GLU 136 ? OE1 ? A GLU 109 OE1 
19 1 Y 1 A GLU 136 ? OE2 ? A GLU 109 OE2 
20 1 Y 1 A LYS 142 ? CD  ? A LYS 115 CD  
21 1 Y 1 A LYS 142 ? CE  ? A LYS 115 CE  
22 1 Y 1 A LYS 142 ? NZ  ? A LYS 115 NZ  
23 1 Y 1 A LYS 148 ? CD  ? A LYS 121 CD  
24 1 Y 1 A LYS 148 ? CE  ? A LYS 121 CE  
25 1 Y 1 A LYS 148 ? NZ  ? A LYS 121 NZ  
26 1 Y 1 A LYS 153 ? CD  ? A LYS 126 CD  
27 1 Y 1 A LYS 153 ? CE  ? A LYS 126 CE  
28 1 Y 1 A LYS 153 ? NZ  ? A LYS 126 NZ  
29 1 Y 1 A LYS 168 ? CE  ? A LYS 141 CE  
30 1 Y 1 A LYS 168 ? NZ  ? A LYS 141 NZ  
31 1 Y 1 A LYS 180 ? CG  ? A LYS 153 CG  
32 1 Y 1 A LYS 180 ? CD  ? A LYS 153 CD  
33 1 Y 1 A LYS 180 ? CE  ? A LYS 153 CE  
34 1 Y 1 A LYS 180 ? NZ  ? A LYS 153 NZ  
35 1 Y 1 A LYS 182 ? CG  ? A LYS 155 CG  
36 1 Y 1 A LYS 182 ? CD  ? A LYS 155 CD  
37 1 Y 1 A LYS 182 ? CE  ? A LYS 155 CE  
38 1 Y 1 A LYS 182 ? NZ  ? A LYS 155 NZ  
39 1 Y 1 A SER 184 ? OG  ? A SER 157 OG  
40 1 Y 1 A SER 185 ? OG  ? A SER 158 OG  
41 1 Y 1 A LYS 198 ? CD  ? A LYS 171 CD  
42 1 Y 1 A LYS 198 ? CE  ? A LYS 171 CE  
43 1 Y 1 A LYS 198 ? NZ  ? A LYS 171 NZ  
# 
loop_
_software.name 
_software.version 
_software.date 
_software.type 
_software.contact_author 
_software.contact_author_email 
_software.classification 
_software.location 
_software.language 
_software.citation_id 
_software.pdbx_ordinal 
REFMAC      5.4.0067  ?                    program 'Murshudov, G.N.'            ccp4@dl.ac.uk                        refinement 
http://www.ccp4.ac.uk/main.html                                    Fortran_77 ? 1 
PHENIX      .         ?                    package 'P.D. Adams'                 PDAdams@lbl.gov                      refinement 
http://www.phenix-online.org/                                      C++        ? 2 
SHELX       .         ?                    package 'George Sheldrick'           gsheldr@shelx.uni-ac.gwdg.de         phasing 
http://shelx.uni-ac.gwdg.de/SHELX/                                 Fortran_77 ? 3 
MolProbity  3beta29   ?                    package 'D.C. & J.S. Richardson lab' molprobity@kinemage.biochem.duke.edu 
'model building'  http://kinemage.biochem.duke.edu/molprobity/                       ?          ? 4 
XSCALE      .         ?                    package 'Wolfgang Kabsch'            ?                                    
'data scaling'    http://www.mpimf-heidelberg.mpg.de/~kabsch/xds/xscale_program.html ?          ? 5 
PDB_EXTRACT 3.004     'September 10, 2007' package PDB                          sw-help@rcsb.rutgers.edu             
'data extraction' http://pdb.rutgers.edu/software/                                   C++        ? 6 
XDS         .         ?                    ?       ?                            ?                                    
'data reduction'  ?                                                                  ?          ? 7 
SHELXD      AUTOSHARP ?                    ?       ?                            ?                                    phasing ? ? ? 
8 
# 
_cell.entry_id           3D4E 
_cell.length_a           180.695 
_cell.length_b           28.373 
_cell.length_c           32.640 
_cell.angle_alpha        90.000 
_cell.angle_beta         90.010 
_cell.angle_gamma        90.000 
_cell.pdbx_unique_axis   ? 
_cell.Z_PDB              4 
_cell.length_a_esd       ? 
_cell.length_b_esd       ? 
_cell.length_c_esd       ? 
_cell.angle_alpha_esd    ? 
_cell.angle_beta_esd     ? 
_cell.angle_gamma_esd    ? 
# 
_symmetry.entry_id                         3D4E 
_symmetry.Int_Tables_number                5 
_symmetry.space_group_name_H-M             'C 1 2 1' 
_symmetry.pdbx_full_space_group_name_H-M   ? 
_symmetry.cell_setting                     ? 
_symmetry.space_group_name_Hall            ? 
# 
_exptl.crystals_number   1 
_exptl.method            'X-RAY DIFFRACTION' 
_exptl.entry_id          3D4E 
# 
_exptl_crystal.id                    1 
_exptl_crystal.density_Matthews      2.08 
_exptl_crystal.density_meas          ? 
_exptl_crystal.density_percent_sol   40.74 
_exptl_crystal.description           ? 
_exptl_crystal.F_000                 ? 
_exptl_crystal.preparation           ? 
# 
_exptl_crystal_grow.crystal_id      1 
_exptl_crystal_grow.method          'VAPOR DIFFUSION, SITTING DROP' 
_exptl_crystal_grow.pH              4.0 
_exptl_crystal_grow.temp            277 
_exptl_crystal_grow.pdbx_details    
'1.0000M LiCl, 20.0000% PEG-6000, 0.1M Citrate pH 4.0, NANODROP, VAPOR DIFFUSION, SITTING DROP, temperature 277K' 
_exptl_crystal_grow.temp_details    ? 
_exptl_crystal_grow.pdbx_pH_range   . 
# 
_diffrn.id                     1 
_diffrn.ambient_temp           100 
_diffrn.ambient_temp_details   ? 
_diffrn.crystal_id             1 
# 
_diffrn_detector.diffrn_id              1 
_diffrn_detector.detector               CCD 
_diffrn_detector.type                   'MARMOSAIC 325 mm CCD' 
_diffrn_detector.details                'Flat collimating mirror, toroid focusing mirror' 
_diffrn_detector.pdbx_collection_date   2008-03-16 
# 
_diffrn_radiation.diffrn_id                        1 
_diffrn_radiation.pdbx_monochromatic_or_laue_m_l   M 
_diffrn_radiation.monochromator                    'Double crystal monochromator' 
_diffrn_radiation.pdbx_diffrn_protocol             MAD 
_diffrn_radiation.wavelength_id                    1 
_diffrn_radiation.pdbx_scattering_type             x-ray 
# 
loop_
_diffrn_radiation_wavelength.id 
_diffrn_radiation_wavelength.wavelength 
_diffrn_radiation_wavelength.wt 
1 0.91837 1.0 
2 0.97932 1.0 
3 0.97916 1.0 
# 
_diffrn_source.diffrn_id                   1 
_diffrn_source.source                      SYNCHROTRON 
_diffrn_source.pdbx_synchrotron_beamline   BL9-2 
_diffrn_source.type                        'SSRL BEAMLINE BL9-2' 
_diffrn_source.pdbx_wavelength_list        0.91837,0.97932,0.97916 
_diffrn_source.pdbx_wavelength             ? 
_diffrn_source.pdbx_synchrotron_site       SSRL 
# 
_reflns.entry_id                     3D4E 
_reflns.d_resolution_high            1.40 
_reflns.d_resolution_low             32.634 
_reflns.number_obs                   32922 
_reflns.pdbx_Rmerge_I_obs            0.044 
_reflns.pdbx_netI_over_sigmaI        12.900 
_reflns.percent_possible_obs         99.400 
_reflns.B_iso_Wilson_estimate        16.262 
_reflns.observed_criterion_sigma_I   -3.00 
_reflns.observed_criterion_sigma_F   ? 
_reflns.number_all                   ? 
_reflns.pdbx_Rsym_value              ? 
_reflns.pdbx_redundancy              ? 
_reflns.R_free_details               ? 
_reflns.limit_h_max                  ? 
_reflns.limit_h_min                  ? 
_reflns.limit_k_max                  ? 
_reflns.limit_k_min                  ? 
_reflns.limit_l_max                  ? 
_reflns.limit_l_min                  ? 
_reflns.observed_criterion_F_max     ? 
_reflns.observed_criterion_F_min     ? 
_reflns.pdbx_chi_squared             ? 
_reflns.pdbx_scaling_rejects         ? 
_reflns.pdbx_ordinal                 1 
_reflns.pdbx_diffrn_id               1 
# 
loop_
_reflns_shell.d_res_high 
_reflns_shell.d_res_low 
_reflns_shell.number_measured_obs 
_reflns_shell.number_measured_all 
_reflns_shell.number_unique_obs 
_reflns_shell.Rmerge_I_obs 
_reflns_shell.meanI_over_sigI_obs 
_reflns_shell.pdbx_Rsym_value 
_reflns_shell.pdbx_chi_squared 
_reflns_shell.pdbx_redundancy 
_reflns_shell.percent_possible_obs 
_reflns_shell.number_unique_all 
_reflns_shell.percent_possible_all 
_reflns_shell.pdbx_ordinal 
_reflns_shell.pdbx_diffrn_id 
1.40 1.45 11443 ? 3244 0.501 2.4  ? ? ? ? ? 98.80 1  1 
1.45 1.51 11778 ? 3344 0.342 3.4  ? ? ? ? ? 99.20 2  1 
1.51 1.58 11677 ? 3315 0.241 4.8  ? ? ? ? ? 99.30 3  1 
1.58 1.66 11168 ? 3160 0.179 6.3  ? ? ? ? ? 99.90 4  1 
1.66 1.76 11114 ? 3137 0.131 8.4  ? ? ? ? ? 99.60 5  1 
1.76 1.90 11971 ? 3392 0.086 12.1 ? ? ? ? ? 99.60 6  1 
1.90 2.09 11476 ? 3253 0.054 17.4 ? ? ? ? ? 99.60 7  1 
2.09 2.39 11645 ? 3325 0.043 21.1 ? ? ? ? ? 99.60 8  1 
2.39 3.01 11760 ? 3333 0.036 24.3 ? ? ? ? ? 99.60 9  1 
3.01 ?    11712 ? 3419 0.028 27.7 ? ? ? ? ? 98.50 10 1 
# 
_refine.entry_id                                 3D4E 
_refine.ls_d_res_high                            1.400 
_refine.ls_d_res_low                             32.634 
_refine.pdbx_ls_sigma_F                          0.00 
_refine.ls_percent_reflns_obs                    99.370 
_refine.ls_number_reflns_obs                     32922 
_refine.pdbx_ls_cross_valid_method               THROUGHOUT 
_refine.pdbx_R_Free_selection_details            RANDOM 
_refine.details                                  
;1.HYDROGENS HAVE BEEN ADDED IN THE RIDING POSITIONS.
 2.ATOM RECORD CONTAINS RESIDUAL B FACTORS ONLY.
 3.A MET-INHIBITION PROTOCOL WAS USED FOR SELENOMETHIONINE
 INCORPORATION DURING PROTEIN EXPRESSION. THE OCCUPANCY
 OF THE SE ATOMS IN THE MSE RESIDUES WAS REDUCED TO 0.75
 TO ACCOUNT FOR THE REDUCED SCATTERING POWER DUE TO PARTIAL
 S-MET INCORPORATION.
 4.ACETATE ION FROM CRYSTALLIZATION AND ETHYLENE GLYCOL MOLECULES
 FROM CRYO CONDITION ARE MODELED IN THE STRUCTURE.
 5.THERE IS A LONG REGION OF UNMODELED DENSITY NEAR RESIDUE 113 IN
 THIS STRUCTURE.
;
_refine.ls_R_factor_obs                          0.176 
_refine.ls_R_factor_R_work                       0.175 
_refine.ls_R_factor_R_free                       0.201 
_refine.ls_percent_reflns_R_free                 5.100 
_refine.ls_number_reflns_R_free                  1667 
_refine.B_iso_mean                               14.513 
_refine.aniso_B[1][1]                            -0.670 
_refine.aniso_B[2][2]                            1.290 
_refine.aniso_B[3][3]                            -0.620 
_refine.aniso_B[1][2]                            0.000 
_refine.aniso_B[1][3]                            0.440 
_refine.aniso_B[2][3]                            0.000 
_refine.correlation_coeff_Fo_to_Fc               0.964 
_refine.correlation_coeff_Fo_to_Fc_free          0.954 
_refine.pdbx_overall_ESU_R                       0.062 
_refine.pdbx_overall_ESU_R_Free                  0.064 
_refine.overall_SU_ML                            0.038 
_refine.overall_SU_B                             2.001 
_refine.solvent_model_details                    MASK 
_refine.pdbx_solvent_vdw_probe_radii             1.200 
_refine.pdbx_solvent_ion_probe_radii             0.800 
_refine.pdbx_solvent_shrinkage_radii             0.800 
_refine.pdbx_method_to_determine_struct          MAD 
_refine.pdbx_stereochemistry_target_values       'MAXIMUM LIKELIHOOD WITH PHASES' 
_refine.pdbx_ls_sigma_I                          ? 
_refine.ls_number_reflns_all                     ? 
_refine.ls_R_factor_all                          ? 
_refine.ls_redundancy_reflns_obs                 ? 
_refine.pdbx_data_cutoff_high_absF               ? 
_refine.pdbx_data_cutoff_low_absF                ? 
_refine.ls_number_parameters                     ? 
_refine.ls_number_restraints                     ? 
_refine.ls_R_factor_R_free_error                 ? 
_refine.ls_R_factor_R_free_error_details         ? 
_refine.pdbx_starting_model                      ? 
_refine.pdbx_stereochem_target_val_spec_case     ? 
_refine.solvent_model_param_bsol                 ? 
_refine.solvent_model_param_ksol                 ? 
_refine.occupancy_max                            ? 
_refine.occupancy_min                            ? 
_refine.pdbx_isotropic_thermal_model             ? 
_refine.B_iso_min                                ? 
_refine.B_iso_max                                ? 
_refine.overall_SU_R_Cruickshank_DPI             ? 
_refine.overall_SU_R_free                        ? 
_refine.pdbx_data_cutoff_high_rms_absF           ? 
_refine.ls_wR_factor_R_free                      ? 
_refine.ls_wR_factor_R_work                      ? 
_refine.overall_FOM_free_R_set                   ? 
_refine.overall_FOM_work_R_set                   ? 
_refine.pdbx_overall_phase_error                 ? 
_refine.pdbx_refine_id                           'X-RAY DIFFRACTION' 
_refine.pdbx_TLS_residual_ADP_flag               'LIKELY RESIDUAL' 
_refine.pdbx_diffrn_id                           1 
_refine.pdbx_overall_SU_R_free_Cruickshank_DPI   ? 
_refine.pdbx_overall_SU_R_Blow_DPI               ? 
_refine.pdbx_overall_SU_R_free_Blow_DPI          ? 
# 
_refine_hist.pdbx_refine_id                   'X-RAY DIFFRACTION' 
_refine_hist.cycle_id                         LAST 
_refine_hist.pdbx_number_atoms_protein        1250 
_refine_hist.pdbx_number_atoms_nucleic_acid   0 
_refine_hist.pdbx_number_atoms_ligand         16 
_refine_hist.number_atoms_solvent             157 
_refine_hist.number_atoms_total               1423 
_refine_hist.d_res_high                       1.400 
_refine_hist.d_res_low                        32.634 
# 
loop_
_refine_ls_restr.type 
_refine_ls_restr.number 
_refine_ls_restr.dev_ideal 
_refine_ls_restr.dev_ideal_target 
_refine_ls_restr.weight 
_refine_ls_restr.pdbx_refine_id 
_refine_ls_restr.pdbx_restraint_function 
r_bond_refined_d       1400 0.017  0.021  ? 'X-RAY DIFFRACTION' ? 
r_bond_other_d         921  0.002  0.020  ? 'X-RAY DIFFRACTION' ? 
r_angle_refined_deg    1904 1.539  1.943  ? 'X-RAY DIFFRACTION' ? 
r_angle_other_deg      2266 1.419  3.000  ? 'X-RAY DIFFRACTION' ? 
r_dihedral_angle_1_deg 186  6.252  5.000  ? 'X-RAY DIFFRACTION' ? 
r_dihedral_angle_2_deg 68   37.638 26.324 ? 'X-RAY DIFFRACTION' ? 
r_dihedral_angle_3_deg 240  10.884 15.000 ? 'X-RAY DIFFRACTION' ? 
r_dihedral_angle_4_deg 4    28.040 15.000 ? 'X-RAY DIFFRACTION' ? 
r_chiral_restr         205  0.097  0.200  ? 'X-RAY DIFFRACTION' ? 
r_gen_planes_refined   1653 0.009  0.020  ? 'X-RAY DIFFRACTION' ? 
r_gen_planes_other     276  0.003  0.020  ? 'X-RAY DIFFRACTION' ? 
r_mcbond_it            882  1.714  3.000  ? 'X-RAY DIFFRACTION' ? 
r_mcbond_other         357  0.439  3.000  ? 'X-RAY DIFFRACTION' ? 
r_mcangle_it           1427 2.794  5.000  ? 'X-RAY DIFFRACTION' ? 
r_scbond_it            518  4.214  8.000  ? 'X-RAY DIFFRACTION' ? 
r_scangle_it           477  6.491  11.000 ? 'X-RAY DIFFRACTION' ? 
# 
_refine_ls_shell.d_res_high                       1.400 
_refine_ls_shell.d_res_low                        1.436 
_refine_ls_shell.pdbx_total_number_of_bins_used   20 
_refine_ls_shell.percent_reflns_obs               98.360 
_refine_ls_shell.number_reflns_R_work             2275 
_refine_ls_shell.R_factor_all                     ? 
_refine_ls_shell.R_factor_R_work                  0.272 
_refine_ls_shell.R_factor_R_free                  0.282 
_refine_ls_shell.percent_reflns_R_free            ? 
_refine_ls_shell.number_reflns_R_free             119 
_refine_ls_shell.R_factor_R_free_error            ? 
_refine_ls_shell.number_reflns_all                2394 
_refine_ls_shell.number_reflns_obs                ? 
_refine_ls_shell.redundancy_reflns_obs            ? 
_refine_ls_shell.pdbx_refine_id                   'X-RAY DIFFRACTION' 
# 
_struct.entry_id                  3D4E 
_struct.title                     
'Crystal structure of putative beta-lactamase inhibitor protein (NP_721579.1) from STREPTOCOCCUS MUTANS at 1.40 A resolution' 
_struct.pdbx_model_details        ? 
_struct.pdbx_CASP_flag            Y 
_struct.pdbx_model_type_details   ? 
# 
_struct_keywords.text            
;NP_721579.1, putative beta-lactamase inhibitor protein, Structural Genomics, Joint Center for Structural Genomics, JCSG, Protein Structure Initiative, PSI-2, Unknown function, HYDROLASE
;
_struct_keywords.pdbx_keywords   HYDROLASE 
_struct_keywords.entry_id        3D4E 
# 
loop_
_struct_asym.id 
_struct_asym.pdbx_blank_PDB_chainid_flag 
_struct_asym.pdbx_modified 
_struct_asym.entity_id 
_struct_asym.details 
A N N 1 ? 
B N N 2 ? 
C N N 3 ? 
D N N 3 ? 
E N N 3 ? 
F N N 4 ? 
# 
_struct_ref.id                         1 
_struct_ref.db_name                    UNP 
_struct_ref.db_code                    Q8DTX1_STRMU 
_struct_ref.pdbx_db_accession          Q8DTX1 
_struct_ref.entity_id                  1 
_struct_ref.pdbx_seq_one_letter_code   
;EDKKGGTKPSNEAALTKTENLDFRLSFNKIKVTTDQNHFSGGTSIEQLKQWFGDPNKSEQRNAGNITLDSYTWVKDGAVI
NAQLYKNSTVARSISNFSFSREAKIGKEDYDELKIGESYKKVVEKLGEPDVLSQSMSSDKEEMQTVWSSGIKTKSSSATI
ELYFENGLLKNKTQKDLE
;
_struct_ref.pdbx_align_begin           29 
_struct_ref.pdbx_db_isoform            ? 
# 
_struct_ref_seq.align_id                      1 
_struct_ref_seq.ref_id                        1 
_struct_ref_seq.pdbx_PDB_id_code              3D4E 
_struct_ref_seq.pdbx_strand_id                A 
_struct_ref_seq.seq_align_beg                 2 
_struct_ref_seq.pdbx_seq_align_beg_ins_code   ? 
_struct_ref_seq.seq_align_end                 179 
_struct_ref_seq.pdbx_seq_align_end_ins_code   ? 
_struct_ref_seq.pdbx_db_accession             Q8DTX1 
_struct_ref_seq.db_align_beg                  29 
_struct_ref_seq.pdbx_db_align_beg_ins_code    ? 
_struct_ref_seq.db_align_end                  206 
_struct_ref_seq.pdbx_db_align_end_ins_code    ? 
_struct_ref_seq.pdbx_auth_seq_align_beg       29 
_struct_ref_seq.pdbx_auth_seq_align_end       206 
# 
loop_
_struct_ref_seq_dif.align_id 
_struct_ref_seq_dif.pdbx_pdb_id_code 
_struct_ref_seq_dif.mon_id 
_struct_ref_seq_dif.pdbx_pdb_strand_id 
_struct_ref_seq_dif.seq_num 
_struct_ref_seq_dif.pdbx_pdb_ins_code 
_struct_ref_seq_dif.pdbx_seq_db_name 
_struct_ref_seq_dif.pdbx_seq_db_accession_code 
_struct_ref_seq_dif.db_mon_id 
_struct_ref_seq_dif.pdbx_seq_db_seq_num 
_struct_ref_seq_dif.details 
_struct_ref_seq_dif.pdbx_auth_seq_num 
_struct_ref_seq_dif.pdbx_ordinal 
1 3D4E GLY A 1   ? UNP Q8DTX1 ?   ?   'expression tag' 0   1 
1 3D4E ILE A 123 ? UNP Q8DTX1 VAL 150 'SEE REMARK 999' 150 2 
# 
_pdbx_struct_assembly.id                   1 
_pdbx_struct_assembly.details              author_and_software_defined_assembly 
_pdbx_struct_assembly.method_details       PISA 
_pdbx_struct_assembly.oligomeric_details   monomeric 
_pdbx_struct_assembly.oligomeric_count     1 
# 
_pdbx_struct_assembly_gen.assembly_id       1 
_pdbx_struct_assembly_gen.oper_expression   1 
_pdbx_struct_assembly_gen.asym_id_list      A,B,C,D,E,F 
# 
_pdbx_struct_assembly_auth_evidence.id                     1 
_pdbx_struct_assembly_auth_evidence.assembly_id            1 
_pdbx_struct_assembly_auth_evidence.experimental_support   'gel filtration' 
_pdbx_struct_assembly_auth_evidence.details                ? 
# 
_pdbx_struct_oper_list.id                   1 
_pdbx_struct_oper_list.type                 'identity operation' 
_pdbx_struct_oper_list.name                 1_555 
_pdbx_struct_oper_list.symmetry_operation   x,y,z 
_pdbx_struct_oper_list.matrix[1][1]         1.0000000000 
_pdbx_struct_oper_list.matrix[1][2]         0.0000000000 
_pdbx_struct_oper_list.matrix[1][3]         0.0000000000 
_pdbx_struct_oper_list.vector[1]            0.0000000000 
_pdbx_struct_oper_list.matrix[2][1]         0.0000000000 
_pdbx_struct_oper_list.matrix[2][2]         1.0000000000 
_pdbx_struct_oper_list.matrix[2][3]         0.0000000000 
_pdbx_struct_oper_list.vector[2]            0.0000000000 
_pdbx_struct_oper_list.matrix[3][1]         0.0000000000 
_pdbx_struct_oper_list.matrix[3][2]         0.0000000000 
_pdbx_struct_oper_list.matrix[3][3]         1.0000000000 
_pdbx_struct_oper_list.vector[3]            0.0000000000 
# 
_struct_biol.id        1 
_struct_biol.details   
'AUTHORS STATE THAT SIZE EXCLUSION CHROMATOGRAPHY SUPPORTS THE ASSIGNMENT OF A MONOMER AS A SIGNIFICANT OLIGOMERIZATION STATE.' 
# 
loop_
_struct_conf.conf_type_id 
_struct_conf.id 
_struct_conf.pdbx_PDB_helix_id 
_struct_conf.beg_label_comp_id 
_struct_conf.beg_label_asym_id 
_struct_conf.beg_label_seq_id 
_struct_conf.pdbx_beg_PDB_ins_code 
_struct_conf.end_label_comp_id 
_struct_conf.end_label_asym_id 
_struct_conf.end_label_seq_id 
_struct_conf.pdbx_end_PDB_ins_code 
_struct_conf.beg_auth_comp_id 
_struct_conf.beg_auth_asym_id 
_struct_conf.beg_auth_seq_id 
_struct_conf.end_auth_comp_id 
_struct_conf.end_auth_asym_id 
_struct_conf.end_auth_seq_id 
_struct_conf.pdbx_PDB_helix_class 
_struct_conf.details 
_struct_conf.pdbx_PDB_helix_length 
HELX_P HELX_P1 1 ASN A 21  ? ASN A 29  ? ASN A 48  ASN A 56  1 ? 9  
HELX_P HELX_P2 2 SER A 45  ? GLY A 54  ? SER A 72  GLY A 81  1 ? 10 
HELX_P HELX_P3 3 GLY A 107 ? LEU A 114 ? GLY A 134 LEU A 141 1 ? 8  
HELX_P HELX_P4 4 SER A 119 ? GLY A 128 ? SER A 146 GLY A 155 1 ? 10 
# 
_struct_conf_type.id          HELX_P 
_struct_conf_type.criteria    ? 
_struct_conf_type.reference   ? 
# 
loop_
_struct_conn.id 
_struct_conn.conn_type_id 
_struct_conn.pdbx_leaving_atom_flag 
_struct_conn.pdbx_PDB_id 
_struct_conn.ptnr1_label_asym_id 
_struct_conn.ptnr1_label_comp_id 
_struct_conn.ptnr1_label_seq_id 
_struct_conn.ptnr1_label_atom_id 
_struct_conn.pdbx_ptnr1_label_alt_id 
_struct_conn.pdbx_ptnr1_PDB_ins_code 
_struct_conn.pdbx_ptnr1_standard_comp_id 
_struct_conn.ptnr1_symmetry 
_struct_conn.ptnr2_label_asym_id 
_struct_conn.ptnr2_label_comp_id 
_struct_conn.ptnr2_label_seq_id 
_struct_conn.ptnr2_label_atom_id 
_struct_conn.pdbx_ptnr2_label_alt_id 
_struct_conn.pdbx_ptnr2_PDB_ins_code 
_struct_conn.ptnr1_auth_asym_id 
_struct_conn.ptnr1_auth_comp_id 
_struct_conn.ptnr1_auth_seq_id 
_struct_conn.ptnr2_auth_asym_id 
_struct_conn.ptnr2_auth_comp_id 
_struct_conn.ptnr2_auth_seq_id 
_struct_conn.ptnr2_symmetry 
_struct_conn.pdbx_ptnr3_label_atom_id 
_struct_conn.pdbx_ptnr3_label_seq_id 
_struct_conn.pdbx_ptnr3_label_comp_id 
_struct_conn.pdbx_ptnr3_label_asym_id 
_struct_conn.pdbx_ptnr3_label_alt_id 
_struct_conn.pdbx_ptnr3_PDB_ins_code 
_struct_conn.details 
_struct_conn.pdbx_dist_value 
_struct_conn.pdbx_value_order 
_struct_conn.pdbx_role 
covale1 covale both ? A SER 136 C ? ? ? 1_555 A MSE 137 N ? ? A SER 163 A MSE 164 1_555 ? ? ? ? ? ? ? 1.315 ? ? 
covale2 covale both ? A MSE 137 C ? ? ? 1_555 A SER 138 N ? ? A MSE 164 A SER 165 1_555 ? ? ? ? ? ? ? 1.317 ? ? 
covale3 covale both ? A GLU 143 C A ? ? 1_555 A MSE 144 N ? ? A GLU 170 A MSE 171 1_555 ? ? ? ? ? ? ? 1.317 ? ? 
covale4 covale both ? A GLU 143 C B ? ? 1_555 A MSE 144 N ? ? A GLU 170 A MSE 171 1_555 ? ? ? ? ? ? ? 1.335 ? ? 
covale5 covale both ? A MSE 144 C ? ? ? 1_555 A GLN 145 N ? ? A MSE 171 A GLN 172 1_555 ? ? ? ? ? ? ? 1.330 ? ? 
# 
_struct_conn_type.id          covale 
_struct_conn_type.criteria    ? 
_struct_conn_type.reference   ? 
# 
loop_
_pdbx_modification_feature.ordinal 
_pdbx_modification_feature.label_comp_id 
_pdbx_modification_feature.label_asym_id 
_pdbx_modification_feature.label_seq_id 
_pdbx_modification_feature.label_alt_id 
_pdbx_modification_feature.modified_residue_label_comp_id 
_pdbx_modification_feature.modified_residue_label_asym_id 
_pdbx_modification_feature.modified_residue_label_seq_id 
_pdbx_modification_feature.modified_residue_label_alt_id 
_pdbx_modification_feature.auth_comp_id 
_pdbx_modification_feature.auth_asym_id 
_pdbx_modification_feature.auth_seq_id 
_pdbx_modification_feature.PDB_ins_code 
_pdbx_modification_feature.symmetry 
_pdbx_modification_feature.modified_residue_auth_comp_id 
_pdbx_modification_feature.modified_residue_auth_asym_id 
_pdbx_modification_feature.modified_residue_auth_seq_id 
_pdbx_modification_feature.modified_residue_PDB_ins_code 
_pdbx_modification_feature.modified_residue_symmetry 
_pdbx_modification_feature.comp_id_linking_atom 
_pdbx_modification_feature.modified_residue_id_linking_atom 
_pdbx_modification_feature.modified_residue_id 
_pdbx_modification_feature.ref_pcm_id 
_pdbx_modification_feature.ref_comp_id 
_pdbx_modification_feature.type 
_pdbx_modification_feature.category 
1 MSE A 137 ? . . . . MSE A 164 ? 1_555 . . . . . . . MET 1 MSE Selenomethionine 'Named protein modification' 
2 MSE A 144 ? . . . . MSE A 171 ? 1_555 . . . . . . . MET 1 MSE Selenomethionine 'Named protein modification' 
# 
_struct_sheet.id               A 
_struct_sheet.type             ? 
_struct_sheet.number_strands   8 
_struct_sheet.details          ? 
# 
loop_
_struct_sheet_order.sheet_id 
_struct_sheet_order.range_id_1 
_struct_sheet_order.range_id_2 
_struct_sheet_order.offset 
_struct_sheet_order.sense 
A 1 2 ? anti-parallel 
A 2 3 ? anti-parallel 
A 3 4 ? anti-parallel 
A 4 5 ? anti-parallel 
A 5 6 ? anti-parallel 
A 6 7 ? anti-parallel 
A 7 8 ? anti-parallel 
# 
loop_
_struct_sheet_range.sheet_id 
_struct_sheet_range.id 
_struct_sheet_range.beg_label_comp_id 
_struct_sheet_range.beg_label_asym_id 
_struct_sheet_range.beg_label_seq_id 
_struct_sheet_range.pdbx_beg_PDB_ins_code 
_struct_sheet_range.end_label_comp_id 
_struct_sheet_range.end_label_asym_id 
_struct_sheet_range.end_label_seq_id 
_struct_sheet_range.pdbx_end_PDB_ins_code 
_struct_sheet_range.beg_auth_comp_id 
_struct_sheet_range.beg_auth_asym_id 
_struct_sheet_range.beg_auth_seq_id 
_struct_sheet_range.end_auth_comp_id 
_struct_sheet_range.end_auth_asym_id 
_struct_sheet_range.end_auth_seq_id 
A 1 LYS A 58  ? ALA A 64  ? LYS A 85  ALA A 91  
A 2 ILE A 67  ? LYS A 76  ? ILE A 94  LYS A 103 
A 3 ALA A 79  ? TYR A 86  ? ALA A 106 TYR A 113 
A 4 SER A 89  ? SER A 96  ? SER A 116 SER A 123 
A 5 VAL A 132 ? MSE A 137 ? VAL A 159 MSE A 164 
A 6 GLU A 142 ? TRP A 148 ? GLU A 169 TRP A 175 
A 7 THR A 160 ? GLU A 166 ? THR A 187 GLU A 193 
A 8 LEU A 169 ? LYS A 176 ? LEU A 196 LYS A 203 
# 
loop_
_pdbx_struct_sheet_hbond.sheet_id 
_pdbx_struct_sheet_hbond.range_id_1 
_pdbx_struct_sheet_hbond.range_id_2 
_pdbx_struct_sheet_hbond.range_1_label_atom_id 
_pdbx_struct_sheet_hbond.range_1_label_comp_id 
_pdbx_struct_sheet_hbond.range_1_label_asym_id 
_pdbx_struct_sheet_hbond.range_1_label_seq_id 
_pdbx_struct_sheet_hbond.range_1_PDB_ins_code 
_pdbx_struct_sheet_hbond.range_1_auth_atom_id 
_pdbx_struct_sheet_hbond.range_1_auth_comp_id 
_pdbx_struct_sheet_hbond.range_1_auth_asym_id 
_pdbx_struct_sheet_hbond.range_1_auth_seq_id 
_pdbx_struct_sheet_hbond.range_2_label_atom_id 
_pdbx_struct_sheet_hbond.range_2_label_comp_id 
_pdbx_struct_sheet_hbond.range_2_label_asym_id 
_pdbx_struct_sheet_hbond.range_2_label_seq_id 
_pdbx_struct_sheet_hbond.range_2_PDB_ins_code 
_pdbx_struct_sheet_hbond.range_2_auth_atom_id 
_pdbx_struct_sheet_hbond.range_2_auth_comp_id 
_pdbx_struct_sheet_hbond.range_2_auth_asym_id 
_pdbx_struct_sheet_hbond.range_2_auth_seq_id 
A 1 2 N ARG A 62  ? N ARG A 89  O LEU A 69  ? O LEU A 96  
A 2 3 N TRP A 74  ? N TRP A 101 O ILE A 81  ? O ILE A 108 
A 3 4 N GLN A 84  ? N GLN A 111 O VAL A 91  ? O VAL A 118 
A 4 5 N ARG A 93  ? N ARG A 120 O GLN A 135 ? O GLN A 162 
A 5 6 N SER A 134 ? N SER A 161 O GLN A 145 ? O GLN A 172 
A 6 7 N MSE A 144 ? N MSE A 171 O PHE A 165 ? O PHE A 192 
A 7 8 N TYR A 164 ? N TYR A 191 O LYS A 171 ? O LYS A 198 
# 
loop_
_struct_site.id 
_struct_site.pdbx_evidence_code 
_struct_site.pdbx_auth_asym_id 
_struct_site.pdbx_auth_comp_id 
_struct_site.pdbx_auth_seq_id 
_struct_site.pdbx_auth_ins_code 
_struct_site.pdbx_num_residues 
_struct_site.details 
AC1 Software A ACT 1 ? 5 'BINDING SITE FOR RESIDUE ACT A 1' 
AC2 Software A EDO 2 ? 4 'BINDING SITE FOR RESIDUE EDO A 2' 
AC3 Software A EDO 3 ? 7 'BINDING SITE FOR RESIDUE EDO A 3' 
AC4 Software A EDO 4 ? 6 'BINDING SITE FOR RESIDUE EDO A 4' 
# 
loop_
_struct_site_gen.id 
_struct_site_gen.site_id 
_struct_site_gen.pdbx_num_res 
_struct_site_gen.label_comp_id 
_struct_site_gen.label_asym_id 
_struct_site_gen.label_seq_id 
_struct_site_gen.pdbx_auth_ins_code 
_struct_site_gen.auth_comp_id 
_struct_site_gen.auth_asym_id 
_struct_site_gen.auth_seq_id 
_struct_site_gen.label_atom_id 
_struct_site_gen.label_alt_id 
_struct_site_gen.symmetry 
_struct_site_gen.details 
1  AC1 5 SER A 136 ? SER A 163 . ? 1_555 ? 
2  AC1 5 SER A 138 ? SER A 165 . ? 1_555 ? 
3  AC1 5 LYS A 141 ? LYS A 168 . ? 1_555 ? 
4  AC1 5 GLU A 143 ? GLU A 170 . ? 1_555 ? 
5  AC1 5 HOH F .   ? HOH A 347 . ? 1_555 ? 
6  AC2 4 GLU A 60  ? GLU A 87  . ? 1_555 ? 
7  AC2 4 GLN A 61  ? GLN A 88  . ? 1_555 ? 
8  AC2 4 ASP A 70  ? ASP A 97  . ? 1_555 ? 
9  AC2 4 TYR A 72  ? TYR A 99  . ? 1_555 ? 
10 AC3 7 ARG A 93  ? ARG A 120 . ? 1_555 ? 
11 AC3 7 TYR A 120 ? TYR A 147 . ? 1_555 ? 
12 AC3 7 LEU A 133 ? LEU A 160 . ? 1_555 ? 
13 AC3 7 HOH F .   ? HOH A 231 . ? 1_555 ? 
14 AC3 7 HOH F .   ? HOH A 241 . ? 1_555 ? 
15 AC3 7 HOH F .   ? HOH A 249 . ? 1_555 ? 
16 AC3 7 HOH F .   ? HOH A 288 . ? 1_555 ? 
17 AC4 6 GLU A 113 ? GLU A 140 . ? 1_555 ? 
18 AC4 6 LYS A 115 ? LYS A 142 . ? 1_555 ? 
19 AC4 6 GLU A 118 ? GLU A 145 . ? 1_555 ? 
20 AC4 6 LYS A 122 ? LYS A 149 . ? 1_555 ? 
21 AC4 6 HOH F .   ? HOH A 248 . ? 1_555 ? 
22 AC4 6 HOH F .   ? HOH A 353 . ? 1_555 ? 
# 
_pdbx_entry_details.entry_id                   3D4E 
_pdbx_entry_details.compound_details           ? 
_pdbx_entry_details.source_details             ? 
_pdbx_entry_details.nonpolymer_details         ? 
_pdbx_entry_details.sequence_details           
;THE CONSTRUCT WAS EXPRESSED WITH A PURIFICATION TAG MGSDKIHHHHHHENLYFQG. THE TAG WAS REMOVED WITH TEV PROTEASE LEAVING ONLY A GLYCINE (0) FOLLOWED BY THE TARGET SEQUENCE. THE CLONED CONSTRUCT CONTAINS RESIDUES 29-206 OF THE TARGET SEQUENCE. THE STRAIN CLONED, STREPTOCOCCUS MUTANS CLARKE, DIFFERS FROM THE DATABASE STRAIN, STREPTOCOCCUS MUTANS UA159. SEQUENCING OF THE CLONED CONSTRUCT SHOWS AN ISOLUCINE AT POSITION 150 INSTEAD OF A VALINE. THE ISOLUCINE AT POSITION 150 IS SUPPORTED BY THE ELECTRON DENSITY.
;
_pdbx_entry_details.has_ligand_of_interest     ? 
_pdbx_entry_details.has_protein_modification   Y 
# 
_pdbx_validate_rmsd_angle.id                         1 
_pdbx_validate_rmsd_angle.PDB_model_num              1 
_pdbx_validate_rmsd_angle.auth_atom_id_1             NE 
_pdbx_validate_rmsd_angle.auth_asym_id_1             A 
_pdbx_validate_rmsd_angle.auth_comp_id_1             ARG 
_pdbx_validate_rmsd_angle.auth_seq_id_1              120 
_pdbx_validate_rmsd_angle.PDB_ins_code_1             ? 
_pdbx_validate_rmsd_angle.label_alt_id_1             ? 
_pdbx_validate_rmsd_angle.auth_atom_id_2             CZ 
_pdbx_validate_rmsd_angle.auth_asym_id_2             A 
_pdbx_validate_rmsd_angle.auth_comp_id_2             ARG 
_pdbx_validate_rmsd_angle.auth_seq_id_2              120 
_pdbx_validate_rmsd_angle.PDB_ins_code_2             ? 
_pdbx_validate_rmsd_angle.label_alt_id_2             ? 
_pdbx_validate_rmsd_angle.auth_atom_id_3             NH1 
_pdbx_validate_rmsd_angle.auth_asym_id_3             A 
_pdbx_validate_rmsd_angle.auth_comp_id_3             ARG 
_pdbx_validate_rmsd_angle.auth_seq_id_3              120 
_pdbx_validate_rmsd_angle.PDB_ins_code_3             ? 
_pdbx_validate_rmsd_angle.label_alt_id_3             ? 
_pdbx_validate_rmsd_angle.angle_value                123.38 
_pdbx_validate_rmsd_angle.angle_target_value         120.30 
_pdbx_validate_rmsd_angle.angle_deviation            3.08 
_pdbx_validate_rmsd_angle.angle_standard_deviation   0.50 
_pdbx_validate_rmsd_angle.linker_flag                N 
# 
_pdbx_validate_torsion.id              1 
_pdbx_validate_torsion.PDB_model_num   1 
_pdbx_validate_torsion.auth_comp_id    LYS 
_pdbx_validate_torsion.auth_asym_id    A 
_pdbx_validate_torsion.auth_seq_id     168 
_pdbx_validate_torsion.PDB_ins_code    ? 
_pdbx_validate_torsion.label_alt_id    B 
_pdbx_validate_torsion.phi             -170.69 
_pdbx_validate_torsion.psi             146.06 
# 
_pdbx_SG_project.project_name          'PSI, Protein Structure Initiative' 
_pdbx_SG_project.full_name_of_center   'Joint Center for Structural Genomics' 
_pdbx_SG_project.id                    1 
_pdbx_SG_project.initial_of_center     JCSG 
# 
loop_
_pdbx_struct_mod_residue.id 
_pdbx_struct_mod_residue.label_asym_id 
_pdbx_struct_mod_residue.label_comp_id 
_pdbx_struct_mod_residue.label_seq_id 
_pdbx_struct_mod_residue.auth_asym_id 
_pdbx_struct_mod_residue.auth_comp_id 
_pdbx_struct_mod_residue.auth_seq_id 
_pdbx_struct_mod_residue.PDB_ins_code 
_pdbx_struct_mod_residue.parent_comp_id 
_pdbx_struct_mod_residue.details 
1 A MSE 137 A MSE 164 ? MET SELENOMETHIONINE 
2 A MSE 144 A MSE 171 ? MET SELENOMETHIONINE 
# 
_pdbx_refine_tls.id               1 
_pdbx_refine_tls.details          ? 
_pdbx_refine_tls.method           refined 
_pdbx_refine_tls.origin_x         -0.1479 
_pdbx_refine_tls.origin_y         -0.6032 
_pdbx_refine_tls.origin_z         0.3909 
_pdbx_refine_tls.T[1][1]          -0.0245 
_pdbx_refine_tls.T[2][2]          -0.0282 
_pdbx_refine_tls.T[3][3]          -0.0236 
_pdbx_refine_tls.T[1][2]          0.0060 
_pdbx_refine_tls.T[1][3]          -0.0141 
_pdbx_refine_tls.T[2][3]          -0.0068 
_pdbx_refine_tls.L[1][1]          0.3801 
_pdbx_refine_tls.L[2][2]          1.4093 
_pdbx_refine_tls.L[3][3]          0.7306 
_pdbx_refine_tls.L[1][2]          -0.0125 
_pdbx_refine_tls.L[1][3]          0.0211 
_pdbx_refine_tls.L[2][3]          -0.2982 
_pdbx_refine_tls.S[1][1]          -0.0243 
_pdbx_refine_tls.S[2][2]          -0.0561 
_pdbx_refine_tls.S[3][3]          0.0803 
_pdbx_refine_tls.S[1][2]          -0.0097 
_pdbx_refine_tls.S[1][3]          0.0110 
_pdbx_refine_tls.S[2][3]          -0.0468 
_pdbx_refine_tls.S[2][1]          0.0623 
_pdbx_refine_tls.S[3][1]          -0.1731 
_pdbx_refine_tls.S[3][2]          -0.0139 
_pdbx_refine_tls.pdbx_refine_id   'X-RAY DIFFRACTION' 
# 
_pdbx_refine_tls_group.id                  1 
_pdbx_refine_tls_group.refine_tls_id       1 
_pdbx_refine_tls_group.beg_label_asym_id   A 
_pdbx_refine_tls_group.beg_label_seq_id    18 
_pdbx_refine_tls_group.end_label_asym_id   A 
_pdbx_refine_tls_group.end_label_seq_id    179 
_pdbx_refine_tls_group.selection           ? 
_pdbx_refine_tls_group.beg_auth_asym_id    A 
_pdbx_refine_tls_group.beg_auth_seq_id     45 
_pdbx_refine_tls_group.end_auth_asym_id    A 
_pdbx_refine_tls_group.end_auth_seq_id     206 
_pdbx_refine_tls_group.pdbx_refine_id      'X-RAY DIFFRACTION' 
_pdbx_refine_tls_group.selection_details   ? 
# 
_phasing.method   MAD 
# 
loop_
_pdbx_unobs_or_zero_occ_residues.id 
_pdbx_unobs_or_zero_occ_residues.PDB_model_num 
_pdbx_unobs_or_zero_occ_residues.polymer_flag 
_pdbx_unobs_or_zero_occ_residues.occupancy_flag 
_pdbx_unobs_or_zero_occ_residues.auth_asym_id 
_pdbx_unobs_or_zero_occ_residues.auth_comp_id 
_pdbx_unobs_or_zero_occ_residues.auth_seq_id 
_pdbx_unobs_or_zero_occ_residues.PDB_ins_code 
_pdbx_unobs_or_zero_occ_residues.label_asym_id 
_pdbx_unobs_or_zero_occ_residues.label_comp_id 
_pdbx_unobs_or_zero_occ_residues.label_seq_id 
1  1 Y 1 A GLY 0  ? A GLY 1  
2  1 Y 1 A GLU 29 ? A GLU 2  
3  1 Y 1 A ASP 30 ? A ASP 3  
4  1 Y 1 A LYS 31 ? A LYS 4  
5  1 Y 1 A LYS 32 ? A LYS 5  
6  1 Y 1 A GLY 33 ? A GLY 6  
7  1 Y 1 A GLY 34 ? A GLY 7  
8  1 Y 1 A THR 35 ? A THR 8  
9  1 Y 1 A LYS 36 ? A LYS 9  
10 1 Y 1 A PRO 37 ? A PRO 10 
11 1 Y 1 A SER 38 ? A SER 11 
12 1 Y 1 A ASN 39 ? A ASN 12 
13 1 Y 1 A GLU 40 ? A GLU 13 
14 1 Y 1 A ALA 41 ? A ALA 14 
15 1 Y 1 A ALA 42 ? A ALA 15 
16 1 Y 1 A LEU 43 ? A LEU 16 
17 1 Y 1 A THR 44 ? A THR 17 
# 
loop_
_chem_comp_atom.comp_id 
_chem_comp_atom.atom_id 
_chem_comp_atom.type_symbol 
_chem_comp_atom.pdbx_aromatic_flag 
_chem_comp_atom.pdbx_stereo_config 
_chem_comp_atom.pdbx_ordinal 
ACT C    C  N N 1   
ACT O    O  N N 2   
ACT OXT  O  N N 3   
ACT CH3  C  N N 4   
ACT H1   H  N N 5   
ACT H2   H  N N 6   
ACT H3   H  N N 7   
ALA N    N  N N 8   
ALA CA   C  N S 9   
ALA C    C  N N 10  
ALA O    O  N N 11  
ALA CB   C  N N 12  
ALA OXT  O  N N 13  
ALA H    H  N N 14  
ALA H2   H  N N 15  
ALA HA   H  N N 16  
ALA HB1  H  N N 17  
ALA HB2  H  N N 18  
ALA HB3  H  N N 19  
ALA HXT  H  N N 20  
ARG N    N  N N 21  
ARG CA   C  N S 22  
ARG C    C  N N 23  
ARG O    O  N N 24  
ARG CB   C  N N 25  
ARG CG   C  N N 26  
ARG CD   C  N N 27  
ARG NE   N  N N 28  
ARG CZ   C  N N 29  
ARG NH1  N  N N 30  
ARG NH2  N  N N 31  
ARG OXT  O  N N 32  
ARG H    H  N N 33  
ARG H2   H  N N 34  
ARG HA   H  N N 35  
ARG HB2  H  N N 36  
ARG HB3  H  N N 37  
ARG HG2  H  N N 38  
ARG HG3  H  N N 39  
ARG HD2  H  N N 40  
ARG HD3  H  N N 41  
ARG HE   H  N N 42  
ARG HH11 H  N N 43  
ARG HH12 H  N N 44  
ARG HH21 H  N N 45  
ARG HH22 H  N N 46  
ARG HXT  H  N N 47  
ASN N    N  N N 48  
ASN CA   C  N S 49  
ASN C    C  N N 50  
ASN O    O  N N 51  
ASN CB   C  N N 52  
ASN CG   C  N N 53  
ASN OD1  O  N N 54  
ASN ND2  N  N N 55  
ASN OXT  O  N N 56  
ASN H    H  N N 57  
ASN H2   H  N N 58  
ASN HA   H  N N 59  
ASN HB2  H  N N 60  
ASN HB3  H  N N 61  
ASN HD21 H  N N 62  
ASN HD22 H  N N 63  
ASN HXT  H  N N 64  
ASP N    N  N N 65  
ASP CA   C  N S 66  
ASP C    C  N N 67  
ASP O    O  N N 68  
ASP CB   C  N N 69  
ASP CG   C  N N 70  
ASP OD1  O  N N 71  
ASP OD2  O  N N 72  
ASP OXT  O  N N 73  
ASP H    H  N N 74  
ASP H2   H  N N 75  
ASP HA   H  N N 76  
ASP HB2  H  N N 77  
ASP HB3  H  N N 78  
ASP HD2  H  N N 79  
ASP HXT  H  N N 80  
EDO C1   C  N N 81  
EDO O1   O  N N 82  
EDO C2   C  N N 83  
EDO O2   O  N N 84  
EDO H11  H  N N 85  
EDO H12  H  N N 86  
EDO HO1  H  N N 87  
EDO H21  H  N N 88  
EDO H22  H  N N 89  
EDO HO2  H  N N 90  
GLN N    N  N N 91  
GLN CA   C  N S 92  
GLN C    C  N N 93  
GLN O    O  N N 94  
GLN CB   C  N N 95  
GLN CG   C  N N 96  
GLN CD   C  N N 97  
GLN OE1  O  N N 98  
GLN NE2  N  N N 99  
GLN OXT  O  N N 100 
GLN H    H  N N 101 
GLN H2   H  N N 102 
GLN HA   H  N N 103 
GLN HB2  H  N N 104 
GLN HB3  H  N N 105 
GLN HG2  H  N N 106 
GLN HG3  H  N N 107 
GLN HE21 H  N N 108 
GLN HE22 H  N N 109 
GLN HXT  H  N N 110 
GLU N    N  N N 111 
GLU CA   C  N S 112 
GLU C    C  N N 113 
GLU O    O  N N 114 
GLU CB   C  N N 115 
GLU CG   C  N N 116 
GLU CD   C  N N 117 
GLU OE1  O  N N 118 
GLU OE2  O  N N 119 
GLU OXT  O  N N 120 
GLU H    H  N N 121 
GLU H2   H  N N 122 
GLU HA   H  N N 123 
GLU HB2  H  N N 124 
GLU HB3  H  N N 125 
GLU HG2  H  N N 126 
GLU HG3  H  N N 127 
GLU HE2  H  N N 128 
GLU HXT  H  N N 129 
GLY N    N  N N 130 
GLY CA   C  N N 131 
GLY C    C  N N 132 
GLY O    O  N N 133 
GLY OXT  O  N N 134 
GLY H    H  N N 135 
GLY H2   H  N N 136 
GLY HA2  H  N N 137 
GLY HA3  H  N N 138 
GLY HXT  H  N N 139 
HIS N    N  N N 140 
HIS CA   C  N S 141 
HIS C    C  N N 142 
HIS O    O  N N 143 
HIS CB   C  N N 144 
HIS CG   C  Y N 145 
HIS ND1  N  Y N 146 
HIS CD2  C  Y N 147 
HIS CE1  C  Y N 148 
HIS NE2  N  Y N 149 
HIS OXT  O  N N 150 
HIS H    H  N N 151 
HIS H2   H  N N 152 
HIS HA   H  N N 153 
HIS HB2  H  N N 154 
HIS HB3  H  N N 155 
HIS HD1  H  N N 156 
HIS HD2  H  N N 157 
HIS HE1  H  N N 158 
HIS HE2  H  N N 159 
HIS HXT  H  N N 160 
HOH O    O  N N 161 
HOH H1   H  N N 162 
HOH H2   H  N N 163 
ILE N    N  N N 164 
ILE CA   C  N S 165 
ILE C    C  N N 166 
ILE O    O  N N 167 
ILE CB   C  N S 168 
ILE CG1  C  N N 169 
ILE CG2  C  N N 170 
ILE CD1  C  N N 171 
ILE OXT  O  N N 172 
ILE H    H  N N 173 
ILE H2   H  N N 174 
ILE HA   H  N N 175 
ILE HB   H  N N 176 
ILE HG12 H  N N 177 
ILE HG13 H  N N 178 
ILE HG21 H  N N 179 
ILE HG22 H  N N 180 
ILE HG23 H  N N 181 
ILE HD11 H  N N 182 
ILE HD12 H  N N 183 
ILE HD13 H  N N 184 
ILE HXT  H  N N 185 
LEU N    N  N N 186 
LEU CA   C  N S 187 
LEU C    C  N N 188 
LEU O    O  N N 189 
LEU CB   C  N N 190 
LEU CG   C  N N 191 
LEU CD1  C  N N 192 
LEU CD2  C  N N 193 
LEU OXT  O  N N 194 
LEU H    H  N N 195 
LEU H2   H  N N 196 
LEU HA   H  N N 197 
LEU HB2  H  N N 198 
LEU HB3  H  N N 199 
LEU HG   H  N N 200 
LEU HD11 H  N N 201 
LEU HD12 H  N N 202 
LEU HD13 H  N N 203 
LEU HD21 H  N N 204 
LEU HD22 H  N N 205 
LEU HD23 H  N N 206 
LEU HXT  H  N N 207 
LYS N    N  N N 208 
LYS CA   C  N S 209 
LYS C    C  N N 210 
LYS O    O  N N 211 
LYS CB   C  N N 212 
LYS CG   C  N N 213 
LYS CD   C  N N 214 
LYS CE   C  N N 215 
LYS NZ   N  N N 216 
LYS OXT  O  N N 217 
LYS H    H  N N 218 
LYS H2   H  N N 219 
LYS HA   H  N N 220 
LYS HB2  H  N N 221 
LYS HB3  H  N N 222 
LYS HG2  H  N N 223 
LYS HG3  H  N N 224 
LYS HD2  H  N N 225 
LYS HD3  H  N N 226 
LYS HE2  H  N N 227 
LYS HE3  H  N N 228 
LYS HZ1  H  N N 229 
LYS HZ2  H  N N 230 
LYS HZ3  H  N N 231 
LYS HXT  H  N N 232 
MSE N    N  N N 233 
MSE CA   C  N S 234 
MSE C    C  N N 235 
MSE O    O  N N 236 
MSE OXT  O  N N 237 
MSE CB   C  N N 238 
MSE CG   C  N N 239 
MSE SE   SE N N 240 
MSE CE   C  N N 241 
MSE H    H  N N 242 
MSE H2   H  N N 243 
MSE HA   H  N N 244 
MSE HXT  H  N N 245 
MSE HB2  H  N N 246 
MSE HB3  H  N N 247 
MSE HG2  H  N N 248 
MSE HG3  H  N N 249 
MSE HE1  H  N N 250 
MSE HE2  H  N N 251 
MSE HE3  H  N N 252 
PHE N    N  N N 253 
PHE CA   C  N S 254 
PHE C    C  N N 255 
PHE O    O  N N 256 
PHE CB   C  N N 257 
PHE CG   C  Y N 258 
PHE CD1  C  Y N 259 
PHE CD2  C  Y N 260 
PHE CE1  C  Y N 261 
PHE CE2  C  Y N 262 
PHE CZ   C  Y N 263 
PHE OXT  O  N N 264 
PHE H    H  N N 265 
PHE H2   H  N N 266 
PHE HA   H  N N 267 
PHE HB2  H  N N 268 
PHE HB3  H  N N 269 
PHE HD1  H  N N 270 
PHE HD2  H  N N 271 
PHE HE1  H  N N 272 
PHE HE2  H  N N 273 
PHE HZ   H  N N 274 
PHE HXT  H  N N 275 
PRO N    N  N N 276 
PRO CA   C  N S 277 
PRO C    C  N N 278 
PRO O    O  N N 279 
PRO CB   C  N N 280 
PRO CG   C  N N 281 
PRO CD   C  N N 282 
PRO OXT  O  N N 283 
PRO H    H  N N 284 
PRO HA   H  N N 285 
PRO HB2  H  N N 286 
PRO HB3  H  N N 287 
PRO HG2  H  N N 288 
PRO HG3  H  N N 289 
PRO HD2  H  N N 290 
PRO HD3  H  N N 291 
PRO HXT  H  N N 292 
SER N    N  N N 293 
SER CA   C  N S 294 
SER C    C  N N 295 
SER O    O  N N 296 
SER CB   C  N N 297 
SER OG   O  N N 298 
SER OXT  O  N N 299 
SER H    H  N N 300 
SER H2   H  N N 301 
SER HA   H  N N 302 
SER HB2  H  N N 303 
SER HB3  H  N N 304 
SER HG   H  N N 305 
SER HXT  H  N N 306 
THR N    N  N N 307 
THR CA   C  N S 308 
THR C    C  N N 309 
THR O    O  N N 310 
THR CB   C  N R 311 
THR OG1  O  N N 312 
THR CG2  C  N N 313 
THR OXT  O  N N 314 
THR H    H  N N 315 
THR H2   H  N N 316 
THR HA   H  N N 317 
THR HB   H  N N 318 
THR HG1  H  N N 319 
THR HG21 H  N N 320 
THR HG22 H  N N 321 
THR HG23 H  N N 322 
THR HXT  H  N N 323 
TRP N    N  N N 324 
TRP CA   C  N S 325 
TRP C    C  N N 326 
TRP O    O  N N 327 
TRP CB   C  N N 328 
TRP CG   C  Y N 329 
TRP CD1  C  Y N 330 
TRP CD2  C  Y N 331 
TRP NE1  N  Y N 332 
TRP CE2  C  Y N 333 
TRP CE3  C  Y N 334 
TRP CZ2  C  Y N 335 
TRP CZ3  C  Y N 336 
TRP CH2  C  Y N 337 
TRP OXT  O  N N 338 
TRP H    H  N N 339 
TRP H2   H  N N 340 
TRP HA   H  N N 341 
TRP HB2  H  N N 342 
TRP HB3  H  N N 343 
TRP HD1  H  N N 344 
TRP HE1  H  N N 345 
TRP HE3  H  N N 346 
TRP HZ2  H  N N 347 
TRP HZ3  H  N N 348 
TRP HH2  H  N N 349 
TRP HXT  H  N N 350 
TYR N    N  N N 351 
TYR CA   C  N S 352 
TYR C    C  N N 353 
TYR O    O  N N 354 
TYR CB   C  N N 355 
TYR CG   C  Y N 356 
TYR CD1  C  Y N 357 
TYR CD2  C  Y N 358 
TYR CE1  C  Y N 359 
TYR CE2  C  Y N 360 
TYR CZ   C  Y N 361 
TYR OH   O  N N 362 
TYR OXT  O  N N 363 
TYR H    H  N N 364 
TYR H2   H  N N 365 
TYR HA   H  N N 366 
TYR HB2  H  N N 367 
TYR HB3  H  N N 368 
TYR HD1  H  N N 369 
TYR HD2  H  N N 370 
TYR HE1  H  N N 371 
TYR HE2  H  N N 372 
TYR HH   H  N N 373 
TYR HXT  H  N N 374 
VAL N    N  N N 375 
VAL CA   C  N S 376 
VAL C    C  N N 377 
VAL O    O  N N 378 
VAL CB   C  N N 379 
VAL CG1  C  N N 380 
VAL CG2  C  N N 381 
VAL OXT  O  N N 382 
VAL H    H  N N 383 
VAL H2   H  N N 384 
VAL HA   H  N N 385 
VAL HB   H  N N 386 
VAL HG11 H  N N 387 
VAL HG12 H  N N 388 
VAL HG13 H  N N 389 
VAL HG21 H  N N 390 
VAL HG22 H  N N 391 
VAL HG23 H  N N 392 
VAL HXT  H  N N 393 
# 
loop_
_chem_comp_bond.comp_id 
_chem_comp_bond.atom_id_1 
_chem_comp_bond.atom_id_2 
_chem_comp_bond.value_order 
_chem_comp_bond.pdbx_aromatic_flag 
_chem_comp_bond.pdbx_stereo_config 
_chem_comp_bond.pdbx_ordinal 
ACT C   O    doub N N 1   
ACT C   OXT  sing N N 2   
ACT C   CH3  sing N N 3   
ACT CH3 H1   sing N N 4   
ACT CH3 H2   sing N N 5   
ACT CH3 H3   sing N N 6   
ALA N   CA   sing N N 7   
ALA N   H    sing N N 8   
ALA N   H2   sing N N 9   
ALA CA  C    sing N N 10  
ALA CA  CB   sing N N 11  
ALA CA  HA   sing N N 12  
ALA C   O    doub N N 13  
ALA C   OXT  sing N N 14  
ALA CB  HB1  sing N N 15  
ALA CB  HB2  sing N N 16  
ALA CB  HB3  sing N N 17  
ALA OXT HXT  sing N N 18  
ARG N   CA   sing N N 19  
ARG N   H    sing N N 20  
ARG N   H2   sing N N 21  
ARG CA  C    sing N N 22  
ARG CA  CB   sing N N 23  
ARG CA  HA   sing N N 24  
ARG C   O    doub N N 25  
ARG C   OXT  sing N N 26  
ARG CB  CG   sing N N 27  
ARG CB  HB2  sing N N 28  
ARG CB  HB3  sing N N 29  
ARG CG  CD   sing N N 30  
ARG CG  HG2  sing N N 31  
ARG CG  HG3  sing N N 32  
ARG CD  NE   sing N N 33  
ARG CD  HD2  sing N N 34  
ARG CD  HD3  sing N N 35  
ARG NE  CZ   sing N N 36  
ARG NE  HE   sing N N 37  
ARG CZ  NH1  sing N N 38  
ARG CZ  NH2  doub N N 39  
ARG NH1 HH11 sing N N 40  
ARG NH1 HH12 sing N N 41  
ARG NH2 HH21 sing N N 42  
ARG NH2 HH22 sing N N 43  
ARG OXT HXT  sing N N 44  
ASN N   CA   sing N N 45  
ASN N   H    sing N N 46  
ASN N   H2   sing N N 47  
ASN CA  C    sing N N 48  
ASN CA  CB   sing N N 49  
ASN CA  HA   sing N N 50  
ASN C   O    doub N N 51  
ASN C   OXT  sing N N 52  
ASN CB  CG   sing N N 53  
ASN CB  HB2  sing N N 54  
ASN CB  HB3  sing N N 55  
ASN CG  OD1  doub N N 56  
ASN CG  ND2  sing N N 57  
ASN ND2 HD21 sing N N 58  
ASN ND2 HD22 sing N N 59  
ASN OXT HXT  sing N N 60  
ASP N   CA   sing N N 61  
ASP N   H    sing N N 62  
ASP N   H2   sing N N 63  
ASP CA  C    sing N N 64  
ASP CA  CB   sing N N 65  
ASP CA  HA   sing N N 66  
ASP C   O    doub N N 67  
ASP C   OXT  sing N N 68  
ASP CB  CG   sing N N 69  
ASP CB  HB2  sing N N 70  
ASP CB  HB3  sing N N 71  
ASP CG  OD1  doub N N 72  
ASP CG  OD2  sing N N 73  
ASP OD2 HD2  sing N N 74  
ASP OXT HXT  sing N N 75  
EDO C1  O1   sing N N 76  
EDO C1  C2   sing N N 77  
EDO C1  H11  sing N N 78  
EDO C1  H12  sing N N 79  
EDO O1  HO1  sing N N 80  
EDO C2  O2   sing N N 81  
EDO C2  H21  sing N N 82  
EDO C2  H22  sing N N 83  
EDO O2  HO2  sing N N 84  
GLN N   CA   sing N N 85  
GLN N   H    sing N N 86  
GLN N   H2   sing N N 87  
GLN CA  C    sing N N 88  
GLN CA  CB   sing N N 89  
GLN CA  HA   sing N N 90  
GLN C   O    doub N N 91  
GLN C   OXT  sing N N 92  
GLN CB  CG   sing N N 93  
GLN CB  HB2  sing N N 94  
GLN CB  HB3  sing N N 95  
GLN CG  CD   sing N N 96  
GLN CG  HG2  sing N N 97  
GLN CG  HG3  sing N N 98  
GLN CD  OE1  doub N N 99  
GLN CD  NE2  sing N N 100 
GLN NE2 HE21 sing N N 101 
GLN NE2 HE22 sing N N 102 
GLN OXT HXT  sing N N 103 
GLU N   CA   sing N N 104 
GLU N   H    sing N N 105 
GLU N   H2   sing N N 106 
GLU CA  C    sing N N 107 
GLU CA  CB   sing N N 108 
GLU CA  HA   sing N N 109 
GLU C   O    doub N N 110 
GLU C   OXT  sing N N 111 
GLU CB  CG   sing N N 112 
GLU CB  HB2  sing N N 113 
GLU CB  HB3  sing N N 114 
GLU CG  CD   sing N N 115 
GLU CG  HG2  sing N N 116 
GLU CG  HG3  sing N N 117 
GLU CD  OE1  doub N N 118 
GLU CD  OE2  sing N N 119 
GLU OE2 HE2  sing N N 120 
GLU OXT HXT  sing N N 121 
GLY N   CA   sing N N 122 
GLY N   H    sing N N 123 
GLY N   H2   sing N N 124 
GLY CA  C    sing N N 125 
GLY CA  HA2  sing N N 126 
GLY CA  HA3  sing N N 127 
GLY C   O    doub N N 128 
GLY C   OXT  sing N N 129 
GLY OXT HXT  sing N N 130 
HIS N   CA   sing N N 131 
HIS N   H    sing N N 132 
HIS N   H2   sing N N 133 
HIS CA  C    sing N N 134 
HIS CA  CB   sing N N 135 
HIS CA  HA   sing N N 136 
HIS C   O    doub N N 137 
HIS C   OXT  sing N N 138 
HIS CB  CG   sing N N 139 
HIS CB  HB2  sing N N 140 
HIS CB  HB3  sing N N 141 
HIS CG  ND1  sing Y N 142 
HIS CG  CD2  doub Y N 143 
HIS ND1 CE1  doub Y N 144 
HIS ND1 HD1  sing N N 145 
HIS CD2 NE2  sing Y N 146 
HIS CD2 HD2  sing N N 147 
HIS CE1 NE2  sing Y N 148 
HIS CE1 HE1  sing N N 149 
HIS NE2 HE2  sing N N 150 
HIS OXT HXT  sing N N 151 
HOH O   H1   sing N N 152 
HOH O   H2   sing N N 153 
ILE N   CA   sing N N 154 
ILE N   H    sing N N 155 
ILE N   H2   sing N N 156 
ILE CA  C    sing N N 157 
ILE CA  CB   sing N N 158 
ILE CA  HA   sing N N 159 
ILE C   O    doub N N 160 
ILE C   OXT  sing N N 161 
ILE CB  CG1  sing N N 162 
ILE CB  CG2  sing N N 163 
ILE CB  HB   sing N N 164 
ILE CG1 CD1  sing N N 165 
ILE CG1 HG12 sing N N 166 
ILE CG1 HG13 sing N N 167 
ILE CG2 HG21 sing N N 168 
ILE CG2 HG22 sing N N 169 
ILE CG2 HG23 sing N N 170 
ILE CD1 HD11 sing N N 171 
ILE CD1 HD12 sing N N 172 
ILE CD1 HD13 sing N N 173 
ILE OXT HXT  sing N N 174 
LEU N   CA   sing N N 175 
LEU N   H    sing N N 176 
LEU N   H2   sing N N 177 
LEU CA  C    sing N N 178 
LEU CA  CB   sing N N 179 
LEU CA  HA   sing N N 180 
LEU C   O    doub N N 181 
LEU C   OXT  sing N N 182 
LEU CB  CG   sing N N 183 
LEU CB  HB2  sing N N 184 
LEU CB  HB3  sing N N 185 
LEU CG  CD1  sing N N 186 
LEU CG  CD2  sing N N 187 
LEU CG  HG   sing N N 188 
LEU CD1 HD11 sing N N 189 
LEU CD1 HD12 sing N N 190 
LEU CD1 HD13 sing N N 191 
LEU CD2 HD21 sing N N 192 
LEU CD2 HD22 sing N N 193 
LEU CD2 HD23 sing N N 194 
LEU OXT HXT  sing N N 195 
LYS N   CA   sing N N 196 
LYS N   H    sing N N 197 
LYS N   H2   sing N N 198 
LYS CA  C    sing N N 199 
LYS CA  CB   sing N N 200 
LYS CA  HA   sing N N 201 
LYS C   O    doub N N 202 
LYS C   OXT  sing N N 203 
LYS CB  CG   sing N N 204 
LYS CB  HB2  sing N N 205 
LYS CB  HB3  sing N N 206 
LYS CG  CD   sing N N 207 
LYS CG  HG2  sing N N 208 
LYS CG  HG3  sing N N 209 
LYS CD  CE   sing N N 210 
LYS CD  HD2  sing N N 211 
LYS CD  HD3  sing N N 212 
LYS CE  NZ   sing N N 213 
LYS CE  HE2  sing N N 214 
LYS CE  HE3  sing N N 215 
LYS NZ  HZ1  sing N N 216 
LYS NZ  HZ2  sing N N 217 
LYS NZ  HZ3  sing N N 218 
LYS OXT HXT  sing N N 219 
MSE N   CA   sing N N 220 
MSE N   H    sing N N 221 
MSE N   H2   sing N N 222 
MSE CA  C    sing N N 223 
MSE CA  CB   sing N N 224 
MSE CA  HA   sing N N 225 
MSE C   O    doub N N 226 
MSE C   OXT  sing N N 227 
MSE OXT HXT  sing N N 228 
MSE CB  CG   sing N N 229 
MSE CB  HB2  sing N N 230 
MSE CB  HB3  sing N N 231 
MSE CG  SE   sing N N 232 
MSE CG  HG2  sing N N 233 
MSE CG  HG3  sing N N 234 
MSE SE  CE   sing N N 235 
MSE CE  HE1  sing N N 236 
MSE CE  HE2  sing N N 237 
MSE CE  HE3  sing N N 238 
PHE N   CA   sing N N 239 
PHE N   H    sing N N 240 
PHE N   H2   sing N N 241 
PHE CA  C    sing N N 242 
PHE CA  CB   sing N N 243 
PHE CA  HA   sing N N 244 
PHE C   O    doub N N 245 
PHE C   OXT  sing N N 246 
PHE CB  CG   sing N N 247 
PHE CB  HB2  sing N N 248 
PHE CB  HB3  sing N N 249 
PHE CG  CD1  doub Y N 250 
PHE CG  CD2  sing Y N 251 
PHE CD1 CE1  sing Y N 252 
PHE CD1 HD1  sing N N 253 
PHE CD2 CE2  doub Y N 254 
PHE CD2 HD2  sing N N 255 
PHE CE1 CZ   doub Y N 256 
PHE CE1 HE1  sing N N 257 
PHE CE2 CZ   sing Y N 258 
PHE CE2 HE2  sing N N 259 
PHE CZ  HZ   sing N N 260 
PHE OXT HXT  sing N N 261 
PRO N   CA   sing N N 262 
PRO N   CD   sing N N 263 
PRO N   H    sing N N 264 
PRO CA  C    sing N N 265 
PRO CA  CB   sing N N 266 
PRO CA  HA   sing N N 267 
PRO C   O    doub N N 268 
PRO C   OXT  sing N N 269 
PRO CB  CG   sing N N 270 
PRO CB  HB2  sing N N 271 
PRO CB  HB3  sing N N 272 
PRO CG  CD   sing N N 273 
PRO CG  HG2  sing N N 274 
PRO CG  HG3  sing N N 275 
PRO CD  HD2  sing N N 276 
PRO CD  HD3  sing N N 277 
PRO OXT HXT  sing N N 278 
SER N   CA   sing N N 279 
SER N   H    sing N N 280 
SER N   H2   sing N N 281 
SER CA  C    sing N N 282 
SER CA  CB   sing N N 283 
SER CA  HA   sing N N 284 
SER C   O    doub N N 285 
SER C   OXT  sing N N 286 
SER CB  OG   sing N N 287 
SER CB  HB2  sing N N 288 
SER CB  HB3  sing N N 289 
SER OG  HG   sing N N 290 
SER OXT HXT  sing N N 291 
THR N   CA   sing N N 292 
THR N   H    sing N N 293 
THR N   H2   sing N N 294 
THR CA  C    sing N N 295 
THR CA  CB   sing N N 296 
THR CA  HA   sing N N 297 
THR C   O    doub N N 298 
THR C   OXT  sing N N 299 
THR CB  OG1  sing N N 300 
THR CB  CG2  sing N N 301 
THR CB  HB   sing N N 302 
THR OG1 HG1  sing N N 303 
THR CG2 HG21 sing N N 304 
THR CG2 HG22 sing N N 305 
THR CG2 HG23 sing N N 306 
THR OXT HXT  sing N N 307 
TRP N   CA   sing N N 308 
TRP N   H    sing N N 309 
TRP N   H2   sing N N 310 
TRP CA  C    sing N N 311 
TRP CA  CB   sing N N 312 
TRP CA  HA   sing N N 313 
TRP C   O    doub N N 314 
TRP C   OXT  sing N N 315 
TRP CB  CG   sing N N 316 
TRP CB  HB2  sing N N 317 
TRP CB  HB3  sing N N 318 
TRP CG  CD1  doub Y N 319 
TRP CG  CD2  sing Y N 320 
TRP CD1 NE1  sing Y N 321 
TRP CD1 HD1  sing N N 322 
TRP CD2 CE2  doub Y N 323 
TRP CD2 CE3  sing Y N 324 
TRP NE1 CE2  sing Y N 325 
TRP NE1 HE1  sing N N 326 
TRP CE2 CZ2  sing Y N 327 
TRP CE3 CZ3  doub Y N 328 
TRP CE3 HE3  sing N N 329 
TRP CZ2 CH2  doub Y N 330 
TRP CZ2 HZ2  sing N N 331 
TRP CZ3 CH2  sing Y N 332 
TRP CZ3 HZ3  sing N N 333 
TRP CH2 HH2  sing N N 334 
TRP OXT HXT  sing N N 335 
TYR N   CA   sing N N 336 
TYR N   H    sing N N 337 
TYR N   H2   sing N N 338 
TYR CA  C    sing N N 339 
TYR CA  CB   sing N N 340 
TYR CA  HA   sing N N 341 
TYR C   O    doub N N 342 
TYR C   OXT  sing N N 343 
TYR CB  CG   sing N N 344 
TYR CB  HB2  sing N N 345 
TYR CB  HB3  sing N N 346 
TYR CG  CD1  doub Y N 347 
TYR CG  CD2  sing Y N 348 
TYR CD1 CE1  sing Y N 349 
TYR CD1 HD1  sing N N 350 
TYR CD2 CE2  doub Y N 351 
TYR CD2 HD2  sing N N 352 
TYR CE1 CZ   doub Y N 353 
TYR CE1 HE1  sing N N 354 
TYR CE2 CZ   sing Y N 355 
TYR CE2 HE2  sing N N 356 
TYR CZ  OH   sing N N 357 
TYR OH  HH   sing N N 358 
TYR OXT HXT  sing N N 359 
VAL N   CA   sing N N 360 
VAL N   H    sing N N 361 
VAL N   H2   sing N N 362 
VAL CA  C    sing N N 363 
VAL CA  CB   sing N N 364 
VAL CA  HA   sing N N 365 
VAL C   O    doub N N 366 
VAL C   OXT  sing N N 367 
VAL CB  CG1  sing N N 368 
VAL CB  CG2  sing N N 369 
VAL CB  HB   sing N N 370 
VAL CG1 HG11 sing N N 371 
VAL CG1 HG12 sing N N 372 
VAL CG1 HG13 sing N N 373 
VAL CG2 HG21 sing N N 374 
VAL CG2 HG22 sing N N 375 
VAL CG2 HG23 sing N N 376 
VAL OXT HXT  sing N N 377 
# 
_atom_sites.entry_id                    3D4E 
_atom_sites.fract_transf_matrix[1][1]   0.00108072 
_atom_sites.fract_transf_matrix[1][2]   0.00524498 
_atom_sites.fract_transf_matrix[1][3]   0.00139549 
_atom_sites.fract_transf_matrix[2][1]   0.00099720 
_atom_sites.fract_transf_matrix[2][2]   -0.00925022 
_atom_sites.fract_transf_matrix[2][3]   0.03399484 
_atom_sites.fract_transf_matrix[3][1]   0.03003569 
_atom_sites.fract_transf_matrix[3][2]   -0.00554696 
_atom_sites.fract_transf_matrix[3][3]   -0.00239043 
_atom_sites.fract_transf_vector[1]      0.371636 
_atom_sites.fract_transf_vector[2]      0.793095 
_atom_sites.fract_transf_vector[3]      0.381642 
# 
loop_
_atom_type.symbol 
C  
N  
O  
SE 
# 
loop_
_atom_site.group_PDB 
_atom_site.id 
_atom_site.type_symbol 
_atom_site.label_atom_id 
_atom_site.label_alt_id 
_atom_site.label_comp_id 
_atom_site.label_asym_id 
_atom_site.label_entity_id 
_atom_site.label_seq_id 
_atom_site.pdbx_PDB_ins_code 
_atom_site.Cartn_x 
_atom_site.Cartn_y 
_atom_site.Cartn_z 
_atom_site.occupancy 
_atom_site.B_iso_or_equiv 
_atom_site.pdbx_formal_charge 
_atom_site.auth_seq_id 
_atom_site.auth_comp_id 
_atom_site.auth_asym_id 
_atom_site.auth_atom_id 
_atom_site.pdbx_PDB_model_num 
ATOM   1    N  N   . LYS A 1 18  ? -8.038  16.766  11.701  1.00 42.99 ? 45  LYS A N   1 
ATOM   2    C  CA  . LYS A 1 18  ? -8.376  15.400  12.212  1.00 41.39 ? 45  LYS A CA  1 
ATOM   3    C  C   . LYS A 1 18  ? -8.787  14.500  11.076  1.00 38.94 ? 45  LYS A C   1 
ATOM   4    O  O   . LYS A 1 18  ? -9.712  14.816  10.329  1.00 39.84 ? 45  LYS A O   1 
ATOM   5    C  CB  . LYS A 1 18  ? -9.507  15.468  13.242  1.00 43.10 ? 45  LYS A CB  1 
ATOM   6    N  N   . THR A 1 19  ? -8.085  13.376  10.965  1.00 35.02 ? 46  THR A N   1 
ATOM   7    C  CA  . THR A 1 19  ? -8.362  12.386  9.904   1.00 32.77 ? 46  THR A CA  1 
ATOM   8    C  C   . THR A 1 19  ? -9.440  11.421  10.342  1.00 33.82 ? 46  THR A C   1 
ATOM   9    O  O   . THR A 1 19  ? -9.304  10.725  11.368  1.00 37.09 ? 46  THR A O   1 
ATOM   10   C  CB  . THR A 1 19  ? -7.123  11.515  9.512   1.00 23.56 ? 46  THR A CB  1 
ATOM   11   O  OG1 . THR A 1 19  ? -6.037  12.345  9.119   1.00 31.33 ? 46  THR A OG1 1 
ATOM   12   C  CG2 . THR A 1 19  ? -7.471  10.618  8.407   1.00 30.99 ? 46  THR A CG2 1 
ATOM   13   N  N   . GLU A 1 20  ? -10.495 11.356  9.540   1.00 31.97 ? 47  GLU A N   1 
ATOM   14   C  CA  . GLU A 1 20  ? -11.545 10.367  9.769   1.00 32.96 ? 47  GLU A CA  1 
ATOM   15   C  C   . GLU A 1 20  ? -11.072 9.050   9.177   1.00 30.55 ? 47  GLU A C   1 
ATOM   16   O  O   . GLU A 1 20  ? -10.350 9.011   8.175   1.00 30.01 ? 47  GLU A O   1 
ATOM   17   C  CB  . GLU A 1 20  ? -12.859 10.772  9.107   1.00 35.35 ? 47  GLU A CB  1 
ATOM   18   N  N   . ASN A 1 21  ? -11.484 7.974   9.833   1.00 31.15 ? 48  ASN A N   1 
ATOM   19   C  CA  . ASN A 1 21  ? -11.170 6.635   9.389   1.00 28.92 ? 48  ASN A CA  1 
ATOM   20   C  C   . ASN A 1 21  ? -9.701  6.311   9.599   1.00 23.48 ? 48  ASN A C   1 
ATOM   21   O  O   . ASN A 1 21  ? -9.140  5.375   9.009   1.00 21.47 ? 48  ASN A O   1 
ATOM   22   C  CB  . ASN A 1 21  ? -11.517 6.512   7.912   1.00 31.56 ? 48  ASN A CB  1 
ATOM   23   C  CG  . ASN A 1 21  ? -12.206 5.249   7.619   1.00 28.90 ? 48  ASN A CG  1 
ATOM   24   O  OD1 . ASN A 1 21  ? -12.480 4.462   8.553   1.00 28.16 ? 48  ASN A OD1 1 
ATOM   25   N  ND2 . ASN A 1 21  ? -12.515 5.026   6.338   1.00 29.69 ? 48  ASN A ND2 1 
ATOM   26   N  N   . LEU A 1 22  ? -9.061  7.108   10.423  1.00 20.56 ? 49  LEU A N   1 
ATOM   27   C  CA  . LEU A 1 22  ? -7.622  6.996   10.620  1.00 18.25 ? 49  LEU A CA  1 
ATOM   28   C  C   . LEU A 1 22  ? -7.232  5.642   11.141  1.00 16.52 ? 49  LEU A C   1 
ATOM   29   O  O   . LEU A 1 22  ? -6.213  5.088   10.684  1.00 16.83 ? 49  LEU A O   1 
ATOM   30   C  CB  . LEU A 1 22  ? -7.068  8.082   11.568  1.00 16.81 ? 49  LEU A CB  1 
ATOM   31   C  CG  . LEU A 1 22  ? -5.561  8.105   11.865  1.00 17.58 ? 49  LEU A CG  1 
ATOM   32   C  CD1 . LEU A 1 22  ? -4.789  8.251   10.569  1.00 17.41 ? 49  LEU A CD1 1 
ATOM   33   C  CD2 . LEU A 1 22  ? -5.201  9.274   12.797  1.00 17.66 ? 49  LEU A CD2 1 
ATOM   34   N  N   . ASP A 1 23  ? -7.987  5.088   12.096  1.00 17.74 ? 50  ASP A N   1 
ATOM   35   C  CA  . ASP A 1 23  ? -7.564  3.825   12.735  1.00 18.04 ? 50  ASP A CA  1 
ATOM   36   C  C   . ASP A 1 23  ? -7.556  2.661   11.720  1.00 16.25 ? 50  ASP A C   1 
ATOM   37   O  O   . ASP A 1 23  ? -6.699  1.799   11.775  1.00 16.02 ? 50  ASP A O   1 
ATOM   38   C  CB  . ASP A 1 23  ? -8.399  3.451   13.938  1.00 19.71 ? 50  ASP A CB  1 
ATOM   39   C  CG  . ASP A 1 23  ? -8.113  4.324   15.168  1.00 23.89 ? 50  ASP A CG  1 
ATOM   40   O  OD1 . ASP A 1 23  ? -7.081  5.030   15.224  1.00 26.34 ? 50  ASP A OD1 1 
ATOM   41   O  OD2 . ASP A 1 23  ? -8.946  4.300   16.087  1.00 24.79 ? 50  ASP A OD2 1 
ATOM   42   N  N   . PHE A 1 24  ? -8.470  2.712   10.770  1.00 15.71 ? 51  PHE A N   1 
ATOM   43   C  CA  . PHE A 1 24  ? -8.572  1.702   9.700   1.00 16.27 ? 51  PHE A CA  1 
ATOM   44   C  C   . PHE A 1 24  ? -7.322  1.769   8.855   1.00 14.99 ? 51  PHE A C   1 
ATOM   45   O  O   . PHE A 1 24  ? -6.687  0.742   8.580   1.00 14.50 ? 51  PHE A O   1 
ATOM   46   C  CB  . PHE A 1 24  ? -9.830  1.986   8.877   1.00 15.21 ? 51  PHE A CB  1 
ATOM   47   C  CG  . PHE A 1 24  ? -10.238 0.907   7.911   1.00 12.72 ? 51  PHE A CG  1 
ATOM   48   C  CD1 . PHE A 1 24  ? -10.731 -0.306  8.346   1.00 13.29 ? 51  PHE A CD1 1 
ATOM   49   C  CD2 . PHE A 1 24  ? -10.244 1.142   6.550   1.00 12.97 ? 51  PHE A CD2 1 
ATOM   50   C  CE1 . PHE A 1 24  ? -11.148 -1.278  7.432   1.00 13.20 ? 51  PHE A CE1 1 
ATOM   51   C  CE2 . PHE A 1 24  ? -10.702 0.204   5.650   1.00 14.59 ? 51  PHE A CE2 1 
ATOM   52   C  CZ  . PHE A 1 24  ? -11.160 -1.017  6.100   1.00 13.82 ? 51  PHE A CZ  1 
ATOM   53   N  N   . ARG A 1 25  ? -6.922  2.981   8.459   1.00 14.93 ? 52  ARG A N   1 
ATOM   54   C  CA  . ARG A 1 25  ? -5.691  3.160   7.721   1.00 15.54 ? 52  ARG A CA  1 
ATOM   55   C  C   . ARG A 1 25  ? -4.474  2.730   8.499   1.00 14.11 ? 52  ARG A C   1 
ATOM   56   O  O   . ARG A 1 25  ? -3.539  2.155   7.940   1.00 14.71 ? 52  ARG A O   1 
ATOM   57   C  CB  . ARG A 1 25  ? -5.527  4.624   7.229   1.00 15.39 ? 52  ARG A CB  1 
ATOM   58   C  CG  . ARG A 1 25  ? -4.188  4.932   6.629   1.00 15.54 ? 52  ARG A CG  1 
ATOM   59   C  CD  . ARG A 1 25  ? -4.014  4.249   5.292   1.00 15.02 ? 52  ARG A CD  1 
ATOM   60   N  NE  . ARG A 1 25  ? -2.721  4.522   4.709   1.00 14.18 ? 52  ARG A NE  1 
ATOM   61   C  CZ  . ARG A 1 25  ? -1.574  3.958   5.040   1.00 13.25 ? 52  ARG A CZ  1 
ATOM   62   N  NH1 . ARG A 1 25  ? -1.552  3.002   5.978   1.00 14.55 ? 52  ARG A NH1 1 
ATOM   63   N  NH2 . ARG A 1 25  ? -0.465  4.255   4.387   1.00 17.42 ? 52  ARG A NH2 1 
ATOM   64   N  N   . LEU A 1 26  ? -4.387  3.095   9.761   1.00 14.00 ? 53  LEU A N   1 
ATOM   65   C  CA  . LEU A 1 26  ? -3.197  2.758   10.516  1.00 14.53 ? 53  LEU A CA  1 
ATOM   66   C  C   . LEU A 1 26  ? -3.121  1.263   10.791  1.00 12.64 ? 53  LEU A C   1 
ATOM   67   O  O   . LEU A 1 26  ? -2.056  0.696   10.835  1.00 13.53 ? 53  LEU A O   1 
ATOM   68   C  CB  . LEU A 1 26  ? -3.077  3.576   11.824  1.00 15.95 ? 53  LEU A CB  1 
ATOM   69   C  CG  . LEU A 1 26  ? -2.879  5.070   11.576  1.00 17.21 ? 53  LEU A CG  1 
ATOM   70   C  CD1 . LEU A 1 26  ? -2.698  5.759   12.999  1.00 17.11 ? 53  LEU A CD1 1 
ATOM   71   C  CD2 . LEU A 1 26  ? -1.721  5.400   10.711  1.00 19.67 ? 53  LEU A CD2 1 
ATOM   72   N  N   . SER A 1 27  ? -4.261  0.613   11.010  1.00 14.53 ? 54  SER A N   1 
ATOM   73   C  CA  . SER A 1 27  ? -4.265  -0.831  11.171  1.00 14.34 ? 54  SER A CA  1 
ATOM   74   C  C   . SER A 1 27  ? -3.763  -1.556  9.915   1.00 13.71 ? 54  SER A C   1 
ATOM   75   O  O   . SER A 1 27  ? -3.188  -2.626  10.010  1.00 13.76 ? 54  SER A O   1 
ATOM   76   C  CB  . SER A 1 27  ? -5.650  -1.359  11.546  1.00 14.87 ? 54  SER A CB  1 
ATOM   77   O  OG  . SER A 1 27  ? -5.989  -0.919  12.888  1.00 17.09 ? 54  SER A OG  1 
ATOM   78   N  N   . PHE A 1 28  ? -4.005  -0.947  8.760   1.00 12.78 ? 55  PHE A N   1 
ATOM   79   C  CA  . PHE A 1 28  ? -3.480  -1.476  7.494   1.00 11.82 ? 55  PHE A CA  1 
ATOM   80   C  C   . PHE A 1 28  ? -1.957  -1.634  7.541   1.00 11.79 ? 55  PHE A C   1 
ATOM   81   O  O   . PHE A 1 28  ? -1.426  -2.584  6.975   1.00 12.52 ? 55  PHE A O   1 
ATOM   82   C  CB  . PHE A 1 28  ? -3.876  -0.607  6.312   1.00 12.19 ? 55  PHE A CB  1 
ATOM   83   C  CG  . PHE A 1 28  ? -3.371  -1.103  4.997   1.00 11.79 ? 55  PHE A CG  1 
ATOM   84   C  CD1 . PHE A 1 28  ? -3.965  -2.140  4.358   1.00 12.72 ? 55  PHE A CD1 1 
ATOM   85   C  CD2 . PHE A 1 28  ? -2.273  -0.517  4.413   1.00 13.32 ? 55  PHE A CD2 1 
ATOM   86   C  CE1 . PHE A 1 28  ? -3.478  -2.566  3.136   1.00 13.73 ? 55  PHE A CE1 1 
ATOM   87   C  CE2 . PHE A 1 28  ? -1.792  -0.942  3.216   1.00 15.75 ? 55  PHE A CE2 1 
ATOM   88   C  CZ  . PHE A 1 28  ? -2.378  -1.920  2.577   1.00 13.03 ? 55  PHE A CZ  1 
ATOM   89   N  N   . ASN A 1 29  ? -1.292  -0.759  8.302   1.00 12.41 ? 56  ASN A N   1 
ATOM   90   C  CA  . ASN A 1 29  ? 0.178   -0.865  8.425   1.00 12.34 ? 56  ASN A CA  1 
ATOM   91   C  C   . ASN A 1 29  ? 0.639   -2.105  9.179   1.00 13.23 ? 56  ASN A C   1 
ATOM   92   O  O   . ASN A 1 29  ? 1.803   -2.478  9.049   1.00 15.54 ? 56  ASN A O   1 
ATOM   93   C  CB  . ASN A 1 29  ? 0.712   0.375   9.127   1.00 13.43 ? 56  ASN A CB  1 
ATOM   94   C  CG  . ASN A 1 29  ? 0.569   1.627   8.341   1.00 12.29 ? 56  ASN A CG  1 
ATOM   95   O  OD1 . ASN A 1 29  ? 0.587   1.603   7.071   1.00 14.98 ? 56  ASN A OD1 1 
ATOM   96   N  ND2 . ASN A 1 29  ? 0.448   2.760   9.034   1.00 14.56 ? 56  ASN A ND2 1 
ATOM   97   N  N   . LYS A 1 30  ? -0.252  -2.743  9.892   1.00 12.98 ? 57  LYS A N   1 
ATOM   98   C  CA  . LYS A 1 30  ? 0.042   -3.976  10.604  1.00 13.77 ? 57  LYS A CA  1 
ATOM   99   C  C   . LYS A 1 30  ? 0.069   -5.169  9.670   1.00 13.91 ? 57  LYS A C   1 
ATOM   100  O  O   . LYS A 1 30  ? 0.639   -6.241  9.999   1.00 14.02 ? 57  LYS A O   1 
ATOM   101  C  CB  . LYS A 1 30  ? -0.971  -4.229  11.707  1.00 15.47 ? 57  LYS A CB  1 
ATOM   102  C  CG  . LYS A 1 30  ? -0.931  -3.180  12.800  1.00 17.27 ? 57  LYS A CG  1 
ATOM   103  C  CD  . LYS A 1 30  ? -2.051  -3.466  13.804  1.00 20.48 ? 57  LYS A CD  1 
ATOM   104  C  CE  . LYS A 1 30  ? -2.177  -2.353  14.815  1.00 27.76 ? 57  LYS A CE  1 
ATOM   105  N  NZ  . LYS A 1 30  ? -3.064  -2.784  15.909  1.00 37.51 ? 57  LYS A NZ  1 
ATOM   106  N  N   . ILE A 1 31  ? -0.522  -5.048  8.480   1.00 12.98 ? 58  ILE A N   1 
ATOM   107  C  CA  . ILE A 1 31  ? -0.576  -6.184  7.583   1.00 12.07 ? 58  ILE A CA  1 
ATOM   108  C  C   . ILE A 1 31  ? 0.750   -6.280  6.876   1.00 14.09 ? 58  ILE A C   1 
ATOM   109  O  O   . ILE A 1 31  ? 1.177   -5.320  6.216   1.00 13.94 ? 58  ILE A O   1 
ATOM   110  C  CB  . ILE A 1 31  ? -1.722  -6.029  6.561   1.00 13.47 ? 58  ILE A CB  1 
ATOM   111  C  CG1 . ILE A 1 31  ? -3.067  -5.750  7.190   1.00 12.14 ? 58  ILE A CG1 1 
ATOM   112  C  CG2 . ILE A 1 31  ? -1.785  -7.269  5.658   1.00 15.56 ? 58  ILE A CG2 1 
ATOM   113  C  CD1 . ILE A 1 31  ? -4.139  -5.436  6.152   1.00 14.23 ? 58  ILE A CD1 1 
ATOM   114  N  N   . LYS A 1 32  ? 1.365   -7.452  6.998   1.00 14.08 ? 59  LYS A N   1 
ATOM   115  C  CA  . LYS A 1 32  ? 2.714   -7.696  6.474   1.00 14.62 ? 59  LYS A CA  1 
ATOM   116  C  C   . LYS A 1 32  ? 2.632   -8.726  5.344   1.00 12.52 ? 59  LYS A C   1 
ATOM   117  O  O   . LYS A 1 32  ? 2.163   -9.841  5.538   1.00 13.60 ? 59  LYS A O   1 
ATOM   118  C  CB  . LYS A 1 32  ? 3.599   -8.286  7.569   1.00 15.93 ? 59  LYS A CB  1 
ATOM   119  C  CG  . LYS A 1 32  ? 5.009   -8.542  7.119   1.00 26.23 ? 59  LYS A CG  1 
ATOM   120  C  CD  . LYS A 1 32  ? 5.687   -9.709  7.801   1.00 42.53 ? 59  LYS A CD  1 
ATOM   121  C  CE  . LYS A 1 32  ? 6.776   -10.263 6.864   1.00 38.99 ? 59  LYS A CE  1 
ATOM   122  N  NZ  . LYS A 1 32  ? 7.584   -11.324 7.518   1.00 52.57 ? 59  LYS A NZ  1 
ATOM   123  N  N   . VAL A 1 33  ? 3.114   -8.314  4.178   1.00 13.66 ? 60  VAL A N   1 
ATOM   124  C  CA  . VAL A 1 33  ? 3.314   -9.265  3.075   1.00 13.47 ? 60  VAL A CA  1 
ATOM   125  C  C   . VAL A 1 33  ? 4.581   -10.071 3.341   1.00 13.92 ? 60  VAL A C   1 
ATOM   126  O  O   . VAL A 1 33  ? 5.630   -9.566  3.778   1.00 14.52 ? 60  VAL A O   1 
ATOM   127  C  CB  . VAL A 1 33  ? 3.434   -8.483  1.792   1.00 13.49 ? 60  VAL A CB  1 
ATOM   128  C  CG1 . VAL A 1 33  ? 3.833   -9.348  0.625   1.00 16.90 ? 60  VAL A CG1 1 
ATOM   129  C  CG2 . VAL A 1 33  ? 2.129   -7.751  1.467   1.00 15.18 ? 60  VAL A CG2 1 
ATOM   130  N  N   . THR A 1 34  ? 4.487   -11.366 3.131   1.00 11.16 ? 61  THR A N   1 
ATOM   131  C  CA  . THR A 1 34  ? 5.650   -12.230 3.274   1.00 12.58 ? 61  THR A CA  1 
ATOM   132  C  C   . THR A 1 34  ? 6.832   -11.706 2.498   1.00 11.96 ? 61  THR A C   1 
ATOM   133  O  O   . THR A 1 34  ? 6.690   -11.214 1.392   1.00 14.16 ? 61  THR A O   1 
ATOM   134  C  CB  . THR A 1 34  ? 5.354   -13.668 2.838   1.00 12.49 ? 61  THR A CB  1 
ATOM   135  O  OG1 . THR A 1 34  ? 6.543   -14.469 2.976   1.00 12.38 ? 61  THR A OG1 1 
ATOM   136  C  CG2 . THR A 1 34  ? 4.894   -13.771 1.366   1.00 15.10 ? 61  THR A CG2 1 
ATOM   137  N  N   . THR A 1 35  ? 8.018   -11.866 3.079   1.00 11.36 ? 62  THR A N   1 
ATOM   138  C  CA  . THR A 1 35  ? 9.299   -11.593 2.425   1.00 12.68 ? 62  THR A CA  1 
ATOM   139  C  C   . THR A 1 35  ? 10.074  -12.849 2.126   1.00 13.79 ? 62  THR A C   1 
ATOM   140  O  O   . THR A 1 35  ? 11.244  -12.804 1.798   1.00 13.51 ? 62  THR A O   1 
ATOM   141  C  CB  . THR A 1 35  ? 10.158  -10.632 3.227   1.00 13.18 ? 62  THR A CB  1 
ATOM   142  O  OG1 . THR A 1 35  ? 10.480  -11.201 4.475   1.00 15.34 ? 62  THR A OG1 1 
ATOM   143  C  CG2 . THR A 1 35  ? 9.406   -9.273  3.417   1.00 15.79 ? 62  THR A CG2 1 
ATOM   144  N  N   . ASP A 1 36  ? 9.447   -13.981 2.325   1.00 12.04 ? 63  ASP A N   1 
ATOM   145  C  CA  . ASP A 1 36  ? 10.017  -15.335 2.088   1.00 12.49 ? 63  ASP A CA  1 
ATOM   146  C  C   . ASP A 1 36  ? 9.716   -15.787 0.671   1.00 12.75 ? 63  ASP A C   1 
ATOM   147  O  O   . ASP A 1 36  ? 8.634   -16.211 0.367   1.00 13.51 ? 63  ASP A O   1 
ATOM   148  C  CB  . ASP A 1 36  ? 9.472   -16.290 3.129   1.00 12.64 ? 63  ASP A CB  1 
ATOM   149  C  CG  . ASP A 1 36  ? 9.787   -17.738 2.859   1.00 12.95 ? 63  ASP A CG  1 
ATOM   150  O  OD1 . ASP A 1 36  ? 10.643  -18.046 1.989   1.00 13.34 ? 63  ASP A OD1 1 
ATOM   151  O  OD2 . ASP A 1 36  ? 9.235   -18.630 3.498   1.00 14.27 ? 63  ASP A OD2 1 
ATOM   152  N  N   A GLN A 1 37  ? 10.695  -15.626 -0.219  0.50 12.12 ? 64  GLN A N   1 
ATOM   153  N  N   B GLN A 1 37  ? 10.695  -15.628 -0.218  0.50 12.42 ? 64  GLN A N   1 
ATOM   154  C  CA  A GLN A 1 37  ? 10.528  -15.922 -1.629  0.50 14.02 ? 64  GLN A CA  1 
ATOM   155  C  CA  B GLN A 1 37  ? 10.538  -15.933 -1.627  0.50 13.84 ? 64  GLN A CA  1 
ATOM   156  C  C   A GLN A 1 37  ? 10.695  -17.408 -1.950  0.50 14.55 ? 64  GLN A C   1 
ATOM   157  C  C   B GLN A 1 37  ? 10.700  -17.411 -1.952  0.50 15.24 ? 64  GLN A C   1 
ATOM   158  O  O   A GLN A 1 37  ? 10.512  -17.814 -3.025  0.50 14.93 ? 64  GLN A O   1 
ATOM   159  O  O   B GLN A 1 37  ? 10.513  -17.815 -3.026  0.50 14.33 ? 64  GLN A O   1 
ATOM   160  C  CB  A GLN A 1 37  ? 11.518  -15.108 -2.462  0.50 14.49 ? 64  GLN A CB  1 
ATOM   161  C  CB  B GLN A 1 37  ? 11.511  -15.094 -2.453  0.50 13.83 ? 64  GLN A CB  1 
ATOM   162  C  CG  A GLN A 1 37  ? 11.249  -13.606 -2.524  0.50 12.98 ? 64  GLN A CG  1 
ATOM   163  C  CG  B GLN A 1 37  ? 11.099  -13.648 -2.420  0.50 16.38 ? 64  GLN A CG  1 
ATOM   164  C  CD  A GLN A 1 37  ? 12.487  -12.860 -3.034  0.50 14.84 ? 64  GLN A CD  1 
ATOM   165  C  CD  B GLN A 1 37  ? 11.985  -12.741 -3.138  0.50 20.35 ? 64  GLN A CD  1 
ATOM   166  O  OE1 A GLN A 1 37  ? 13.145  -12.291 -2.301  0.50 17.79 ? 64  GLN A OE1 1 
ATOM   167  O  OE1 B GLN A 1 37  ? 13.065  -12.546 -2.751  0.50 23.63 ? 64  GLN A OE1 1 
ATOM   168  N  NE2 A GLN A 1 37  ? 12.773  -12.964 -4.256  0.50 16.37 ? 64  GLN A NE2 1 
ATOM   169  N  NE2 B GLN A 1 37  ? 11.421  -12.047 -4.101  0.50 22.32 ? 64  GLN A NE2 1 
ATOM   170  N  N   . ASN A 1 38  ? 11.046  -18.152 -0.941  1.00 13.25 ? 65  ASN A N   1 
ATOM   171  C  CA  . ASN A 1 38  ? 11.146  -19.628 -1.082  1.00 13.33 ? 65  ASN A CA  1 
ATOM   172  C  C   . ASN A 1 38  ? 9.804   -20.305 -0.834  1.00 16.33 ? 65  ASN A C   1 
ATOM   173  O  O   . ASN A 1 38  ? 9.310   -21.086 -1.662  1.00 18.30 ? 65  ASN A O   1 
ATOM   174  C  CB  . ASN A 1 38  ? 12.187  -20.224 -0.142  1.00 13.67 ? 65  ASN A CB  1 
ATOM   175  C  CG  . ASN A 1 38  ? 13.650  -19.848 -0.468  1.00 16.25 ? 65  ASN A CG  1 
ATOM   176  O  OD1 . ASN A 1 38  ? 13.941  -19.406 -1.527  1.00 16.68 ? 65  ASN A OD1 1 
ATOM   177  N  ND2 . ASN A 1 38  ? 14.529  -19.984 0.535   1.00 21.75 ? 65  ASN A ND2 1 
ATOM   178  N  N   . HIS A 1 39  ? 9.234   -19.995 0.325   1.00 12.59 ? 66  HIS A N   1 
ATOM   179  C  CA  . HIS A 1 39  ? 7.997   -20.696 0.756   1.00 13.98 ? 66  HIS A CA  1 
ATOM   180  C  C   . HIS A 1 39  ? 6.886   -19.806 1.230   1.00 13.12 ? 66  HIS A C   1 
ATOM   181  O  O   . HIS A 1 39  ? 5.851   -20.300 1.660   1.00 14.64 ? 66  HIS A O   1 
ATOM   182  C  CB  . HIS A 1 39  ? 8.344   -21.698 1.841   1.00 14.75 ? 66  HIS A CB  1 
ATOM   183  C  CG  . HIS A 1 39  ? 9.360   -22.696 1.431   1.00 16.73 ? 66  HIS A CG  1 
ATOM   184  N  ND1 . HIS A 1 39  ? 9.092   -23.637 0.470   1.00 20.53 ? 66  HIS A ND1 1 
ATOM   185  C  CD2 . HIS A 1 39  ? 10.623  -22.909 1.847   1.00 21.10 ? 66  HIS A CD2 1 
ATOM   186  C  CE1 . HIS A 1 39  ? 10.181  -24.379 0.292   1.00 18.23 ? 66  HIS A CE1 1 
ATOM   187  N  NE2 . HIS A 1 39  ? 11.119  -23.963 1.121   1.00 22.26 ? 66  HIS A NE2 1 
ATOM   188  N  N   . PHE A 1 40  ? 7.048   -18.490 1.114   1.00 13.01 ? 67  PHE A N   1 
ATOM   189  C  CA  . PHE A 1 40  ? 5.969   -17.551 1.342   1.00 13.28 ? 67  PHE A CA  1 
ATOM   190  C  C   . PHE A 1 40  ? 5.452   -17.502 2.753   1.00 13.49 ? 67  PHE A C   1 
ATOM   191  O  O   . PHE A 1 40  ? 4.285   -17.144 3.009   1.00 13.56 ? 67  PHE A O   1 
ATOM   192  C  CB  . PHE A 1 40  ? 4.817   -17.771 0.364   1.00 15.05 ? 67  PHE A CB  1 
ATOM   193  C  CG  . PHE A 1 40  ? 5.290   -17.899 -1.043  1.00 17.72 ? 67  PHE A CG  1 
ATOM   194  C  CD1 . PHE A 1 40  ? 5.656   -16.780 -1.750  1.00 23.21 ? 67  PHE A CD1 1 
ATOM   195  C  CD2 . PHE A 1 40  ? 5.463   -19.157 -1.599  1.00 22.52 ? 67  PHE A CD2 1 
ATOM   196  C  CE1 . PHE A 1 40  ? 6.174   -16.927 -3.080  1.00 25.66 ? 67  PHE A CE1 1 
ATOM   197  C  CE2 . PHE A 1 40  ? 5.980   -19.304 -2.894  1.00 28.53 ? 67  PHE A CE2 1 
ATOM   198  C  CZ  . PHE A 1 40  ? 6.285   -18.186 -3.620  1.00 25.82 ? 67  PHE A CZ  1 
ATOM   199  N  N   . SER A 1 41  ? 6.300   -17.858 3.691   1.00 12.49 ? 68  SER A N   1 
ATOM   200  C  CA  . SER A 1 41  ? 5.928   -17.872 5.116   1.00 12.95 ? 68  SER A CA  1 
ATOM   201  C  C   . SER A 1 41  ? 6.061   -16.542 5.795   1.00 14.02 ? 68  SER A C   1 
ATOM   202  O  O   . SER A 1 41  ? 6.774   -15.654 5.341   1.00 12.82 ? 68  SER A O   1 
ATOM   203  C  CB  . SER A 1 41  ? 6.776   -18.870 5.921   1.00 13.92 ? 68  SER A CB  1 
ATOM   204  O  OG  . SER A 1 41  ? 8.129   -18.422 6.036   1.00 15.55 ? 68  SER A OG  1 
ATOM   205  N  N   . GLY A 1 42  ? 5.317   -16.408 6.905   1.00 13.56 ? 69  GLY A N   1 
ATOM   206  C  CA  . GLY A 1 42  ? 5.501   -15.260 7.783   1.00 13.94 ? 69  GLY A CA  1 
ATOM   207  C  C   . GLY A 1 42  ? 4.715   -14.007 7.478   1.00 13.72 ? 69  GLY A C   1 
ATOM   208  O  O   . GLY A 1 42  ? 4.889   -12.971 8.125   1.00 15.52 ? 69  GLY A O   1 
ATOM   209  N  N   . GLY A 1 43  ? 3.877   -14.057 6.446   1.00 13.04 ? 70  GLY A N   1 
ATOM   210  C  CA  . GLY A 1 43  ? 2.929   -12.993 6.207   1.00 12.43 ? 70  GLY A CA  1 
ATOM   211  C  C   . GLY A 1 43  ? 1.834   -13.033 7.232   1.00 12.32 ? 70  GLY A C   1 
ATOM   212  O  O   . GLY A 1 43  ? 1.604   -14.038 7.891   1.00 12.85 ? 70  GLY A O   1 
ATOM   213  N  N   . THR A 1 44  ? 1.067   -11.956 7.280   1.00 13.21 ? 71  THR A N   1 
ATOM   214  C  CA  . THR A 1 44  ? -0.062  -11.906 8.209   1.00 13.30 ? 71  THR A CA  1 
ATOM   215  C  C   . THR A 1 44  ? -1.068  -13.012 7.931   1.00 12.97 ? 71  THR A C   1 
ATOM   216  O  O   . THR A 1 44  ? -1.334  -13.366 6.792   1.00 12.97 ? 71  THR A O   1 
ATOM   217  C  CB  . THR A 1 44  ? -0.692  -10.529 8.136   1.00 12.99 ? 71  THR A CB  1 
ATOM   218  O  OG1 . THR A 1 44  ? 0.277   -9.534  8.465   1.00 13.48 ? 71  THR A OG1 1 
ATOM   219  C  CG2 . THR A 1 44  ? -1.920  -10.396 9.028   1.00 15.30 ? 71  THR A CG2 1 
ATOM   220  N  N   . SER A 1 45  ? -1.614  -13.574 9.010   1.00 14.09 ? 72  SER A N   1 
ATOM   221  C  CA  . SER A 1 45  ? -2.627  -14.618 8.944   1.00 13.45 ? 72  SER A CA  1 
ATOM   222  C  C   . SER A 1 45  ? -4.048  -14.082 9.039   1.00 13.09 ? 72  SER A C   1 
ATOM   223  O  O   . SER A 1 45  ? -4.248  -12.963 9.451   1.00 12.49 ? 72  SER A O   1 
ATOM   224  C  CB  . SER A 1 45  ? -2.434  -15.595 10.092  1.00 14.68 ? 72  SER A CB  1 
ATOM   225  O  OG  . SER A 1 45  ? -2.739  -14.943 11.319  1.00 16.44 ? 72  SER A OG  1 
ATOM   226  N  N   . ILE A 1 46  ? -5.028  -14.921 8.716   1.00 13.18 ? 73  ILE A N   1 
ATOM   227  C  CA  . ILE A 1 46  ? -6.417  -14.511 8.791   1.00 13.51 ? 73  ILE A CA  1 
ATOM   228  C  C   . ILE A 1 46  ? -6.793  -14.278 10.261  1.00 13.87 ? 73  ILE A C   1 
ATOM   229  O  O   . ILE A 1 46  ? -7.598  -13.422 10.581  1.00 13.86 ? 73  ILE A O   1 
ATOM   230  C  CB  . ILE A 1 46  ? -7.415  -15.463 8.074   1.00 13.51 ? 73  ILE A CB  1 
ATOM   231  C  CG1 . ILE A 1 46  ? -8.819  -14.880 8.014   1.00 14.56 ? 73  ILE A CG1 1 
ATOM   232  C  CG2 . ILE A 1 46  ? -7.451  -16.883 8.692   1.00 13.17 ? 73  ILE A CG2 1 
ATOM   233  C  CD1 . ILE A 1 46  ? -8.949  -13.462 7.457   1.00 15.87 ? 73  ILE A CD1 1 
ATOM   234  N  N   . GLU A 1 47  ? -6.251  -15.077 11.199  1.00 13.06 ? 74  GLU A N   1 
ATOM   235  C  CA  . GLU A 1 47  ? -6.573  -14.879 12.648  1.00 13.88 ? 74  GLU A CA  1 
ATOM   236  C  C   . GLU A 1 47  ? -6.144  -13.499 13.074  1.00 14.61 ? 74  GLU A C   1 
ATOM   237  O  O   . GLU A 1 47  ? -6.827  -12.782 13.791  1.00 15.05 ? 74  GLU A O   1 
ATOM   238  C  CB  . GLU A 1 47  ? -5.854  -15.965 13.460  1.00 17.37 ? 74  GLU A CB  1 
ATOM   239  C  CG  . GLU A 1 47  ? -6.421  -17.371 13.231  1.00 20.52 ? 74  GLU A CG  1 
ATOM   240  C  CD  . GLU A 1 47  ? -5.890  -18.132 12.005  1.00 22.79 ? 74  GLU A CD  1 
ATOM   241  O  OE1 . GLU A 1 47  ? -4.995  -17.649 11.263  1.00 17.21 ? 74  GLU A OE1 1 
ATOM   242  O  OE2 . GLU A 1 47  ? -6.425  -19.242 11.755  1.00 28.56 ? 74  GLU A OE2 1 
ATOM   243  N  N   . GLN A 1 48  ? -4.959  -13.075 12.601  1.00 13.46 ? 75  GLN A N   1 
ATOM   244  C  CA  . GLN A 1 48  ? -4.483  -11.740 12.937  1.00 13.61 ? 75  GLN A CA  1 
ATOM   245  C  C   . GLN A 1 48  ? -5.392  -10.654 12.309  1.00 13.36 ? 75  GLN A C   1 
ATOM   246  O  O   . GLN A 1 48  ? -5.749  -9.667  12.953  1.00 14.80 ? 75  GLN A O   1 
ATOM   247  C  CB  . GLN A 1 48  ? -3.024  -11.463 12.489  1.00 14.32 ? 75  GLN A CB  1 
ATOM   248  C  CG  . GLN A 1 48  ? -2.031  -12.230 13.324  1.00 16.98 ? 75  GLN A CG  1 
ATOM   249  C  CD  . GLN A 1 48  ? -0.637  -12.164 12.756  1.00 17.63 ? 75  GLN A CD  1 
ATOM   250  O  OE1 . GLN A 1 48  ? -0.427  -12.289 11.549  1.00 17.41 ? 75  GLN A OE1 1 
ATOM   251  N  NE2 . GLN A 1 48  ? 0.348   -12.128 13.650  1.00 24.89 ? 75  GLN A NE2 1 
ATOM   252  N  N   . LEU A 1 49  ? -5.689  -10.820 11.001  1.00 13.88 ? 76  LEU A N   1 
ATOM   253  C  CA  . LEU A 1 49  ? -6.533  -9.831  10.292  1.00 13.39 ? 76  LEU A CA  1 
ATOM   254  C  C   . LEU A 1 49  ? -7.880  -9.674  11.012  1.00 13.33 ? 76  LEU A C   1 
ATOM   255  O  O   . LEU A 1 49  ? -8.364  -8.555  11.156  1.00 14.77 ? 76  LEU A O   1 
ATOM   256  C  CB  . LEU A 1 49  ? -6.742  -10.267 8.847   1.00 12.89 ? 76  LEU A CB  1 
ATOM   257  C  CG  . LEU A 1 49  ? -5.482  -10.083 8.013   1.00 13.51 ? 76  LEU A CG  1 
ATOM   258  C  CD1 . LEU A 1 49  ? -5.626  -10.872 6.717   1.00 15.01 ? 76  LEU A CD1 1 
ATOM   259  C  CD2 . LEU A 1 49  ? -5.205  -8.613  7.721   1.00 14.69 ? 76  LEU A CD2 1 
ATOM   260  N  N   . LYS A 1 50  ? -8.447  -10.778 11.473  1.00 13.00 ? 77  LYS A N   1 
ATOM   261  C  CA  . LYS A 1 50  ? -9.776  -10.699 12.131  1.00 14.08 ? 77  LYS A CA  1 
ATOM   262  C  C   . LYS A 1 50  ? -9.650  -10.031 13.485  1.00 14.65 ? 77  LYS A C   1 
ATOM   263  O  O   . LYS A 1 50  ? -10.569 -9.327  13.905  1.00 15.54 ? 77  LYS A O   1 
ATOM   264  C  CB  . LYS A 1 50  ? -10.424 -12.043 12.225  1.00 14.38 ? 77  LYS A CB  1 
ATOM   265  C  CG  . LYS A 1 50  ? -10.913 -12.576 10.911  1.00 14.59 ? 77  LYS A CG  1 
ATOM   266  C  CD  . LYS A 1 50  ? -11.539 -13.962 11.041  1.00 17.96 ? 77  LYS A CD  1 
ATOM   267  C  CE  . LYS A 1 50  ? -12.219 -14.465 9.775   1.00 20.49 ? 77  LYS A CE  1 
ATOM   268  N  NZ  . LYS A 1 50  ? -12.773 -15.844 10.037  1.00 29.93 ? 77  LYS A NZ  1 
ATOM   269  N  N   A GLN A 1 51  ? -8.539  -10.232 14.189  0.50 15.57 ? 78  GLN A N   1 
ATOM   270  N  N   B GLN A 1 51  ? -8.542  -10.238 14.186  0.50 15.82 ? 78  GLN A N   1 
ATOM   271  C  CA  A GLN A 1 51  ? -8.283  -9.492  15.442  0.50 15.54 ? 78  GLN A CA  1 
ATOM   272  C  CA  B GLN A 1 51  ? -8.279  -9.522  15.446  0.50 16.19 ? 78  GLN A CA  1 
ATOM   273  C  C   A GLN A 1 51  ? -8.306  -7.999  15.233  0.50 16.54 ? 78  GLN A C   1 
ATOM   274  C  C   B GLN A 1 51  ? -8.285  -8.010  15.241  0.50 16.60 ? 78  GLN A C   1 
ATOM   275  O  O   A GLN A 1 51  ? -8.787  -7.276  16.026  0.50 17.93 ? 78  GLN A O   1 
ATOM   276  O  O   B GLN A 1 51  ? -8.777  -7.287  16.031  0.50 18.45 ? 78  GLN A O   1 
ATOM   277  C  CB  A GLN A 1 51  ? -6.957  -9.856  16.070  0.50 17.51 ? 78  GLN A CB  1 
ATOM   278  C  CB  B GLN A 1 51  ? -6.987  -10.016 16.081  0.50 18.13 ? 78  GLN A CB  1 
ATOM   279  C  CG  A GLN A 1 51  ? -6.947  -11.133 16.710  0.50 20.65 ? 78  GLN A CG  1 
ATOM   280  C  CG  B GLN A 1 51  ? -6.561  -9.367  17.328  0.50 22.19 ? 78  GLN A CG  1 
ATOM   281  C  CD  A GLN A 1 51  ? -5.604  -11.416 17.324  0.50 30.94 ? 78  GLN A CD  1 
ATOM   282  C  CD  B GLN A 1 51  ? -5.064  -9.599  17.551  0.50 26.48 ? 78  GLN A CD  1 
ATOM   283  O  OE1 A GLN A 1 51  ? -4.832  -10.493 17.583  0.50 34.48 ? 78  GLN A OE1 1 
ATOM   284  O  OE1 B GLN A 1 51  ? -4.598  -10.717 17.387  0.50 37.04 ? 78  GLN A OE1 1 
ATOM   285  N  NE2 A GLN A 1 51  ? -5.301  -12.674 17.519  0.50 36.48 ? 78  GLN A NE2 1 
ATOM   286  N  NE2 B GLN A 1 51  ? -4.306  -8.522  17.828  0.50 25.92 ? 78  GLN A NE2 1 
ATOM   287  N  N   . TRP A 1 52  ? -7.764  -7.543  14.129  1.00 14.19 ? 79  TRP A N   1 
ATOM   288  C  CA  . TRP A 1 52  ? -7.616  -6.121  13.878  1.00 14.86 ? 79  TRP A CA  1 
ATOM   289  C  C   . TRP A 1 52  ? -8.849  -5.486  13.230  1.00 15.73 ? 79  TRP A C   1 
ATOM   290  O  O   . TRP A 1 52  ? -9.154  -4.341  13.476  1.00 18.13 ? 79  TRP A O   1 
ATOM   291  C  CB  . TRP A 1 52  ? -6.384  -5.800  13.011  1.00 17.01 ? 79  TRP A CB  1 
ATOM   292  C  CG  . TRP A 1 52  ? -5.095  -6.335  13.547  1.00 16.46 ? 79  TRP A CG  1 
ATOM   293  C  CD1 . TRP A 1 52  ? -4.725  -6.437  14.867  1.00 19.66 ? 79  TRP A CD1 1 
ATOM   294  C  CD2 . TRP A 1 52  ? -3.995  -6.786  12.784  1.00 16.89 ? 79  TRP A CD2 1 
ATOM   295  N  NE1 . TRP A 1 52  ? -3.457  -6.966  14.935  1.00 19.26 ? 79  TRP A NE1 1 
ATOM   296  C  CE2 . TRP A 1 52  ? -3.009  -7.222  13.656  1.00 14.01 ? 79  TRP A CE2 1 
ATOM   297  C  CE3 . TRP A 1 52  ? -3.774  -6.902  11.425  1.00 16.48 ? 79  TRP A CE3 1 
ATOM   298  C  CZ2 . TRP A 1 52  ? -1.789  -7.735  13.215  1.00 17.69 ? 79  TRP A CZ2 1 
ATOM   299  C  CZ3 . TRP A 1 52  ? -2.572  -7.433  10.998  1.00 17.55 ? 79  TRP A CZ3 1 
ATOM   300  C  CH2 . TRP A 1 52  ? -1.604  -7.850  11.896  1.00 16.64 ? 79  TRP A CH2 1 
ATOM   301  N  N   . PHE A 1 53  ? -9.499  -6.241  12.344  1.00 13.08 ? 80  PHE A N   1 
ATOM   302  C  CA  . PHE A 1 53  ? -10.544 -5.695  11.482  1.00 14.50 ? 80  PHE A CA  1 
ATOM   303  C  C   . PHE A 1 53  ? -11.922 -6.352  11.662  1.00 13.80 ? 80  PHE A C   1 
ATOM   304  O  O   . PHE A 1 53  ? -12.925 -5.892  11.079  1.00 15.94 ? 80  PHE A O   1 
ATOM   305  C  CB  . PHE A 1 53  ? -10.125 -5.888  10.022  1.00 14.21 ? 80  PHE A CB  1 
ATOM   306  C  CG  . PHE A 1 53  ? -8.902  -5.119  9.634   1.00 14.04 ? 80  PHE A CG  1 
ATOM   307  C  CD1 . PHE A 1 53  ? -8.951  -3.744  9.522   1.00 14.25 ? 80  PHE A CD1 1 
ATOM   308  C  CD2 . PHE A 1 53  ? -7.668  -5.723  9.439   1.00 14.48 ? 80  PHE A CD2 1 
ATOM   309  C  CE1 . PHE A 1 53  ? -7.866  -2.998  9.176   1.00 13.53 ? 80  PHE A CE1 1 
ATOM   310  C  CE2 . PHE A 1 53  ? -6.565  -4.943  9.075   1.00 14.84 ? 80  PHE A CE2 1 
ATOM   311  C  CZ  . PHE A 1 53  ? -6.666  -3.588  8.954   1.00 13.35 ? 80  PHE A CZ  1 
ATOM   312  N  N   . GLY A 1 54  ? -11.998 -7.393  12.457  1.00 13.12 ? 81  GLY A N   1 
ATOM   313  C  CA  . GLY A 1 54  ? -13.214 -8.152  12.581  1.00 13.04 ? 81  GLY A CA  1 
ATOM   314  C  C   . GLY A 1 54  ? -13.489 -9.028  11.385  1.00 14.06 ? 81  GLY A C   1 
ATOM   315  O  O   . GLY A 1 54  ? -12.638 -9.264  10.614  1.00 13.41 ? 81  GLY A O   1 
ATOM   316  N  N   . ASP A 1 55  ? -14.704 -9.503  11.248  1.00 14.92 ? 82  ASP A N   1 
ATOM   317  C  CA  . ASP A 1 55  ? -15.028 -10.362 10.122  1.00 14.81 ? 82  ASP A CA  1 
ATOM   318  C  C   . ASP A 1 55  ? -15.001 -9.592  8.815   1.00 13.54 ? 82  ASP A C   1 
ATOM   319  O  O   . ASP A 1 55  ? -15.429 -8.502  8.735   1.00 13.58 ? 82  ASP A O   1 
ATOM   320  C  CB  . ASP A 1 55  ? -16.389 -10.996 10.271  1.00 18.65 ? 82  ASP A CB  1 
ATOM   321  C  CG  . ASP A 1 55  ? -16.435 -12.041 11.334  1.00 24.78 ? 82  ASP A CG  1 
ATOM   322  O  OD1 . ASP A 1 55  ? -15.433 -12.617 11.683  1.00 30.84 ? 82  ASP A OD1 1 
ATOM   323  O  OD2 . ASP A 1 55  ? -17.524 -12.269 11.791  1.00 31.01 ? 82  ASP A OD2 1 
ATOM   324  N  N   . PRO A 1 56  ? -14.481 -10.228 7.783   1.00 13.40 ? 83  PRO A N   1 
ATOM   325  C  CA  . PRO A 1 56  ? -14.454 -9.589  6.468   1.00 12.94 ? 83  PRO A CA  1 
ATOM   326  C  C   . PRO A 1 56  ? -15.867 -9.397  5.905   1.00 12.49 ? 83  PRO A C   1 
ATOM   327  O  O   . PRO A 1 56  ? -16.742 -10.152 6.193   1.00 14.14 ? 83  PRO A O   1 
ATOM   328  C  CB  . PRO A 1 56  ? -13.682 -10.575 5.601   1.00 16.29 ? 83  PRO A CB  1 
ATOM   329  C  CG  . PRO A 1 56  ? -13.426 -11.706 6.384   1.00 19.28 ? 83  PRO A CG  1 
ATOM   330  C  CD  . PRO A 1 56  ? -13.813 -11.528 7.808   1.00 15.92 ? 83  PRO A CD  1 
ATOM   331  N  N   . ASN A 1 57  ? -16.044 -8.378  5.114   1.00 10.26 ? 84  ASN A N   1 
ATOM   332  C  CA  . ASN A 1 57  ? -17.266 -8.206  4.365   1.00 10.08 ? 84  ASN A CA  1 
ATOM   333  C  C   . ASN A 1 57  ? -17.422 -9.184  3.232   1.00 10.37 ? 84  ASN A C   1 
ATOM   334  O  O   . ASN A 1 57  ? -18.476 -9.556  2.894   1.00 11.07 ? 84  ASN A O   1 
ATOM   335  C  CB  . ASN A 1 57  ? -17.318 -6.778  3.856   1.00 10.26 ? 84  ASN A CB  1 
ATOM   336  C  CG  . ASN A 1 57  ? -17.276 -5.775  4.994   1.00 12.83 ? 84  ASN A CG  1 
ATOM   337  O  OD1 . ASN A 1 57  ? -16.304 -5.275  5.377   1.00 12.21 ? 84  ASN A OD1 1 
ATOM   338  N  ND2 . ASN A 1 57  ? -18.425 -5.559  5.555   1.00 12.91 ? 84  ASN A ND2 1 
ATOM   339  N  N   . LYS A 1 58  ? -16.315 -9.610  2.662   1.00 11.53 ? 85  LYS A N   1 
ATOM   340  C  CA  . LYS A 1 58  ? -16.349 -10.560 1.536   1.00 13.08 ? 85  LYS A CA  1 
ATOM   341  C  C   . LYS A 1 58  ? -15.107 -11.365 1.545   1.00 12.34 ? 85  LYS A C   1 
ATOM   342  O  O   . LYS A 1 58  ? -14.033 -10.898 1.952   1.00 12.94 ? 85  LYS A O   1 
ATOM   343  C  CB  . LYS A 1 58  ? -16.509 -9.814  0.230   1.00 16.21 ? 85  LYS A CB  1 
ATOM   344  C  CG  . LYS A 1 58  ? -16.902 -10.761 -0.901  1.00 20.53 ? 85  LYS A CG  1 
ATOM   345  C  CD  . LYS A 1 58  ? -17.413 -9.988  -2.110  1.00 24.01 ? 85  LYS A CD  1 
ATOM   346  C  CE  . LYS A 1 58  ? -18.046 -10.910 -3.190  1.00 27.26 ? 85  LYS A CE  1 
ATOM   347  N  NZ  . LYS A 1 58  ? -18.403 -10.214 -4.472  1.00 36.02 ? 85  LYS A NZ  1 
ATOM   348  N  N   . SER A 1 59  ? -15.208 -12.611 1.130   1.00 13.01 ? 86  SER A N   1 
ATOM   349  C  CA  . SER A 1 59  ? -14.069 -13.434 0.906   1.00 13.02 ? 86  SER A CA  1 
ATOM   350  C  C   . SER A 1 59  ? -14.297 -14.410 -0.196  1.00 13.53 ? 86  SER A C   1 
ATOM   351  O  O   . SER A 1 59  ? -15.424 -14.807 -0.488  1.00 15.93 ? 86  SER A O   1 
ATOM   352  C  CB  . SER A 1 59  ? -13.665 -14.117 2.144   1.00 18.27 ? 86  SER A CB  1 
ATOM   353  O  OG  . SER A 1 59  ? -14.614 -14.973 2.600   1.00 19.45 ? 86  SER A OG  1 
ATOM   354  N  N   . GLU A 1 60  ? -13.207 -14.775 -0.839  1.00 13.71 ? 87  GLU A N   1 
ATOM   355  C  CA  . GLU A 1 60  ? -13.315 -15.731 -1.919  1.00 16.67 ? 87  GLU A CA  1 
ATOM   356  C  C   . GLU A 1 60  ? -12.026 -16.431 -2.156  1.00 13.63 ? 87  GLU A C   1 
ATOM   357  O  O   . GLU A 1 60  ? -10.947 -15.938 -1.895  1.00 15.39 ? 87  GLU A O   1 
ATOM   358  C  CB  . GLU A 1 60  ? -13.720 -15.048 -3.191  1.00 22.37 ? 87  GLU A CB  1 
ATOM   359  C  CG  . GLU A 1 60  ? -12.818 -14.052 -3.657  1.00 25.77 ? 87  GLU A CG  1 
ATOM   360  C  CD  . GLU A 1 60  ? -13.276 -13.398 -4.953  1.00 46.22 ? 87  GLU A CD  1 
ATOM   361  O  OE1 . GLU A 1 60  ? -14.506 -13.262 -5.146  1.00 47.73 ? 87  GLU A OE1 1 
ATOM   362  O  OE2 . GLU A 1 60  ? -12.402 -13.004 -5.763  1.00 47.64 ? 87  GLU A OE2 1 
ATOM   363  N  N   . GLN A 1 61  ? -12.161 -17.626 -2.678  1.00 14.79 ? 88  GLN A N   1 
ATOM   364  C  CA  . GLN A 1 61  ? -11.007 -18.444 -3.045  1.00 16.17 ? 88  GLN A CA  1 
ATOM   365  C  C   . GLN A 1 61  ? -10.705 -18.093 -4.467  1.00 20.90 ? 88  GLN A C   1 
ATOM   366  O  O   . GLN A 1 61  ? -11.591 -18.220 -5.334  1.00 25.93 ? 88  GLN A O   1 
ATOM   367  C  CB  . GLN A 1 61  ? -11.347 -19.934 -2.871  1.00 21.92 ? 88  GLN A CB  1 
ATOM   368  C  CG  . GLN A 1 61  ? -10.303 -20.918 -2.987  1.00 29.30 ? 88  GLN A CG  1 
ATOM   369  C  CD  . GLN A 1 61  ? -10.943 -22.275 -3.004  1.00 31.23 ? 88  GLN A CD  1 
ATOM   370  O  OE1 . GLN A 1 61  ? -11.484 -22.713 -4.036  1.00 36.11 ? 88  GLN A OE1 1 
ATOM   371  N  NE2 . GLN A 1 61  ? -10.954 -22.926 -1.856  1.00 29.69 ? 88  GLN A NE2 1 
ATOM   372  N  N   . ARG A 1 62  ? -9.461  -17.683 -4.749  1.00 18.58 ? 89  ARG A N   1 
ATOM   373  C  CA  . ARG A 1 62  ? -8.972  -17.355 -6.085  1.00 18.32 ? 89  ARG A CA  1 
ATOM   374  C  C   . ARG A 1 62  ? -7.982  -18.434 -6.582  1.00 17.44 ? 89  ARG A C   1 
ATOM   375  O  O   . ARG A 1 62  ? -6.861  -18.576 -6.064  1.00 17.86 ? 89  ARG A O   1 
ATOM   376  C  CB  . ARG A 1 62  ? -8.258  -16.030 -6.118  1.00 20.36 ? 89  ARG A CB  1 
ATOM   377  C  CG  . ARG A 1 62  ? -9.143  -14.826 -5.559  1.00 22.85 ? 89  ARG A CG  1 
ATOM   378  C  CD  . ARG A 1 62  ? -8.394  -13.536 -5.645  1.00 31.18 ? 89  ARG A CD  1 
ATOM   379  N  NE  . ARG A 1 62  ? -8.211  -13.152 -7.043  1.00 40.83 ? 89  ARG A NE  1 
ATOM   380  C  CZ  . ARG A 1 62  ? -7.034  -12.906 -7.630  1.00 45.64 ? 89  ARG A CZ  1 
ATOM   381  N  NH1 . ARG A 1 62  ? -5.888  -12.943 -6.950  1.00 41.18 ? 89  ARG A NH1 1 
ATOM   382  N  NH2 . ARG A 1 62  ? -7.007  -12.598 -8.924  1.00 52.35 ? 89  ARG A NH2 1 
ATOM   383  N  N   . ASN A 1 63  ? -8.405  -19.163 -7.600  1.00 16.30 ? 90  ASN A N   1 
ATOM   384  C  CA  . ASN A 1 63  ? -7.707  -20.370 -8.091  1.00 16.40 ? 90  ASN A CA  1 
ATOM   385  C  C   . ASN A 1 63  ? -7.108  -20.087 -9.410  1.00 15.52 ? 90  ASN A C   1 
ATOM   386  O  O   . ASN A 1 63  ? -7.719  -19.440 -10.270 1.00 15.70 ? 90  ASN A O   1 
ATOM   387  C  CB  . ASN A 1 63  ? -8.704  -21.497 -8.195  1.00 16.99 ? 90  ASN A CB  1 
ATOM   388  C  CG  . ASN A 1 63  ? -9.283  -21.837 -6.846  1.00 25.42 ? 90  ASN A CG  1 
ATOM   389  O  OD1 . ASN A 1 63  ? -8.549  -22.149 -5.897  1.00 27.15 ? 90  ASN A OD1 1 
ATOM   390  N  ND2 . ASN A 1 63  ? -10.606 -21.720 -6.735  1.00 24.63 ? 90  ASN A ND2 1 
ATOM   391  N  N   . ALA A 1 64  ? -5.867  -20.526 -9.609  1.00 13.92 ? 91  ALA A N   1 
ATOM   392  C  CA  . ALA A 1 64  ? -5.209  -20.411 -10.928 1.00 13.29 ? 91  ALA A CA  1 
ATOM   393  C  C   . ALA A 1 64  ? -4.262  -21.600 -11.001 1.00 10.01 ? 91  ALA A C   1 
ATOM   394  O  O   . ALA A 1 64  ? -3.323  -21.669 -10.159 1.00 12.66 ? 91  ALA A O   1 
ATOM   395  C  CB  . ALA A 1 64  ? -4.493  -19.081 -11.039 1.00 17.79 ? 91  ALA A CB  1 
ATOM   396  N  N   . GLY A 1 65  ? -4.452  -22.526 -11.893 1.00 10.34 ? 92  GLY A N   1 
ATOM   397  C  CA  . GLY A 1 65  ? -3.686  -23.734 -11.887 1.00 10.21 ? 92  GLY A CA  1 
ATOM   398  C  C   . GLY A 1 65  ? -3.848  -24.382 -10.553 1.00 11.97 ? 92  GLY A C   1 
ATOM   399  O  O   . GLY A 1 65  ? -4.985  -24.460 -10.011 1.00 12.53 ? 92  GLY A O   1 
ATOM   400  N  N   . ASN A 1 66  ? -2.772  -24.869 -9.944  1.00 11.57 ? 93  ASN A N   1 
ATOM   401  C  CA  . ASN A 1 66  ? -2.831  -25.475 -8.615  1.00 11.98 ? 93  ASN A CA  1 
ATOM   402  C  C   . ASN A 1 66  ? -2.406  -24.481 -7.493  1.00 13.52 ? 93  ASN A C   1 
ATOM   403  O  O   . ASN A 1 66  ? -1.970  -24.929 -6.439  1.00 20.02 ? 93  ASN A O   1 
ATOM   404  C  CB  . ASN A 1 66  ? -2.024  -26.795 -8.583  1.00 12.29 ? 93  ASN A CB  1 
ATOM   405  C  CG  . ASN A 1 66  ? -2.753  -27.919 -9.233  1.00 11.52 ? 93  ASN A CG  1 
ATOM   406  O  OD1 . ASN A 1 66  ? -3.984  -27.983 -9.111  1.00 12.34 ? 93  ASN A OD1 1 
ATOM   407  N  ND2 . ASN A 1 66  ? -2.060  -28.853 -9.849  1.00 10.26 ? 93  ASN A ND2 1 
ATOM   408  N  N   . ILE A 1 67  ? -2.496  -23.197 -7.754  1.00 12.82 ? 94  ILE A N   1 
ATOM   409  C  CA  . ILE A 1 67  ? -2.277  -22.169 -6.738  1.00 13.61 ? 94  ILE A CA  1 
ATOM   410  C  C   . ILE A 1 67  ? -3.618  -21.639 -6.312  1.00 13.37 ? 94  ILE A C   1 
ATOM   411  O  O   . ILE A 1 67  ? -4.443  -21.245 -7.143  1.00 16.62 ? 94  ILE A O   1 
ATOM   412  C  CB  . ILE A 1 67  ? -1.385  -21.059 -7.248  1.00 15.85 ? 94  ILE A CB  1 
ATOM   413  C  CG1 . ILE A 1 67  ? -0.063  -21.646 -7.662  1.00 18.01 ? 94  ILE A CG1 1 
ATOM   414  C  CG2 . ILE A 1 67  ? -1.139  -20.001 -6.117  1.00 19.39 ? 94  ILE A CG2 1 
ATOM   415  C  CD1 . ILE A 1 67  ? 0.849   -20.652 -8.369  1.00 22.29 ? 94  ILE A CD1 1 
ATOM   416  N  N   . THR A 1 68  ? -3.875  -21.608 -5.007  1.00 13.04 ? 95  THR A N   1 
ATOM   417  C  CA  . THR A 1 68  ? -5.078  -21.019 -4.443  1.00 14.32 ? 95  THR A CA  1 
ATOM   418  C  C   . THR A 1 68  ? -4.693  -19.960 -3.457  1.00 13.15 ? 95  THR A C   1 
ATOM   419  O  O   . THR A 1 68  ? -3.828  -20.157 -2.593  1.00 14.51 ? 95  THR A O   1 
ATOM   420  C  CB  . THR A 1 68  ? -5.891  -22.052 -3.702  1.00 18.04 ? 95  THR A CB  1 
ATOM   421  O  OG1 . THR A 1 68  ? -6.310  -23.038 -4.664  1.00 19.06 ? 95  THR A OG1 1 
ATOM   422  C  CG2 . THR A 1 68  ? -7.070  -21.466 -3.035  1.00 18.01 ? 95  THR A CG2 1 
ATOM   423  N  N   . LEU A 1 69  ? -5.291  -18.787 -3.648  1.00 13.47 ? 96  LEU A N   1 
ATOM   424  C  CA  . LEU A 1 69  ? -5.193  -17.677 -2.692  1.00 14.28 ? 96  LEU A CA  1 
ATOM   425  C  C   . LEU A 1 69  ? -6.542  -17.462 -2.088  1.00 14.86 ? 96  LEU A C   1 
ATOM   426  O  O   . LEU A 1 69  ? -7.577  -17.584 -2.759  1.00 17.12 ? 96  LEU A O   1 
ATOM   427  C  CB  . LEU A 1 69  ? -4.720  -16.383 -3.344  1.00 13.90 ? 96  LEU A CB  1 
ATOM   428  C  CG  . LEU A 1 69  ? -3.418  -16.417 -4.094  1.00 14.59 ? 96  LEU A CG  1 
ATOM   429  C  CD1 . LEU A 1 69  ? -3.096  -15.046 -4.699  1.00 19.89 ? 96  LEU A CD1 1 
ATOM   430  C  CD2 . LEU A 1 69  ? -2.285  -16.886 -3.197  1.00 15.90 ? 96  LEU A CD2 1 
ATOM   431  N  N   . ASP A 1 70  ? -6.552  -17.177 -0.806  1.00 13.46 ? 97  ASP A N   1 
ATOM   432  C  CA  . ASP A 1 70  ? -7.772  -16.747 -0.106  1.00 12.58 ? 97  ASP A CA  1 
ATOM   433  C  C   . ASP A 1 70  ? -7.777  -15.250 -0.015  1.00 12.91 ? 97  ASP A C   1 
ATOM   434  O  O   . ASP A 1 70  ? -6.865  -14.666 0.587   1.00 13.45 ? 97  ASP A O   1 
ATOM   435  C  CB  . ASP A 1 70  ? -7.837  -17.383 1.294   1.00 13.48 ? 97  ASP A CB  1 
ATOM   436  C  CG  . ASP A 1 70  ? -7.966  -18.903 1.224   1.00 21.00 ? 97  ASP A CG  1 
ATOM   437  O  OD1 . ASP A 1 70  ? -8.856  -19.378 0.478   1.00 21.28 ? 97  ASP A OD1 1 
ATOM   438  O  OD2 . ASP A 1 70  ? -7.116  -19.623 1.762   1.00 26.54 ? 97  ASP A OD2 1 
ATOM   439  N  N   . SER A 1 71  ? -8.806  -14.623 -0.598  1.00 12.39 ? 98  SER A N   1 
ATOM   440  C  CA  . SER A 1 71  ? -8.861  -13.184 -0.695  1.00 12.76 ? 98  SER A CA  1 
ATOM   441  C  C   . SER A 1 71  ? -9.938  -12.688 0.302   1.00 12.48 ? 98  SER A C   1 
ATOM   442  O  O   . SER A 1 71  ? -11.063 -13.202 0.293   1.00 15.58 ? 98  SER A O   1 
ATOM   443  C  CB  . SER A 1 71  ? -9.234  -12.781 -2.099  1.00 14.87 ? 98  SER A CB  1 
ATOM   444  O  OG  . SER A 1 71  ? -9.368  -11.366 -2.237  1.00 15.98 ? 98  SER A OG  1 
ATOM   445  N  N   . TYR A 1 72  ? -9.651  -11.683 1.107   1.00 10.99 ? 99  TYR A N   1 
ATOM   446  C  CA  . TYR A 1 72  ? -10.541 -11.164 2.101   1.00 11.66 ? 99  TYR A CA  1 
ATOM   447  C  C   . TYR A 1 72  ? -10.606 -9.657  1.963   1.00 12.44 ? 99  TYR A C   1 
ATOM   448  O  O   . TYR A 1 72  ? -9.590  -8.993  1.774   1.00 12.27 ? 99  TYR A O   1 
ATOM   449  C  CB  . TYR A 1 72  ? -10.017 -11.465 3.487   1.00 13.89 ? 99  TYR A CB  1 
ATOM   450  C  CG  . TYR A 1 72  ? -9.769  -12.930 3.786   1.00 13.25 ? 99  TYR A CG  1 
ATOM   451  C  CD1 . TYR A 1 72  ? -10.764 -13.759 4.306   1.00 15.32 ? 99  TYR A CD1 1 
ATOM   452  C  CD2 . TYR A 1 72  ? -8.526  -13.488 3.557   1.00 13.12 ? 99  TYR A CD2 1 
ATOM   453  C  CE1 . TYR A 1 72  ? -10.508 -15.118 4.606   1.00 14.71 ? 99  TYR A CE1 1 
ATOM   454  C  CE2 . TYR A 1 72  ? -8.247  -14.811 3.853   1.00 15.27 ? 99  TYR A CE2 1 
ATOM   455  C  CZ  . TYR A 1 72  ? -9.217  -15.590 4.395   1.00 14.87 ? 99  TYR A CZ  1 
ATOM   456  O  OH  . TYR A 1 72  ? -8.930  -16.923 4.729   1.00 16.68 ? 99  TYR A OH  1 
ATOM   457  N  N   . THR A 1 73  ? -11.795 -9.104  2.089   1.00 11.11 ? 100 THR A N   1 
ATOM   458  C  CA  . THR A 1 73  ? -11.988 -7.659  1.925   1.00 11.74 ? 100 THR A CA  1 
ATOM   459  C  C   . THR A 1 73  ? -12.804 -7.087  3.055   1.00 12.17 ? 100 THR A C   1 
ATOM   460  O  O   . THR A 1 73  ? -13.833 -7.682  3.462   1.00 11.04 ? 100 THR A O   1 
ATOM   461  C  CB  . THR A 1 73  ? -12.705 -7.377  0.600   1.00 13.32 ? 100 THR A CB  1 
ATOM   462  O  OG1 . THR A 1 73  ? -11.882 -7.920  -0.474  1.00 14.23 ? 100 THR A OG1 1 
ATOM   463  C  CG2 . THR A 1 73  ? -12.910 -5.901  0.390   1.00 15.26 ? 100 THR A CG2 1 
ATOM   464  N  N   . TRP A 1 74  ? -12.360 -5.949  3.580   1.00 11.39 ? 101 TRP A N   1 
ATOM   465  C  CA  . TRP A 1 74  ? -13.054 -5.184  4.600   1.00 11.15 ? 101 TRP A CA  1 
ATOM   466  C  C   . TRP A 1 74  ? -13.370 -3.794  4.056   1.00 11.99 ? 101 TRP A C   1 
ATOM   467  O  O   . TRP A 1 74  ? -12.550 -3.202  3.358   1.00 12.44 ? 101 TRP A O   1 
ATOM   468  C  CB  . TRP A 1 74  ? -12.229 -5.044  5.899   1.00 12.60 ? 101 TRP A CB  1 
ATOM   469  C  CG  . TRP A 1 74  ? -11.940 -6.289  6.617   1.00 11.64 ? 101 TRP A CG  1 
ATOM   470  C  CD1 . TRP A 1 74  ? -12.594 -6.744  7.718   1.00 12.60 ? 101 TRP A CD1 1 
ATOM   471  C  CD2 . TRP A 1 74  ? -10.917 -7.271  6.337   1.00 11.65 ? 101 TRP A CD2 1 
ATOM   472  N  NE1 . TRP A 1 74  ? -12.045 -7.928  8.149   1.00 13.00 ? 101 TRP A NE1 1 
ATOM   473  C  CE2 . TRP A 1 74  ? -11.029 -8.282  7.310   1.00 11.80 ? 101 TRP A CE2 1 
ATOM   474  C  CE3 . TRP A 1 74  ? -9.944  -7.409  5.350   1.00 12.78 ? 101 TRP A CE3 1 
ATOM   475  C  CZ2 . TRP A 1 74  ? -10.225 -9.383  7.329   1.00 13.27 ? 101 TRP A CZ2 1 
ATOM   476  C  CZ3 . TRP A 1 74  ? -9.116  -8.502  5.398   1.00 12.39 ? 101 TRP A CZ3 1 
ATOM   477  C  CH2 . TRP A 1 74  ? -9.281  -9.491  6.385   1.00 12.17 ? 101 TRP A CH2 1 
ATOM   478  N  N   . VAL A 1 75  ? -14.532 -3.254  4.410   1.00 11.00 ? 102 VAL A N   1 
ATOM   479  C  CA  . VAL A 1 75  ? -14.921 -1.931  4.003   1.00 11.98 ? 102 VAL A CA  1 
ATOM   480  C  C   . VAL A 1 75  ? -15.299 -1.152  5.223   1.00 12.13 ? 102 VAL A C   1 
ATOM   481  O  O   . VAL A 1 75  ? -15.986 -1.643  6.120   1.00 12.59 ? 102 VAL A O   1 
ATOM   482  C  CB  . VAL A 1 75  ? -16.152 -2.008  3.046   1.00 12.04 ? 102 VAL A CB  1 
ATOM   483  C  CG1 . VAL A 1 75  ? -16.559 -0.590  2.585   1.00 14.31 ? 102 VAL A CG1 1 
ATOM   484  C  CG2 . VAL A 1 75  ? -15.869 -2.919  1.866   1.00 13.96 ? 102 VAL A CG2 1 
ATOM   485  N  N   . LYS A 1 76  ? -14.855 0.095   5.308   1.00 12.39 ? 103 LYS A N   1 
ATOM   486  C  CA  . LYS A 1 76  ? -15.232 0.993   6.411   1.00 11.73 ? 103 LYS A CA  1 
ATOM   487  C  C   . LYS A 1 76  ? -15.342 2.422   5.878   1.00 12.61 ? 103 LYS A C   1 
ATOM   488  O  O   . LYS A 1 76  ? -14.334 2.959   5.399   1.00 11.82 ? 103 LYS A O   1 
ATOM   489  C  CB  . LYS A 1 76  ? -14.234 0.975   7.559   1.00 12.41 ? 103 LYS A CB  1 
ATOM   490  C  CG  . LYS A 1 76  ? -14.750 1.696   8.811   1.00 15.61 ? 103 LYS A CG  1 
ATOM   491  C  CD  . LYS A 1 76  ? -13.832 1.533   9.977   1.00 23.60 ? 103 LYS A CD  1 
ATOM   492  C  CE  . LYS A 1 76  ? -14.266 2.415   11.145  1.00 31.98 ? 103 LYS A CE  1 
ATOM   493  N  NZ  . LYS A 1 76  ? -15.737 2.372   11.303  1.00 40.27 ? 103 LYS A NZ  1 
ATOM   494  N  N   . ASP A 1 77  ? -16.548 2.967   5.885   1.00 13.36 ? 104 ASP A N   1 
ATOM   495  C  CA  . ASP A 1 77  ? -16.770 4.330   5.391   1.00 14.29 ? 104 ASP A CA  1 
ATOM   496  C  C   . ASP A 1 77  ? -16.216 4.532   3.997   1.00 14.95 ? 104 ASP A C   1 
ATOM   497  O  O   . ASP A 1 77  ? -15.593 5.556   3.711   1.00 15.50 ? 104 ASP A O   1 
ATOM   498  C  CB  . ASP A 1 77  ? -16.157 5.332   6.349   1.00 17.74 ? 104 ASP A CB  1 
ATOM   499  C  CG  . ASP A 1 77  ? -16.770 5.262   7.719   1.00 24.86 ? 104 ASP A CG  1 
ATOM   500  O  OD1 . ASP A 1 77  ? -17.932 4.800   7.840   1.00 22.61 ? 104 ASP A OD1 1 
ATOM   501  O  OD2 . ASP A 1 77  ? -16.066 5.657   8.669   1.00 35.59 ? 104 ASP A OD2 1 
ATOM   502  N  N   . GLY A 1 78  ? -16.427 3.544   3.141   1.00 12.75 ? 105 GLY A N   1 
ATOM   503  C  CA  . GLY A 1 78  ? -16.050 3.615   1.747   1.00 13.20 ? 105 GLY A CA  1 
ATOM   504  C  C   . GLY A 1 78  ? -14.593 3.220   1.480   1.00 12.35 ? 105 GLY A C   1 
ATOM   505  O  O   . GLY A 1 78  ? -14.281 2.892   0.355   1.00 13.16 ? 105 GLY A O   1 
ATOM   506  N  N   . ALA A 1 79  ? -13.757 3.216   2.517   1.00 12.17 ? 106 ALA A N   1 
ATOM   507  C  CA  . ALA A 1 79  ? -12.362 2.720   2.334   1.00 12.30 ? 106 ALA A CA  1 
ATOM   508  C  C   . ALA A 1 79  ? -12.393 1.201   2.244   1.00 11.67 ? 106 ALA A C   1 
ATOM   509  O  O   . ALA A 1 79  ? -13.188 0.566   2.954   1.00 13.14 ? 106 ALA A O   1 
ATOM   510  C  CB  . ALA A 1 79  ? -11.483 3.151   3.489   1.00 14.20 ? 106 ALA A CB  1 
ATOM   511  N  N   . VAL A 1 80  ? -11.521 0.624   1.444   1.00 11.22 ? 107 VAL A N   1 
ATOM   512  C  CA  . VAL A 1 80  ? -11.524 -0.812  1.189   1.00 11.38 ? 107 VAL A CA  1 
ATOM   513  C  C   . VAL A 1 80  ? -10.146 -1.360  1.408   1.00 13.17 ? 107 VAL A C   1 
ATOM   514  O  O   . VAL A 1 80  ? -9.158  -0.884  0.820   1.00 12.64 ? 107 VAL A O   1 
ATOM   515  C  CB  . VAL A 1 80  ? -11.917 -1.120  -0.246  1.00 12.07 ? 107 VAL A CB  1 
ATOM   516  C  CG1 . VAL A 1 80  ? -11.997 -2.637  -0.461  1.00 14.82 ? 107 VAL A CG1 1 
ATOM   517  C  CG2 . VAL A 1 80  ? -13.284 -0.483  -0.620  1.00 14.27 ? 107 VAL A CG2 1 
ATOM   518  N  N   . ILE A 1 81  ? -10.045 -2.361  2.264   1.00 10.68 ? 108 ILE A N   1 
ATOM   519  C  CA  . ILE A 1 81  ? -8.798  -3.132  2.498   1.00 11.86 ? 108 ILE A CA  1 
ATOM   520  C  C   . ILE A 1 81  ? -8.967  -4.518  1.938   1.00 11.07 ? 108 ILE A C   1 
ATOM   521  O  O   . ILE A 1 81  ? -9.963  -5.195  2.260   1.00 11.74 ? 108 ILE A O   1 
ATOM   522  C  CB  . ILE A 1 81  ? -8.440  -3.204  3.976   1.00 12.14 ? 108 ILE A CB  1 
ATOM   523  C  CG1 . ILE A 1 81  ? -7.927  -1.830  4.457   1.00 12.29 ? 108 ILE A CG1 1 
ATOM   524  C  CG2 . ILE A 1 81  ? -7.366  -4.315  4.295   1.00 13.02 ? 108 ILE A CG2 1 
ATOM   525  C  CD1 . ILE A 1 81  ? -7.710  -1.768  5.958   1.00 13.94 ? 108 ILE A CD1 1 
ATOM   526  N  N   . ASN A 1 82  ? -7.996  -4.964  1.165   1.00 11.22 ? 109 ASN A N   1 
ATOM   527  C  CA  . ASN A 1 82  ? -7.976  -6.361  0.682   1.00 10.80 ? 109 ASN A CA  1 
ATOM   528  C  C   . ASN A 1 82  ? -6.689  -7.002  1.099   1.00 12.44 ? 109 ASN A C   1 
ATOM   529  O  O   . ASN A 1 82  ? -5.605  -6.375  1.047   1.00 12.88 ? 109 ASN A O   1 
ATOM   530  C  CB  . ASN A 1 82  ? -8.109  -6.400  -0.849  1.00 11.22 ? 109 ASN A CB  1 
ATOM   531  C  CG  . ASN A 1 82  ? -7.965  -7.771  -1.452  1.00 14.50 ? 109 ASN A CG  1 
ATOM   532  O  OD1 . ASN A 1 82  ? -6.965  -8.088  -2.107  1.00 16.95 ? 109 ASN A OD1 1 
ATOM   533  N  ND2 . ASN A 1 82  ? -8.976  -8.620  -1.248  1.00 14.77 ? 109 ASN A ND2 1 
ATOM   534  N  N   . ALA A 1 83  ? -6.759  -8.267  1.452   1.00 11.48 ? 110 ALA A N   1 
ATOM   535  C  CA  . ALA A 1 83  ? -5.534  -9.084  1.685   1.00 11.46 ? 110 ALA A CA  1 
ATOM   536  C  C   . ALA A 1 83  ? -5.741  -10.411 0.980   1.00 12.60 ? 110 ALA A C   1 
ATOM   537  O  O   . ALA A 1 83  ? -6.838  -10.999 1.067   1.00 13.35 ? 110 ALA A O   1 
ATOM   538  C  CB  . ALA A 1 83  ? -5.297  -9.260  3.166   1.00 13.86 ? 110 ALA A CB  1 
ATOM   539  N  N   . GLN A 1 84  ? -4.686  -10.905 0.342   1.00 11.51 ? 111 GLN A N   1 
ATOM   540  C  CA  . GLN A 1 84  ? -4.703  -12.201 -0.347  1.00 12.48 ? 111 GLN A CA  1 
ATOM   541  C  C   . GLN A 1 84  ? -3.654  -13.060 0.294   1.00 11.55 ? 111 GLN A C   1 
ATOM   542  O  O   . GLN A 1 84  ? -2.512  -12.665 0.422   1.00 13.08 ? 111 GLN A O   1 
ATOM   543  C  CB  . GLN A 1 84  ? -4.474  -12.053 -1.861  1.00 14.31 ? 111 GLN A CB  1 
ATOM   544  C  CG  . GLN A 1 84  ? -5.523  -11.109 -2.432  1.00 16.67 ? 111 GLN A CG  1 
ATOM   545  C  CD  . GLN A 1 84  ? -5.613  -11.078 -3.881  1.00 26.20 ? 111 GLN A CD  1 
ATOM   546  O  OE1 . GLN A 1 84  ? -5.331  -12.039 -4.535  1.00 25.40 ? 111 GLN A OE1 1 
ATOM   547  N  NE2 . GLN A 1 84  ? -6.171  -9.991  -4.400  1.00 29.54 ? 111 GLN A NE2 1 
ATOM   548  N  N   . LEU A 1 85  ? -4.035  -14.242 0.708   1.00 11.87 ? 112 LEU A N   1 
ATOM   549  C  CA  . LEU A 1 85  ? -3.212  -15.153 1.553   1.00 12.53 ? 112 LEU A CA  1 
ATOM   550  C  C   . LEU A 1 85  ? -2.986  -16.464 0.820   1.00 11.84 ? 112 LEU A C   1 
ATOM   551  O  O   . LEU A 1 85  ? -3.926  -17.054 0.249   1.00 13.09 ? 112 LEU A O   1 
ATOM   552  C  CB  . LEU A 1 85  ? -3.888  -15.401 2.911   1.00 11.83 ? 112 LEU A CB  1 
ATOM   553  C  CG  . LEU A 1 85  ? -3.780  -14.317 3.970   1.00 11.76 ? 112 LEU A CG  1 
ATOM   554  C  CD1 . LEU A 1 85  ? -4.491  -12.997 3.517   1.00 13.76 ? 112 LEU A CD1 1 
ATOM   555  C  CD2 . LEU A 1 85  ? -4.314  -14.769 5.298   1.00 14.54 ? 112 LEU A CD2 1 
ATOM   556  N  N   . TYR A 1 86  ? -1.749  -16.933 0.837   1.00 11.89 ? 113 TYR A N   1 
ATOM   557  C  CA  . TYR A 1 86  ? -1.410  -18.295 0.390   1.00 12.14 ? 113 TYR A CA  1 
ATOM   558  C  C   . TYR A 1 86  ? -1.114  -19.135 1.628   1.00 12.39 ? 113 TYR A C   1 
ATOM   559  O  O   . TYR A 1 86  ? -0.247  -18.798 2.411   1.00 12.68 ? 113 TYR A O   1 
ATOM   560  C  CB  . TYR A 1 86  ? -0.110  -18.216 -0.433  1.00 13.23 ? 113 TYR A CB  1 
ATOM   561  C  CG  . TYR A 1 86  ? 0.406   -19.546 -0.834  1.00 14.16 ? 113 TYR A CG  1 
ATOM   562  C  CD1 . TYR A 1 86  ? -0.315  -20.331 -1.733  1.00 14.81 ? 113 TYR A CD1 1 
ATOM   563  C  CD2 . TYR A 1 86  ? 1.598   -20.059 -0.348  1.00 14.51 ? 113 TYR A CD2 1 
ATOM   564  C  CE1 . TYR A 1 86  ? 0.132   -21.597 -2.072  1.00 15.36 ? 113 TYR A CE1 1 
ATOM   565  C  CE2 . TYR A 1 86  ? 2.030   -21.285 -0.707  1.00 16.51 ? 113 TYR A CE2 1 
ATOM   566  C  CZ  . TYR A 1 86  ? 1.346   -22.008 -1.607  1.00 17.01 ? 113 TYR A CZ  1 
ATOM   567  O  OH  . TYR A 1 86  ? 1.842   -23.298 -1.944  1.00 23.05 ? 113 TYR A OH  1 
ATOM   568  N  N   . LYS A 1 87  ? -1.892  -20.183 1.819   1.00 13.28 ? 114 LYS A N   1 
ATOM   569  C  CA  . LYS A 1 87  ? -1.740  -21.045 2.965   1.00 11.79 ? 114 LYS A CA  1 
ATOM   570  C  C   . LYS A 1 87  ? -1.643  -20.218 4.227   1.00 12.47 ? 114 LYS A C   1 
ATOM   571  O  O   . LYS A 1 87  ? -0.770  -20.419 5.075   1.00 12.90 ? 114 LYS A O   1 
ATOM   572  C  CB  . LYS A 1 87  ? -0.590  -22.011 2.761   1.00 15.41 ? 114 LYS A CB  1 
ATOM   573  C  CG  . LYS A 1 87  ? -0.949  -23.089 1.710   1.00 16.75 ? 114 LYS A CG  1 
ATOM   574  C  CD  . LYS A 1 87  ? 0.192   -24.076 1.455   1.00 19.45 ? 114 LYS A CD  1 
ATOM   575  C  CE  . LYS A 1 87  ? -0.132  -24.942 0.214   1.00 21.41 ? 114 LYS A CE  1 
ATOM   576  N  NZ  . LYS A 1 87  ? -1.257  -25.791 0.443   1.00 28.98 ? 114 LYS A NZ  1 
ATOM   577  N  N   . ASN A 1 88  ? -2.545  -19.244 4.342   1.00 12.64 ? 115 ASN A N   1 
ATOM   578  C  CA  . ASN A 1 88  ? -2.670  -18.447 5.536   1.00 12.82 ? 115 ASN A CA  1 
ATOM   579  C  C   . ASN A 1 88  ? -1.550  -17.509 5.823   1.00 12.90 ? 115 ASN A C   1 
ATOM   580  O  O   . ASN A 1 88  ? -1.334  -17.072 6.956   1.00 13.55 ? 115 ASN A O   1 
ATOM   581  C  CB  . ASN A 1 88  ? -2.988  -19.312 6.762   1.00 13.60 ? 115 ASN A CB  1 
ATOM   582  C  CG  . ASN A 1 88  ? -3.754  -18.521 7.852   1.00 14.45 ? 115 ASN A CG  1 
ATOM   583  O  OD1 . ASN A 1 88  ? -4.448  -17.528 7.548   1.00 14.99 ? 115 ASN A OD1 1 
ATOM   584  N  ND2 . ASN A 1 88  ? -3.649  -18.959 9.144   1.00 16.77 ? 115 ASN A ND2 1 
ATOM   585  N  N   . SER A 1 89  ? -0.885  -17.086 4.766   1.00 12.46 ? 116 SER A N   1 
ATOM   586  C  CA  . SER A 1 89  ? 0.200   -16.103 4.799   1.00 12.60 ? 116 SER A CA  1 
ATOM   587  C  C   . SER A 1 89  ? 0.013   -15.016 3.734   1.00 11.87 ? 116 SER A C   1 
ATOM   588  O  O   . SER A 1 89  ? -0.095  -15.307 2.525   1.00 12.13 ? 116 SER A O   1 
ATOM   589  C  CB  . SER A 1 89  ? 1.541   -16.798 4.561   1.00 12.71 ? 116 SER A CB  1 
ATOM   590  O  OG  . SER A 1 89  ? 2.624   -15.904 4.639   1.00 12.36 ? 116 SER A OG  1 
ATOM   591  N  N   . THR A 1 90  ? -0.114  -13.753 4.159   1.00 12.20 ? 117 THR A N   1 
ATOM   592  C  CA  . THR A 1 90  ? -0.427  -12.650 3.213   1.00 12.01 ? 117 THR A CA  1 
ATOM   593  C  C   . THR A 1 90  ? 0.652   -12.474 2.178   1.00 11.44 ? 117 THR A C   1 
ATOM   594  O  O   . THR A 1 90  ? 1.846   -12.342 2.500   1.00 12.59 ? 117 THR A O   1 
ATOM   595  C  CB  . THR A 1 90  ? -0.602  -11.335 3.974   1.00 12.21 ? 117 THR A CB  1 
ATOM   596  O  OG1 . THR A 1 90  ? -1.748  -11.450 4.819   1.00 12.60 ? 117 THR A OG1 1 
ATOM   597  C  CG2 . THR A 1 90  ? -0.832  -10.163 3.010   1.00 13.43 ? 117 THR A CG2 1 
ATOM   598  N  N   . VAL A 1 91  ? 0.265   -12.536 0.892   1.00 12.10 ? 118 VAL A N   1 
ATOM   599  C  CA  . VAL A 1 91  ? 1.130   -12.300 -0.264  1.00 11.65 ? 118 VAL A CA  1 
ATOM   600  C  C   . VAL A 1 91  ? 0.791   -11.023 -0.993  1.00 13.44 ? 118 VAL A C   1 
ATOM   601  O  O   . VAL A 1 91  ? 1.569   -10.609 -1.878  1.00 13.92 ? 118 VAL A O   1 
ATOM   602  C  CB  . VAL A 1 91  ? 1.187   -13.483 -1.233  1.00 12.32 ? 118 VAL A CB  1 
ATOM   603  C  CG1 . VAL A 1 91  ? 1.788   -14.738 -0.533  1.00 15.07 ? 118 VAL A CG1 1 
ATOM   604  C  CG2 . VAL A 1 91  ? -0.200  -13.812 -1.784  1.00 14.09 ? 118 VAL A CG2 1 
ATOM   605  N  N   . ALA A 1 92  ? -0.342  -10.396 -0.688  1.00 11.45 ? 119 ALA A N   1 
ATOM   606  C  CA  . ALA A 1 92  ? -0.715  -9.144  -1.353  1.00 12.03 ? 119 ALA A CA  1 
ATOM   607  C  C   . ALA A 1 92  ? -1.658  -8.409  -0.415  1.00 12.37 ? 119 ALA A C   1 
ATOM   608  O  O   . ALA A 1 92  ? -2.449  -9.030  0.303   1.00 12.56 ? 119 ALA A O   1 
ATOM   609  C  CB  . ALA A 1 92  ? -1.411  -9.390  -2.715  1.00 13.93 ? 119 ALA A CB  1 
ATOM   610  N  N   . ARG A 1 93  ? -1.599  -7.090  -0.416  1.00 11.57 ? 120 ARG A N   1 
ATOM   611  C  CA  . ARG A 1 93  ? -2.470  -6.241  0.353   1.00 11.57 ? 120 ARG A CA  1 
ATOM   612  C  C   . ARG A 1 93  ? -2.715  -4.910  -0.325  1.00 12.22 ? 120 ARG A C   1 
ATOM   613  O  O   . ARG A 1 93  ? -1.871  -4.462  -1.096  1.00 12.86 ? 120 ARG A O   1 
ATOM   614  C  CB  . ARG A 1 93  ? -1.882  -5.977  1.726   1.00 12.74 ? 120 ARG A CB  1 
ATOM   615  C  CG  . ARG A 1 93  ? -0.573  -5.193  1.704   1.00 12.79 ? 120 ARG A CG  1 
ATOM   616  C  CD  . ARG A 1 93  ? -0.067  -4.862  3.086   1.00 13.10 ? 120 ARG A CD  1 
ATOM   617  N  NE  . ARG A 1 93  ? 1.206   -4.145  2.945   1.00 13.47 ? 120 ARG A NE  1 
ATOM   618  C  CZ  . ARG A 1 93  ? 1.542   -3.079  3.641   1.00 15.05 ? 120 ARG A CZ  1 
ATOM   619  N  NH1 . ARG A 1 93  ? 0.845   -2.633  4.666   1.00 14.47 ? 120 ARG A NH1 1 
ATOM   620  N  NH2 . ARG A 1 93  ? 2.648   -2.407  3.256   1.00 15.65 ? 120 ARG A NH2 1 
ATOM   621  N  N   . SER A 1 94  ? -3.881  -4.327  -0.096  1.00 12.31 ? 121 SER A N   1 
ATOM   622  C  CA  . SER A 1 94  ? -4.131  -2.985  -0.645  1.00 12.20 ? 121 SER A CA  1 
ATOM   623  C  C   . SER A 1 94  ? -5.135  -2.283  0.208   1.00 13.11 ? 121 SER A C   1 
ATOM   624  O  O   . SER A 1 94  ? -5.991  -2.899  0.876   1.00 13.54 ? 121 SER A O   1 
ATOM   625  C  CB  . SER A 1 94  ? -4.602  -3.085  -2.063  1.00 14.12 ? 121 SER A CB  1 
ATOM   626  O  OG  . SER A 1 94  ? -5.856  -3.754  -2.136  1.00 16.25 ? 121 SER A OG  1 
ATOM   627  N  N   . ILE A 1 95  ? -5.030  -0.952  0.179   1.00 12.50 ? 122 ILE A N   1 
ATOM   628  C  CA  . ILE A 1 95  ? -6.086  -0.042  0.717   1.00 11.80 ? 122 ILE A CA  1 
ATOM   629  C  C   . ILE A 1 95  ? -6.410  0.942   -0.380  1.00 12.02 ? 122 ILE A C   1 
ATOM   630  O  O   . ILE A 1 95  ? -5.517  1.400   -1.070  1.00 13.69 ? 122 ILE A O   1 
ATOM   631  C  CB  . ILE A 1 95  ? -5.723  0.592   2.041   1.00 12.18 ? 122 ILE A CB  1 
ATOM   632  C  CG1 . ILE A 1 95  ? -6.924  1.348   2.545   1.00 12.82 ? 122 ILE A CG1 1 
ATOM   633  C  CG2 . ILE A 1 95  ? -4.472  1.473   1.933   1.00 12.77 ? 122 ILE A CG2 1 
ATOM   634  C  CD1 . ILE A 1 95  ? -6.731  1.809   4.007   1.00 16.04 ? 122 ILE A CD1 1 
ATOM   635  N  N   A SER A 1 96  ? -7.708  1.211   -0.538  0.60 11.08 ? 123 SER A N   1 
ATOM   636  N  N   B SER A 1 96  ? -7.687  1.294   -0.447  0.40 12.20 ? 123 SER A N   1 
ATOM   637  C  CA  A SER A 1 96  ? -8.192  2.256   -1.425  0.60 12.28 ? 123 SER A CA  1 
ATOM   638  C  CA  B SER A 1 96  ? -8.219  2.191   -1.473  0.40 14.51 ? 123 SER A CA  1 
ATOM   639  C  C   A SER A 1 96  ? -9.173  3.156   -0.743  0.60 12.38 ? 123 SER A C   1 
ATOM   640  C  C   B SER A 1 96  ? -9.266  3.076   -0.871  0.40 14.37 ? 123 SER A C   1 
ATOM   641  O  O   A SER A 1 96  ? -9.684  2.888   0.335   0.60 12.17 ? 123 SER A O   1 
ATOM   642  O  O   B SER A 1 96  ? -9.994  2.677   -0.001  0.40 14.93 ? 123 SER A O   1 
ATOM   643  C  CB  A SER A 1 96  ? -8.801  1.650   -2.689  0.60 15.33 ? 123 SER A CB  1 
ATOM   644  C  CB  B SER A 1 96  ? -8.850  1.405   -2.633  0.40 17.51 ? 123 SER A CB  1 
ATOM   645  O  OG  A SER A 1 96  ? -10.015 0.969   -2.374  0.60 16.33 ? 123 SER A OG  1 
ATOM   646  O  OG  B SER A 1 96  ? -7.983  0.427   -3.155  0.40 19.61 ? 123 SER A OG  1 
ATOM   647  N  N   . ASN A 1 97  ? -9.370  4.286   -1.402  1.00 15.00 ? 124 ASN A N   1 
ATOM   648  C  CA  . ASN A 1 97  ? -10.452 5.219   -1.047  1.00 14.71 ? 124 ASN A CA  1 
ATOM   649  C  C   . ASN A 1 97  ? -10.299 5.734   0.367   1.00 15.43 ? 124 ASN A C   1 
ATOM   650  O  O   . ASN A 1 97  ? -11.228 5.761   1.192   1.00 17.43 ? 124 ASN A O   1 
ATOM   651  C  CB  . ASN A 1 97  ? -11.841 4.590   -1.354  1.00 15.21 ? 124 ASN A CB  1 
ATOM   652  C  CG  . ASN A 1 97  ? -11.945 4.163   -2.790  1.00 17.59 ? 124 ASN A CG  1 
ATOM   653  O  OD1 . ASN A 1 97  ? -11.933 2.980   -3.101  1.00 26.01 ? 124 ASN A OD1 1 
ATOM   654  N  ND2 . ASN A 1 97  ? -12.068 5.128   -3.677  1.00 22.75 ? 124 ASN A ND2 1 
ATOM   655  N  N   . PHE A 1 98  ? -9.093  6.210   0.664   1.00 17.20 ? 125 PHE A N   1 
ATOM   656  C  CA  . PHE A 1 98  ? -8.740  6.849   1.906   1.00 15.68 ? 125 PHE A CA  1 
ATOM   657  C  C   . PHE A 1 98  ? -7.769  8.027   1.704   1.00 16.94 ? 125 PHE A C   1 
ATOM   658  O  O   . PHE A 1 98  ? -6.891  7.973   0.887   1.00 16.88 ? 125 PHE A O   1 
ATOM   659  C  CB  . PHE A 1 98  ? -8.068  5.811   2.841   1.00 15.68 ? 125 PHE A CB  1 
ATOM   660  C  CG  . PHE A 1 98  ? -7.569  6.425   4.094   1.00 16.09 ? 125 PHE A CG  1 
ATOM   661  C  CD1 . PHE A 1 98  ? -8.415  6.593   5.175   1.00 19.18 ? 125 PHE A CD1 1 
ATOM   662  C  CD2 . PHE A 1 98  ? -6.303  6.989   4.164   1.00 18.90 ? 125 PHE A CD2 1 
ATOM   663  C  CE1 . PHE A 1 98  ? -7.995  7.261   6.297   1.00 18.90 ? 125 PHE A CE1 1 
ATOM   664  C  CE2 . PHE A 1 98  ? -5.872  7.634   5.298   1.00 19.57 ? 125 PHE A CE2 1 
ATOM   665  C  CZ  . PHE A 1 98  ? -6.738  7.804   6.372   1.00 14.71 ? 125 PHE A CZ  1 
ATOM   666  N  N   A SER A 1 99  ? -7.985  9.105   2.452   0.25 17.09 ? 126 SER A N   1 
ATOM   667  N  N   B SER A 1 99  ? -7.952  9.077   2.492   0.25 17.63 ? 126 SER A N   1 
ATOM   668  N  N   C SER A 1 99  ? -7.970  9.112   2.444   0.50 17.93 ? 126 SER A N   1 
ATOM   669  C  CA  A SER A 1 99  ? -7.025  10.213  2.526   0.25 17.21 ? 126 SER A CA  1 
ATOM   670  C  CA  B SER A 1 99  ? -6.987  10.166  2.531   0.25 17.80 ? 126 SER A CA  1 
ATOM   671  C  CA  C SER A 1 99  ? -6.958  10.158  2.525   0.50 18.94 ? 126 SER A CA  1 
ATOM   672  C  C   A SER A 1 99  ? -6.849  10.691  3.967   0.25 16.95 ? 126 SER A C   1 
ATOM   673  C  C   B SER A 1 99  ? -6.848  10.713  3.947   0.25 17.30 ? 126 SER A C   1 
ATOM   674  C  C   C SER A 1 99  ? -6.838  10.693  3.949   0.50 17.54 ? 126 SER A C   1 
ATOM   675  O  O   A SER A 1 99  ? -7.812  10.791  4.729   0.25 18.80 ? 126 SER A O   1 
ATOM   676  O  O   B SER A 1 99  ? -7.830  10.872  4.673   0.25 19.18 ? 126 SER A O   1 
ATOM   677  O  O   C SER A 1 99  ? -7.827  10.821  4.675   0.50 20.64 ? 126 SER A O   1 
ATOM   678  C  CB  A SER A 1 99  ? -7.480  11.410  1.675   0.25 19.72 ? 126 SER A CB  1 
ATOM   679  C  CB  B SER A 1 99  ? -7.411  11.283  1.575   0.25 20.54 ? 126 SER A CB  1 
ATOM   680  C  CB  C SER A 1 99  ? -7.306  11.311  1.590   0.50 23.30 ? 126 SER A CB  1 
ATOM   681  O  OG  A SER A 1 99  ? -7.089  11.297  0.313   0.25 15.15 ? 126 SER A OG  1 
ATOM   682  O  OG  B SER A 1 99  ? -6.353  12.193  1.341   0.25 19.17 ? 126 SER A OG  1 
ATOM   683  O  OG  C SER A 1 99  ? -8.677  11.641  1.727   0.50 29.54 ? 126 SER A OG  1 
ATOM   684  N  N   . PHE A 1 100 ? -5.606  10.974  4.323   1.00 16.81 ? 127 PHE A N   1 
ATOM   685  C  CA  . PHE A 1 100 ? -5.286  11.647  5.599   1.00 16.95 ? 127 PHE A CA  1 
ATOM   686  C  C   . PHE A 1 100 ? -5.750  13.091  5.526   1.00 20.45 ? 127 PHE A C   1 
ATOM   687  O  O   . PHE A 1 100 ? -5.905  13.678  4.455   1.00 20.92 ? 127 PHE A O   1 
ATOM   688  C  CB  . PHE A 1 100 ? -3.807  11.648  5.885   1.00 18.08 ? 127 PHE A CB  1 
ATOM   689  C  CG  . PHE A 1 100 ? -3.206  10.282  6.156   1.00 18.12 ? 127 PHE A CG  1 
ATOM   690  C  CD1 . PHE A 1 100 ? -3.393  9.636   7.385   1.00 19.82 ? 127 PHE A CD1 1 
ATOM   691  C  CD2 . PHE A 1 100 ? -2.340  9.701   5.211   1.00 17.62 ? 127 PHE A CD2 1 
ATOM   692  C  CE1 . PHE A 1 100 ? -2.772  8.412   7.629   1.00 19.81 ? 127 PHE A CE1 1 
ATOM   693  C  CE2 . PHE A 1 100 ? -1.719  8.479   5.456   1.00 17.77 ? 127 PHE A CE2 1 
ATOM   694  C  CZ  . PHE A 1 100 ? -1.934  7.833   6.652   1.00 17.59 ? 127 PHE A CZ  1 
ATOM   695  N  N   . SER A 1 101 ? -6.016  13.645  6.705   1.00 20.02 ? 128 SER A N   1 
ATOM   696  C  CA  . SER A 1 101 ? -6.095  15.101  6.870   1.00 24.29 ? 128 SER A CA  1 
ATOM   697  C  C   . SER A 1 101 ? -4.827  15.495  7.561   1.00 21.30 ? 128 SER A C   1 
ATOM   698  O  O   . SER A 1 101 ? -4.589  15.118  8.699   1.00 25.76 ? 128 SER A O   1 
ATOM   699  C  CB  . SER A 1 101 ? -7.286  15.467  7.721   1.00 26.97 ? 128 SER A CB  1 
ATOM   700  O  OG  . SER A 1 101 ? -8.490  15.190  7.040   1.00 33.36 ? 128 SER A OG  1 
ATOM   701  N  N   . ARG A 1 102 ? -3.959  16.169  6.830   1.00 23.44 ? 129 ARG A N   1 
ATOM   702  C  CA  . ARG A 1 102 ? -2.624  16.486  7.328   1.00 23.21 ? 129 ARG A CA  1 
ATOM   703  C  C   . ARG A 1 102 ? -2.075  17.745  6.694   1.00 26.00 ? 129 ARG A C   1 
ATOM   704  O  O   . ARG A 1 102 ? -2.589  18.234  5.688   1.00 22.84 ? 129 ARG A O   1 
ATOM   705  C  CB  . ARG A 1 102 ? -1.639  15.332  7.142   1.00 23.26 ? 129 ARG A CB  1 
ATOM   706  C  CG  . ARG A 1 102 ? -1.407  14.885  5.713   1.00 21.08 ? 129 ARG A CG  1 
ATOM   707  C  CD  . ARG A 1 102 ? -0.445  13.711  5.686   1.00 19.60 ? 129 ARG A CD  1 
ATOM   708  N  NE  . ARG A 1 102 ? -0.520  13.018  4.389   1.00 17.93 ? 129 ARG A NE  1 
ATOM   709  C  CZ  . ARG A 1 102 ? 0.194   11.950  4.078   1.00 17.15 ? 129 ARG A CZ  1 
ATOM   710  N  NH1 . ARG A 1 102 ? 1.095   11.461  4.886   1.00 17.66 ? 129 ARG A NH1 1 
ATOM   711  N  NH2 . ARG A 1 102 ? -0.005  11.386  2.851   1.00 16.65 ? 129 ARG A NH2 1 
ATOM   712  N  N   . GLU A 1 103 ? -1.022  18.251  7.322   1.00 27.23 ? 130 GLU A N   1 
ATOM   713  C  CA  . GLU A 1 103 ? -0.397  19.501  6.877   1.00 29.49 ? 130 GLU A CA  1 
ATOM   714  C  C   . GLU A 1 103 ? 0.291   19.337  5.537   1.00 29.91 ? 130 GLU A C   1 
ATOM   715  O  O   . GLU A 1 103 ? 0.913   18.304  5.237   1.00 27.04 ? 130 GLU A O   1 
ATOM   716  C  CB  . GLU A 1 103 ? 0.585   20.061  7.923   1.00 31.99 ? 130 GLU A CB  1 
ATOM   717  N  N   . ALA A 1 104 ? 0.134   20.368  4.723   1.00 30.50 ? 131 ALA A N   1 
ATOM   718  C  CA  . ALA A 1 104 ? 0.768   20.446  3.410   1.00 30.07 ? 131 ALA A CA  1 
ATOM   719  C  C   . ALA A 1 104 ? 2.260   20.681  3.594   1.00 30.19 ? 131 ALA A C   1 
ATOM   720  O  O   . ALA A 1 104 ? 2.713   21.750  4.059   1.00 29.14 ? 131 ALA A O   1 
ATOM   721  C  CB  . ALA A 1 104 ? 0.135   21.535  2.562   1.00 28.44 ? 131 ALA A CB  1 
ATOM   722  N  N   . LYS A 1 105 ? 3.016   19.654  3.257   1.00 26.84 ? 132 LYS A N   1 
ATOM   723  C  CA  . LYS A 1 105 ? 4.443   19.651  3.439   1.00 25.67 ? 132 LYS A CA  1 
ATOM   724  C  C   . LYS A 1 105 ? 5.249   19.311  2.210   1.00 26.75 ? 132 LYS A C   1 
ATOM   725  O  O   . LYS A 1 105 ? 6.419   19.673  2.133   1.00 29.08 ? 132 LYS A O   1 
ATOM   726  C  CB  . LYS A 1 105 ? 4.817   18.726  4.586   1.00 30.73 ? 132 LYS A CB  1 
ATOM   727  C  CG  . LYS A 1 105 ? 4.136   19.148  5.912   1.00 33.01 ? 132 LYS A CG  1 
ATOM   728  C  CD  . LYS A 1 105 ? 4.956   18.835  7.124   1.00 42.86 ? 132 LYS A CD  1 
ATOM   729  C  CE  . LYS A 1 105 ? 5.350   17.390  7.184   1.00 39.68 ? 132 LYS A CE  1 
ATOM   730  N  NZ  . LYS A 1 105 ? 5.915   17.045  8.528   1.00 50.45 ? 132 LYS A NZ  1 
ATOM   731  N  N   . ILE A 1 106 ? 4.637   18.602  1.250   1.00 18.66 ? 133 ILE A N   1 
ATOM   732  C  CA  . ILE A 1 106 ? 5.360   18.144  0.077   1.00 19.20 ? 133 ILE A CA  1 
ATOM   733  C  C   . ILE A 1 106 ? 5.263   19.136  -1.054  1.00 17.90 ? 133 ILE A C   1 
ATOM   734  O  O   . ILE A 1 106 ? 4.199   19.400  -1.581  1.00 18.46 ? 133 ILE A O   1 
ATOM   735  C  CB  . ILE A 1 106 ? 4.849   16.758  -0.416  1.00 16.84 ? 133 ILE A CB  1 
ATOM   736  C  CG1 . ILE A 1 106 ? 4.891   15.718  0.697   1.00 17.39 ? 133 ILE A CG1 1 
ATOM   737  C  CG2 . ILE A 1 106 ? 5.643   16.322  -1.655  1.00 18.08 ? 133 ILE A CG2 1 
ATOM   738  C  CD1 . ILE A 1 106 ? 3.955   14.528  0.379   1.00 17.68 ? 133 ILE A CD1 1 
ATOM   739  N  N   . GLY A 1 107 ? 6.406   19.650  -1.477  1.00 18.48 ? 134 GLY A N   1 
ATOM   740  C  CA  . GLY A 1 107 ? 6.411   20.570  -2.622  1.00 19.96 ? 134 GLY A CA  1 
ATOM   741  C  C   . GLY A 1 107 ? 6.999   19.991  -3.885  1.00 17.19 ? 134 GLY A C   1 
ATOM   742  O  O   . GLY A 1 107 ? 7.541   18.859  -3.923  1.00 16.36 ? 134 GLY A O   1 
ATOM   743  N  N   . LYS A 1 108 ? 6.913   20.759  -4.950  1.00 16.02 ? 135 LYS A N   1 
ATOM   744  C  CA  . LYS A 1 108 ? 7.521   20.338  -6.208  1.00 18.36 ? 135 LYS A CA  1 
ATOM   745  C  C   . LYS A 1 108 ? 8.991   19.968  -6.078  1.00 18.09 ? 135 LYS A C   1 
ATOM   746  O  O   . LYS A 1 108 ? 9.479   19.023  -6.699  1.00 16.27 ? 135 LYS A O   1 
ATOM   747  C  CB  . LYS A 1 108 ? 7.292   21.370  -7.322  1.00 23.75 ? 135 LYS A CB  1 
ATOM   748  C  CG  . LYS A 1 108 ? 8.128   22.615  -7.223  1.00 21.50 ? 135 LYS A CG  1 
ATOM   749  N  N   . GLU A 1 109 ? 9.716   20.637  -5.200  1.00 16.84 ? 136 GLU A N   1 
ATOM   750  C  CA  . GLU A 1 109 ? 11.131  20.328  -5.054  1.00 15.11 ? 136 GLU A CA  1 
ATOM   751  C  C   . GLU A 1 109 ? 11.348  18.953  -4.432  1.00 13.93 ? 136 GLU A C   1 
ATOM   752  O  O   . GLU A 1 109 ? 12.273  18.204  -4.779  1.00 16.77 ? 136 GLU A O   1 
ATOM   753  C  CB  . GLU A 1 109 ? 11.849  21.387  -4.201  1.00 15.60 ? 136 GLU A CB  1 
ATOM   754  N  N   . ASP A 1 110 ? 10.499  18.601  -3.481  1.00 13.84 ? 137 ASP A N   1 
ATOM   755  C  CA  . ASP A 1 110 ? 10.561  17.292  -2.837  1.00 15.41 ? 137 ASP A CA  1 
ATOM   756  C  C   . ASP A 1 110 ? 10.323  16.210  -3.910  1.00 14.86 ? 137 ASP A C   1 
ATOM   757  O  O   . ASP A 1 110 ? 10.972  15.179  -3.930  1.00 15.89 ? 137 ASP A O   1 
ATOM   758  C  CB  . ASP A 1 110 ? 9.510   17.207  -1.760  1.00 14.72 ? 137 ASP A CB  1 
ATOM   759  C  CG  . ASP A 1 110 ? 9.769   18.189  -0.618  1.00 21.20 ? 137 ASP A CG  1 
ATOM   760  O  OD1 . ASP A 1 110 ? 10.898  18.190  -0.098  1.00 22.43 ? 137 ASP A OD1 1 
ATOM   761  O  OD2 . ASP A 1 110 ? 8.867   19.000  -0.326  1.00 27.37 ? 137 ASP A OD2 1 
ATOM   762  N  N   . TYR A 1 111 ? 9.333   16.450  -4.746  1.00 14.17 ? 138 TYR A N   1 
ATOM   763  C  CA  . TYR A 1 111 ? 9.040   15.547  -5.875  1.00 13.48 ? 138 TYR A CA  1 
ATOM   764  C  C   . TYR A 1 111 ? 10.214  15.414  -6.822  1.00 14.10 ? 138 TYR A C   1 
ATOM   765  O  O   . TYR A 1 111 ? 10.585  14.302  -7.261  1.00 14.45 ? 138 TYR A O   1 
ATOM   766  C  CB  . TYR A 1 111 ? 7.752   15.952  -6.575  1.00 14.65 ? 138 TYR A CB  1 
ATOM   767  C  CG  . TYR A 1 111 ? 7.400   15.084  -7.774  1.00 13.08 ? 138 TYR A CG  1 
ATOM   768  C  CD1 . TYR A 1 111 ? 6.724   13.887  -7.584  1.00 13.22 ? 138 TYR A CD1 1 
ATOM   769  C  CD2 . TYR A 1 111 ? 7.794   15.436  -9.047  1.00 15.26 ? 138 TYR A CD2 1 
ATOM   770  C  CE1 . TYR A 1 111 ? 6.417   13.084  -8.672  1.00 13.55 ? 138 TYR A CE1 1 
ATOM   771  C  CE2 . TYR A 1 111 ? 7.497   14.646  -10.154 1.00 14.75 ? 138 TYR A CE2 1 
ATOM   772  C  CZ  . TYR A 1 111 ? 6.809   13.461  -9.939  1.00 17.42 ? 138 TYR A CZ  1 
ATOM   773  O  OH  . TYR A 1 111 ? 6.516   12.683  -11.057 1.00 17.95 ? 138 TYR A OH  1 
ATOM   774  N  N   . ASP A 1 112 ? 10.827  16.538  -7.148  1.00 12.27 ? 139 ASP A N   1 
ATOM   775  C  CA  . ASP A 1 112 ? 11.905  16.568  -8.157  1.00 14.62 ? 139 ASP A CA  1 
ATOM   776  C  C   . ASP A 1 112 ? 13.095  15.792  -7.633  1.00 14.48 ? 139 ASP A C   1 
ATOM   777  O  O   . ASP A 1 112 ? 13.864  15.199  -8.405  1.00 20.06 ? 139 ASP A O   1 
ATOM   778  C  CB  . ASP A 1 112 ? 12.324  18.010  -8.503  1.00 17.98 ? 139 ASP A CB  1 
ATOM   779  C  CG  . ASP A 1 112 ? 11.269  18.757  -9.281  1.00 23.25 ? 139 ASP A CG  1 
ATOM   780  O  OD1 . ASP A 1 112 ? 10.309  18.149  -9.812  1.00 19.63 ? 139 ASP A OD1 1 
ATOM   781  O  OD2 . ASP A 1 112 ? 11.380  20.011  -9.345  1.00 22.58 ? 139 ASP A OD2 1 
ATOM   782  N  N   A GLU A 1 113 ? 13.245  15.820  -6.320  0.50 15.80 ? 140 GLU A N   1 
ATOM   783  N  N   B GLU A 1 113 ? 13.277  15.792  -6.325  0.50 15.83 ? 140 GLU A N   1 
ATOM   784  C  CA  A GLU A 1 113 ? 14.389  15.178  -5.655  0.50 18.24 ? 140 GLU A CA  1 
ATOM   785  C  CA  B GLU A 1 113 ? 14.457  15.108  -5.737  0.50 17.79 ? 140 GLU A CA  1 
ATOM   786  C  C   A GLU A 1 113 ? 14.316  13.645  -5.639  0.50 17.54 ? 140 GLU A C   1 
ATOM   787  C  C   B GLU A 1 113 ? 14.222  13.625  -5.389  0.50 17.36 ? 140 GLU A C   1 
ATOM   788  O  O   A GLU A 1 113 ? 15.318  12.976  -5.435  0.50 21.31 ? 140 GLU A O   1 
ATOM   789  O  O   B GLU A 1 113 ? 14.974  12.961  -4.687  0.50 16.53 ? 140 GLU A O   1 
ATOM   790  C  CB  A GLU A 1 113 ? 14.520  15.637  -4.204  0.50 19.28 ? 140 GLU A CB  1 
ATOM   791  C  CB  B GLU A 1 113 ? 15.006  15.883  -4.534  0.50 18.82 ? 140 GLU A CB  1 
ATOM   792  C  CG  A GLU A 1 113 ? 15.067  17.028  -3.936  0.50 23.20 ? 140 GLU A CG  1 
ATOM   793  C  CG  B GLU A 1 113 ? 14.508  15.465  -3.174  0.50 19.40 ? 140 GLU A CG  1 
ATOM   794  C  CD  A GLU A 1 113 ? 14.958  17.338  -2.441  0.50 29.65 ? 140 GLU A CD  1 
ATOM   795  C  CD  B GLU A 1 113 ? 15.001  16.387  -2.061  0.50 32.61 ? 140 GLU A CD  1 
ATOM   796  O  OE1 A GLU A 1 113 ? 15.799  16.824  -1.670  0.50 29.59 ? 140 GLU A OE1 1 
ATOM   797  O  OE1 B GLU A 1 113 ? 14.814  16.033  -0.875  0.50 34.71 ? 140 GLU A OE1 1 
ATOM   798  O  OE2 A GLU A 1 113 ? 13.992  18.022  -2.029  0.50 27.07 ? 140 GLU A OE2 1 
ATOM   799  O  OE2 B GLU A 1 113 ? 15.568  17.461  -2.376  0.50 39.55 ? 140 GLU A OE2 1 
ATOM   800  N  N   . LEU A 1 114 ? 13.118  13.092  -5.864  1.00 16.18 ? 141 LEU A N   1 
ATOM   801  C  CA  . LEU A 1 114 ? 12.919  11.632  -5.808  1.00 14.09 ? 141 LEU A CA  1 
ATOM   802  C  C   . LEU A 1 114 ? 13.670  11.064  -6.994  1.00 17.53 ? 141 LEU A C   1 
ATOM   803  O  O   . LEU A 1 114 ? 13.475  11.506  -8.130  1.00 19.46 ? 141 LEU A O   1 
ATOM   804  C  CB  . LEU A 1 114 ? 11.435  11.300  -5.981  1.00 13.41 ? 141 LEU A CB  1 
ATOM   805  C  CG  . LEU A 1 114 ? 10.553  11.801  -4.865  1.00 12.04 ? 141 LEU A CG  1 
ATOM   806  C  CD1 . LEU A 1 114 ? 9.060   11.609  -5.219  1.00 15.14 ? 141 LEU A CD1 1 
ATOM   807  C  CD2 . LEU A 1 114 ? 10.863  11.183  -3.482  1.00 16.55 ? 141 LEU A CD2 1 
ATOM   808  N  N   . LYS A 1 115 ? 14.503  10.054  -6.738  1.00 15.57 ? 142 LYS A N   1 
ATOM   809  C  CA  . LYS A 1 115 ? 15.334  9.453   -7.761  1.00 16.22 ? 142 LYS A CA  1 
ATOM   810  C  C   . LYS A 1 115 ? 15.058  7.968   -7.923  1.00 13.47 ? 142 LYS A C   1 
ATOM   811  O  O   . LYS A 1 115 ? 14.794  7.253   -6.966  1.00 14.74 ? 142 LYS A O   1 
ATOM   812  C  CB  . LYS A 1 115 ? 16.803  9.616   -7.385  1.00 19.18 ? 142 LYS A CB  1 
ATOM   813  C  CG  . LYS A 1 115 ? 17.248  11.089  -7.253  1.00 23.95 ? 142 LYS A CG  1 
ATOM   814  N  N   . ILE A 1 116 ? 15.090  7.542   -9.173  1.00 16.11 ? 143 ILE A N   1 
ATOM   815  C  CA  . ILE A 1 116 ? 15.013  6.118   -9.501  1.00 15.64 ? 143 ILE A CA  1 
ATOM   816  C  C   . ILE A 1 116 ? 16.119  5.381   -8.733  1.00 15.05 ? 143 ILE A C   1 
ATOM   817  O  O   . ILE A 1 116 ? 17.287  5.798   -8.724  1.00 16.60 ? 143 ILE A O   1 
ATOM   818  C  CB  . ILE A 1 116 ? 15.131  5.860   -11.015 1.00 19.70 ? 143 ILE A CB  1 
ATOM   819  C  CG1 . ILE A 1 116 ? 14.021  6.581   -11.798 1.00 22.83 ? 143 ILE A CG1 1 
ATOM   820  C  CG2 . ILE A 1 116 ? 15.138  4.353   -11.289 1.00 19.55 ? 143 ILE A CG2 1 
ATOM   821  C  CD1 . ILE A 1 116 ? 12.697  6.542   -11.139 1.00 27.21 ? 143 ILE A CD1 1 
ATOM   822  N  N   . GLY A 1 117 ? 15.726  4.323   -8.027  1.00 13.42 ? 144 GLY A N   1 
ATOM   823  C  CA  . GLY A 1 117 ? 16.604  3.528   -7.187  1.00 14.19 ? 144 GLY A CA  1 
ATOM   824  C  C   . GLY A 1 117 ? 16.563  3.907   -5.726  1.00 15.81 ? 144 GLY A C   1 
ATOM   825  O  O   . GLY A 1 117 ? 17.167  3.246   -4.856  1.00 17.76 ? 144 GLY A O   1 
ATOM   826  N  N   . GLU A 1 118 ? 15.890  5.015   -5.421  1.00 15.19 ? 145 GLU A N   1 
ATOM   827  C  CA  . GLU A 1 118 ? 15.769  5.466   -4.031  1.00 14.46 ? 145 GLU A CA  1 
ATOM   828  C  C   . GLU A 1 118 ? 14.820  4.513   -3.251  1.00 15.99 ? 145 GLU A C   1 
ATOM   829  O  O   . GLU A 1 118 ? 13.801  4.018   -3.764  1.00 15.08 ? 145 GLU A O   1 
ATOM   830  C  CB  . GLU A 1 118 ? 15.251  6.911   -3.978  1.00 16.14 ? 145 GLU A CB  1 
ATOM   831  C  CG  . GLU A 1 118 ? 15.112  7.479   -2.596  1.00 16.14 ? 145 GLU A CG  1 
ATOM   832  C  CD  . GLU A 1 118 ? 14.714  8.934   -2.603  1.00 18.79 ? 145 GLU A CD  1 
ATOM   833  O  OE1 . GLU A 1 118 ? 14.512  9.455   -3.723  1.00 17.34 ? 145 GLU A OE1 1 
ATOM   834  O  OE2 . GLU A 1 118 ? 14.600  9.575   -1.525  1.00 18.41 ? 145 GLU A OE2 1 
ATOM   835  N  N   . SER A 1 119 ? 15.121  4.205   -1.981  1.00 15.39 ? 146 SER A N   1 
ATOM   836  C  CA  . SER A 1 119 ? 14.315  3.265   -1.242  1.00 16.32 ? 146 SER A CA  1 
ATOM   837  C  C   . SER A 1 119 ? 12.970  3.817   -0.794  1.00 16.47 ? 146 SER A C   1 
ATOM   838  O  O   . SER A 1 119 ? 12.836  5.000   -0.482  1.00 14.49 ? 146 SER A O   1 
ATOM   839  C  CB  . SER A 1 119 ? 15.096  2.718   -0.018  1.00 16.97 ? 146 SER A CB  1 
ATOM   840  O  OG  . SER A 1 119 ? 15.208  3.700   0.981   1.00 19.56 ? 146 SER A OG  1 
ATOM   841  N  N   . TYR A 1 120 ? 11.998  2.941   -0.806  1.00 16.27 ? 147 TYR A N   1 
ATOM   842  C  CA  . TYR A 1 120 ? 10.700  3.250   -0.212  1.00 16.16 ? 147 TYR A CA  1 
ATOM   843  C  C   . TYR A 1 120 ? 10.866  3.735   1.208   1.00 19.01 ? 147 TYR A C   1 
ATOM   844  O  O   . TYR A 1 120 ? 10.235  4.706   1.615   1.00 15.64 ? 147 TYR A O   1 
ATOM   845  C  CB  . TYR A 1 120 ? 9.788   2.036   -0.266  1.00 17.72 ? 147 TYR A CB  1 
ATOM   846  C  CG  . TYR A 1 120 ? 8.436   2.249   0.394   1.00 17.46 ? 147 TYR A CG  1 
ATOM   847  C  CD1 . TYR A 1 120 ? 7.612   3.270   -0.056  1.00 16.27 ? 147 TYR A CD1 1 
ATOM   848  C  CD2 . TYR A 1 120 ? 8.014   1.502   1.454   1.00 22.06 ? 147 TYR A CD2 1 
ATOM   849  C  CE1 . TYR A 1 120 ? 6.366   3.505   0.496   1.00 16.81 ? 147 TYR A CE1 1 
ATOM   850  C  CE2 . TYR A 1 120 ? 6.761   1.738   2.018   1.00 19.47 ? 147 TYR A CE2 1 
ATOM   851  C  CZ  . TYR A 1 120 ? 5.949   2.745   1.527   1.00 19.80 ? 147 TYR A CZ  1 
ATOM   852  O  OH  . TYR A 1 120 ? 4.707   3.029   2.075   1.00 21.86 ? 147 TYR A OH  1 
ATOM   853  N  N   . LYS A 1 121 ? 11.729  3.079   1.997   1.00 17.71 ? 148 LYS A N   1 
ATOM   854  C  CA  . LYS A 1 121 ? 11.905  3.517   3.362   1.00 19.22 ? 148 LYS A CA  1 
ATOM   855  C  C   . LYS A 1 121 ? 12.330  4.987   3.451   1.00 17.21 ? 148 LYS A C   1 
ATOM   856  O  O   . LYS A 1 121 ? 11.815  5.744   4.287   1.00 18.18 ? 148 LYS A O   1 
ATOM   857  C  CB  . LYS A 1 121 ? 12.919  2.605   4.098   1.00 23.44 ? 148 LYS A CB  1 
ATOM   858  C  CG  . LYS A 1 121 ? 13.061  2.909   5.585   1.00 29.63 ? 148 LYS A CG  1 
ATOM   859  N  N   . LYS A 1 122 ? 13.301  5.389   2.638   1.00 17.24 ? 149 LYS A N   1 
ATOM   860  C  CA  . LYS A 1 122 ? 13.806  6.765   2.658   1.00 16.39 ? 149 LYS A CA  1 
ATOM   861  C  C   . LYS A 1 122 ? 12.692  7.756   2.242   1.00 16.10 ? 149 LYS A C   1 
ATOM   862  O  O   . LYS A 1 122 ? 12.515  8.838   2.821   1.00 17.64 ? 149 LYS A O   1 
ATOM   863  C  CB  . LYS A 1 122 ? 15.028  6.955   1.772   1.00 18.33 ? 149 LYS A CB  1 
ATOM   864  C  CG  . LYS A 1 122 ? 15.567  8.351   1.752   1.00 21.30 ? 149 LYS A CG  1 
ATOM   865  C  CD  . LYS A 1 122 ? 16.873  8.388   1.003   1.00 21.89 ? 149 LYS A CD  1 
ATOM   866  C  CE  . LYS A 1 122 ? 17.308  9.819   0.777   1.00 27.39 ? 149 LYS A CE  1 
ATOM   867  N  NZ  . LYS A 1 122 ? 18.672  9.860   0.159   1.00 29.82 ? 149 LYS A NZ  1 
ATOM   868  N  N   . ILE A 1 123 ? 11.921  7.331   1.240   1.00 15.45 ? 150 ILE A N   1 
ATOM   869  C  CA  . ILE A 1 123 ? 10.880  8.198   0.716   1.00 15.79 ? 150 ILE A CA  1 
ATOM   870  C  C   . ILE A 1 123 ? 9.769   8.387   1.724   1.00 13.71 ? 150 ILE A C   1 
ATOM   871  O  O   . ILE A 1 123 ? 9.246   9.483   1.894   1.00 14.53 ? 150 ILE A O   1 
ATOM   872  C  CB  . ILE A 1 123 ? 10.369  7.656   -0.654  1.00 12.96 ? 150 ILE A CB  1 
ATOM   873  C  CG1 . ILE A 1 123 ? 11.459  7.912   -1.648  1.00 13.07 ? 150 ILE A CG1 1 
ATOM   874  C  CG2 . ILE A 1 123 ? 9.016   8.338   -1.077  1.00 15.19 ? 150 ILE A CG2 1 
ATOM   875  C  CD1 . ILE A 1 123 ? 11.306  7.225   -2.999  1.00 14.71 ? 150 ILE A CD1 1 
ATOM   876  N  N   . VAL A 1 124 ? 9.418   7.359   2.453   1.00 15.97 ? 151 VAL A N   1 
ATOM   877  C  CA  . VAL A 1 124 ? 8.413   7.569   3.497   1.00 16.39 ? 151 VAL A CA  1 
ATOM   878  C  C   . VAL A 1 124 ? 8.927   8.501   4.633   1.00 20.15 ? 151 VAL A C   1 
ATOM   879  O  O   . VAL A 1 124 ? 8.170   9.289   5.213   1.00 19.48 ? 151 VAL A O   1 
ATOM   880  C  CB  . VAL A 1 124 ? 7.953   6.253   4.112   1.00 17.19 ? 151 VAL A CB  1 
ATOM   881  C  CG1 . VAL A 1 124 ? 7.088   6.472   5.374   1.00 18.46 ? 151 VAL A CG1 1 
ATOM   882  C  CG2 . VAL A 1 124 ? 7.182   5.453   3.051   1.00 16.12 ? 151 VAL A CG2 1 
ATOM   883  N  N   . GLU A 1 125 ? 10.223  8.452   4.887   1.00 19.19 ? 152 GLU A N   1 
ATOM   884  C  CA  . GLU A 1 125 ? 10.807  9.360   5.882   1.00 22.89 ? 152 GLU A CA  1 
ATOM   885  C  C   . GLU A 1 125 ? 10.678  10.797  5.411   1.00 21.76 ? 152 GLU A C   1 
ATOM   886  O  O   . GLU A 1 125 ? 10.481  11.713  6.200   1.00 28.29 ? 152 GLU A O   1 
ATOM   887  C  CB  . GLU A 1 125 ? 12.278  9.023   6.153   1.00 23.01 ? 152 GLU A CB  1 
ATOM   888  C  CG  . GLU A 1 125 ? 12.425  7.734   6.921   1.00 27.18 ? 152 GLU A CG  1 
ATOM   889  C  CD  . GLU A 1 125 ? 13.876  7.268   7.036   1.00 37.19 ? 152 GLU A CD  1 
ATOM   890  O  OE1 . GLU A 1 125 ? 14.774  7.963   6.518   1.00 39.26 ? 152 GLU A OE1 1 
ATOM   891  O  OE2 . GLU A 1 125 ? 14.098  6.201   7.638   1.00 40.42 ? 152 GLU A OE2 1 
ATOM   892  N  N   . LYS A 1 126 ? 10.841  10.996  4.117   1.00 18.30 ? 153 LYS A N   1 
ATOM   893  C  CA  . LYS A 1 126 ? 10.773  12.333  3.504   1.00 18.55 ? 153 LYS A CA  1 
ATOM   894  C  C   . LYS A 1 126 ? 9.344   12.838  3.278   1.00 21.20 ? 153 LYS A C   1 
ATOM   895  O  O   . LYS A 1 126 ? 9.045   14.028  3.488   1.00 22.54 ? 153 LYS A O   1 
ATOM   896  C  CB  . LYS A 1 126 ? 11.515  12.362  2.149   1.00 22.15 ? 153 LYS A CB  1 
ATOM   897  C  CG  . LYS A 1 126 ? 13.031  12.147  2.226   1.00 28.00 ? 153 LYS A CG  1 
ATOM   898  N  N   . LEU A 1 127 ? 8.441   11.964  2.828   1.00 16.62 ? 154 LEU A N   1 
ATOM   899  C  CA  . LEU A 1 127 ? 7.126   12.426  2.390   1.00 15.82 ? 154 LEU A CA  1 
ATOM   900  C  C   . LEU A 1 127 ? 6.022   12.100  3.363   1.00 15.20 ? 154 LEU A C   1 
ATOM   901  O  O   . LEU A 1 127 ? 4.886   12.560  3.186   1.00 18.19 ? 154 LEU A O   1 
ATOM   902  C  CB  . LEU A 1 127 ? 6.704   11.834  1.022   1.00 15.70 ? 154 LEU A CB  1 
ATOM   903  C  CG  . LEU A 1 127 ? 7.695   11.975  -0.119  1.00 17.15 ? 154 LEU A CG  1 
ATOM   904  C  CD1 . LEU A 1 127 ? 7.100   11.419  -1.449  1.00 18.12 ? 154 LEU A CD1 1 
ATOM   905  C  CD2 . LEU A 1 127 ? 8.145   13.456  -0.243  1.00 17.27 ? 154 LEU A CD2 1 
ATOM   906  N  N   . GLY A 1 128 ? 6.343   11.280  4.353   1.00 16.08 ? 155 GLY A N   1 
ATOM   907  C  CA  . GLY A 1 128 ? 5.317   10.684  5.202   1.00 16.49 ? 155 GLY A CA  1 
ATOM   908  C  C   . GLY A 1 128 ? 4.641   9.519   4.465   1.00 16.66 ? 155 GLY A C   1 
ATOM   909  O  O   . GLY A 1 128 ? 4.974   9.196   3.320   1.00 17.10 ? 155 GLY A O   1 
ATOM   910  N  N   . GLU A 1 129 ? 3.780   8.819   5.174   1.00 16.01 ? 156 GLU A N   1 
ATOM   911  C  CA  . GLU A 1 129 ? 3.132   7.638   4.606   1.00 16.77 ? 156 GLU A CA  1 
ATOM   912  C  C   . GLU A 1 129 ? 2.226   8.044   3.463   1.00 14.78 ? 156 GLU A C   1 
ATOM   913  O  O   . GLU A 1 129 ? 1.569   9.082   3.480   1.00 16.26 ? 156 GLU A O   1 
ATOM   914  C  CB  . GLU A 1 129 ? 2.286   6.916   5.674   1.00 17.64 ? 156 GLU A CB  1 
ATOM   915  C  CG  . GLU A 1 129 ? 3.078   6.198   6.723   1.00 21.86 ? 156 GLU A CG  1 
ATOM   916  C  CD  . GLU A 1 129 ? 2.192   5.465   7.748   1.00 23.91 ? 156 GLU A CD  1 
ATOM   917  O  OE1 . GLU A 1 129 ? 0.979   5.304   7.525   1.00 23.27 ? 156 GLU A OE1 1 
ATOM   918  O  OE2 . GLU A 1 129 ? 2.748   5.048   8.789   1.00 38.11 ? 156 GLU A OE2 1 
ATOM   919  N  N   . PRO A 1 130 ? 2.197   7.209   2.386   1.00 14.94 ? 157 PRO A N   1 
ATOM   920  C  CA  . PRO A 1 130 ? 1.242   7.473   1.298   1.00 14.86 ? 157 PRO A CA  1 
ATOM   921  C  C   . PRO A 1 130 ? -0.184  7.305   1.842   1.00 15.29 ? 157 PRO A C   1 
ATOM   922  O  O   . PRO A 1 130 ? -0.432  6.545   2.793   1.00 15.87 ? 157 PRO A O   1 
ATOM   923  C  CB  . PRO A 1 130 ? 1.591   6.430   0.249   1.00 15.78 ? 157 PRO A CB  1 
ATOM   924  C  CG  . PRO A 1 130 ? 2.052   5.268   1.056   1.00 15.64 ? 157 PRO A CG  1 
ATOM   925  C  CD  . PRO A 1 130 ? 2.901   5.934   2.204   1.00 14.94 ? 157 PRO A CD  1 
ATOM   926  N  N   . ASP A 1 131 ? -1.126  8.004   1.270   1.00 13.50 ? 158 ASP A N   1 
ATOM   927  C  CA  . ASP A 1 131 ? -2.512  7.851   1.642   1.00 13.23 ? 158 ASP A CA  1 
ATOM   928  C  C   . ASP A 1 131 ? -3.017  6.414   1.397   1.00 14.66 ? 158 ASP A C   1 
ATOM   929  O  O   . ASP A 1 131 ? -3.706  5.800   2.225   1.00 15.50 ? 158 ASP A O   1 
ATOM   930  C  CB  . ASP A 1 131 ? -3.405  8.855   0.894   1.00 15.15 ? 158 ASP A CB  1 
ATOM   931  C  CG  . ASP A 1 131 ? -3.090  10.296  1.270   1.00 18.61 ? 158 ASP A CG  1 
ATOM   932  O  OD1 . ASP A 1 131 ? -2.091  10.805  0.738   1.00 15.52 ? 158 ASP A OD1 1 
ATOM   933  O  OD2 . ASP A 1 131 ? -3.784  10.818  2.196   1.00 16.12 ? 158 ASP A OD2 1 
ATOM   934  N  N   . VAL A 1 132 ? -2.735  5.903   0.194   1.00 13.88 ? 159 VAL A N   1 
ATOM   935  C  CA  . VAL A 1 132 ? -3.130  4.524   -0.173  1.00 12.92 ? 159 VAL A CA  1 
ATOM   936  C  C   . VAL A 1 132 ? -1.963  3.831   -0.814  1.00 13.51 ? 159 VAL A C   1 
ATOM   937  O  O   . VAL A 1 132 ? -1.019  4.461   -1.327  1.00 12.86 ? 159 VAL A O   1 
ATOM   938  C  CB  . VAL A 1 132 ? -4.371  4.461   -1.074  1.00 15.39 ? 159 VAL A CB  1 
ATOM   939  C  CG1 . VAL A 1 132 ? -5.633  5.008   -0.358  1.00 16.09 ? 159 VAL A CG1 1 
ATOM   940  C  CG2 . VAL A 1 132 ? -4.139  5.202   -2.332  1.00 15.13 ? 159 VAL A CG2 1 
ATOM   941  N  N   . LEU A 1 133 ? -2.003  2.498   -0.762  1.00 13.38 ? 160 LEU A N   1 
ATOM   942  C  CA  . LEU A 1 133 ? -0.983  1.693   -1.434  1.00 13.51 ? 160 LEU A CA  1 
ATOM   943  C  C   . LEU A 1 133 ? -1.512  0.301   -1.687  1.00 12.49 ? 160 LEU A C   1 
ATOM   944  O  O   . LEU A 1 133 ? -2.487  -0.153  -1.088  1.00 14.00 ? 160 LEU A O   1 
ATOM   945  C  CB  . LEU A 1 133 ? 0.310   1.642   -0.633  1.00 15.50 ? 160 LEU A CB  1 
ATOM   946  C  CG  . LEU A 1 133 ? 0.348   0.780   0.627   1.00 15.27 ? 160 LEU A CG  1 
ATOM   947  C  CD1 . LEU A 1 133 ? 0.640   -0.716  0.368   1.00 17.15 ? 160 LEU A CD1 1 
ATOM   948  C  CD2 . LEU A 1 133 ? 1.404   1.291   1.628   1.00 18.15 ? 160 LEU A CD2 1 
ATOM   949  N  N   A SER A 1 134 ? -0.870  -0.371  -2.626  0.60 13.15 ? 161 SER A N   1 
ATOM   950  N  N   B SER A 1 134 ? -0.846  -0.346  -2.619  0.40 13.28 ? 161 SER A N   1 
ATOM   951  C  CA  A SER A 1 134 ? -1.093  -1.776  -2.981  0.60 13.72 ? 161 SER A CA  1 
ATOM   952  C  CA  B SER A 1 134 ? -0.976  -1.752  -2.858  0.40 13.31 ? 161 SER A CA  1 
ATOM   953  C  C   A SER A 1 134 ? 0.261   -2.456  -3.154  0.60 11.84 ? 161 SER A C   1 
ATOM   954  C  C   B SER A 1 134 ? 0.401   -2.372  -2.903  0.40 13.51 ? 161 SER A C   1 
ATOM   955  O  O   A SER A 1 134 ? 1.122   -1.903  -3.859  0.60 13.22 ? 161 SER A O   1 
ATOM   956  O  O   B SER A 1 134 ? 1.415   -1.726  -3.217  0.40 11.36 ? 161 SER A O   1 
ATOM   957  C  CB  A SER A 1 134 ? -1.859  -1.883  -4.278  0.60 16.10 ? 161 SER A CB  1 
ATOM   958  C  CB  B SER A 1 134 ? -1.715  -2.025  -4.147  0.40 11.61 ? 161 SER A CB  1 
ATOM   959  O  OG  A SER A 1 134 ? -1.987  -3.238  -4.707  0.60 18.89 ? 161 SER A OG  1 
ATOM   960  O  OG  B SER A 1 134 ? -1.111  -1.424  -5.284  0.40 15.41 ? 161 SER A OG  1 
ATOM   961  N  N   . GLN A 1 135 ? 0.449   -3.632  -2.529  1.00 12.91 ? 162 GLN A N   1 
ATOM   962  C  CA  . GLN A 1 135 ? 1.755   -4.316  -2.445  1.00 12.68 ? 162 GLN A CA  1 
ATOM   963  C  C   . GLN A 1 135 ? 1.577   -5.775  -2.710  1.00 13.15 ? 162 GLN A C   1 
ATOM   964  O  O   . GLN A 1 135 ? 0.601   -6.356  -2.188  1.00 14.59 ? 162 GLN A O   1 
ATOM   965  C  CB  . GLN A 1 135 ? 2.364   -4.131  -1.091  1.00 12.70 ? 162 GLN A CB  1 
ATOM   966  C  CG  . GLN A 1 135 ? 3.775   -4.763  -0.930  1.00 14.00 ? 162 GLN A CG  1 
ATOM   967  C  CD  . GLN A 1 135 ? 4.368   -4.583  0.410   1.00 13.52 ? 162 GLN A CD  1 
ATOM   968  O  OE1 . GLN A 1 135 ? 3.648   -4.484  1.415   1.00 14.92 ? 162 GLN A OE1 1 
ATOM   969  N  NE2 . GLN A 1 135 ? 5.720   -4.570  0.475   1.00 17.47 ? 162 GLN A NE2 1 
ATOM   970  N  N   . SER A 1 136 ? 2.408   -6.375  -3.539  1.00 14.48 ? 163 SER A N   1 
ATOM   971  C  CA  . SER A 1 136 ? 2.294   -7.843  -3.734  1.00 15.88 ? 163 SER A CA  1 
ATOM   972  C  C   . SER A 1 136 ? 3.660   -8.420  -3.952  1.00 17.30 ? 163 SER A C   1 
ATOM   973  O  O   . SER A 1 136 ? 4.622   -7.700  -4.273  1.00 17.81 ? 163 SER A O   1 
ATOM   974  C  CB  . SER A 1 136 ? 1.449   -8.185  -4.931  1.00 18.13 ? 163 SER A CB  1 
ATOM   975  O  OG  . SER A 1 136 ? 2.001   -7.644  -6.136  1.00 26.25 ? 163 SER A OG  1 
HETATM 976  N  N   . MSE A 1 137 ? 3.774   -9.720  -3.795  1.00 16.23 ? 164 MSE A N   1 
HETATM 977  C  CA  . MSE A 1 137 ? 5.019   -10.361 -4.112  1.00 18.30 ? 164 MSE A CA  1 
HETATM 978  C  C   . MSE A 1 137 ? 4.829   -11.677 -4.769  1.00 18.93 ? 164 MSE A C   1 
HETATM 979  O  O   . MSE A 1 137 ? 3.781   -12.319 -4.648  1.00 18.43 ? 164 MSE A O   1 
HETATM 980  C  CB  . MSE A 1 137 ? 5.769   -10.563 -2.867  1.00 18.17 ? 164 MSE A CB  1 
HETATM 981  C  CG  . MSE A 1 137 ? 5.220   -11.491 -1.859  1.00 16.05 ? 164 MSE A CG  1 
HETATM 982  SE SE  . MSE A 1 137 ? 5.531   -13.400 -2.259  0.75 18.24 ? 164 MSE A SE  1 
HETATM 983  C  CE  . MSE A 1 137 ? 7.351   -13.467 -1.594  1.00 20.85 ? 164 MSE A CE  1 
ATOM   984  N  N   . SER A 1 138 ? 5.898   -12.043 -5.445  1.00 17.55 ? 165 SER A N   1 
ATOM   985  C  CA  . SER A 1 138 ? 6.080   -13.383 -5.956  1.00 17.57 ? 165 SER A CA  1 
ATOM   986  C  C   . SER A 1 138 ? 7.478   -13.829 -5.620  1.00 15.84 ? 165 SER A C   1 
ATOM   987  O  O   . SER A 1 138 ? 8.263   -13.145 -4.991  1.00 17.41 ? 165 SER A O   1 
ATOM   988  C  CB  . SER A 1 138 ? 5.931   -13.394 -7.466  1.00 22.40 ? 165 SER A CB  1 
ATOM   989  O  OG  . SER A 1 138 ? 7.063   -12.752 -8.061  1.00 25.08 ? 165 SER A OG  1 
ATOM   990  N  N   . SER A 1 139 ? 7.787   -15.048 -6.052  1.00 16.56 ? 166 SER A N   1 
ATOM   991  C  CA  . SER A 1 139 ? 9.106   -15.578 -5.789  1.00 17.45 ? 166 SER A CA  1 
ATOM   992  C  C   . SER A 1 139 ? 10.184  -14.794 -6.463  1.00 18.54 ? 166 SER A C   1 
ATOM   993  O  O   . SER A 1 139 ? 11.337  -14.853 -6.060  1.00 19.55 ? 166 SER A O   1 
ATOM   994  C  CB  . SER A 1 139 ? 9.174   -17.044 -6.183  1.00 18.34 ? 166 SER A CB  1 
ATOM   995  O  OG  . SER A 1 139 ? 9.092   -17.124 -7.594  1.00 26.50 ? 166 SER A OG  1 
ATOM   996  N  N   A ASP A 1 140 ? 9.800   -14.044 -7.482  0.50 20.37 ? 167 ASP A N   1 
ATOM   997  N  N   B ASP A 1 140 ? 9.851   -14.027 -7.480  0.50 20.70 ? 167 ASP A N   1 
ATOM   998  C  CA  A ASP A 1 140 ? 10.741  -13.311 -8.316  0.50 20.54 ? 167 ASP A CA  1 
ATOM   999  C  CA  B ASP A 1 140 ? 10.891  -13.348 -8.232  0.50 21.71 ? 167 ASP A CA  1 
ATOM   1000 C  C   A ASP A 1 140 ? 10.916  -11.863 -7.882  0.50 17.52 ? 167 ASP A C   1 
ATOM   1001 C  C   B ASP A 1 140 ? 10.892  -11.838 -8.073  0.50 19.76 ? 167 ASP A C   1 
ATOM   1002 O  O   A ASP A 1 140 ? 12.053  -11.371 -7.727  0.50 16.32 ? 167 ASP A O   1 
ATOM   1003 O  O   B ASP A 1 140 ? 11.766  -11.181 -8.614  0.50 19.55 ? 167 ASP A O   1 
ATOM   1004 C  CB  A ASP A 1 140 ? 10.272  -13.354 -9.783  0.50 21.99 ? 167 ASP A CB  1 
ATOM   1005 C  CB  B ASP A 1 140 ? 10.741  -13.659 -9.724  0.50 24.27 ? 167 ASP A CB  1 
ATOM   1006 C  CG  A ASP A 1 140 ? 10.249  -14.779 -10.345 0.50 31.89 ? 167 ASP A CG  1 
ATOM   1007 C  CG  B ASP A 1 140 ? 9.406   -13.198 -10.269 0.50 29.59 ? 167 ASP A CG  1 
ATOM   1008 O  OD1 A ASP A 1 140 ? 11.278  -15.480 -10.239 0.50 36.67 ? 167 ASP A OD1 1 
ATOM   1009 O  OD1 B ASP A 1 140 ? 8.849   -12.230 -9.714  0.50 42.52 ? 167 ASP A OD1 1 
ATOM   1010 O  OD2 A ASP A 1 140 ? 9.195   -15.210 -10.869 0.50 39.09 ? 167 ASP A OD2 1 
ATOM   1011 O  OD2 B ASP A 1 140 ? 8.906   -13.801 -11.246 0.50 45.07 ? 167 ASP A OD2 1 
ATOM   1012 N  N   A LYS A 1 141 ? 9.778   -11.178 -7.700  0.50 16.41 ? 168 LYS A N   1 
ATOM   1013 N  N   B LYS A 1 141 ? 9.915   -11.281 -7.353  0.50 18.50 ? 168 LYS A N   1 
ATOM   1014 C  CA  A LYS A 1 141 ? 9.807   -9.751  -7.407  0.50 17.82 ? 168 LYS A CA  1 
ATOM   1015 C  CA  B LYS A 1 141 ? 9.705   -9.840  -7.397  0.50 19.19 ? 168 LYS A CA  1 
ATOM   1016 C  C   A LYS A 1 141 ? 8.684   -9.313  -6.470  0.50 16.03 ? 168 LYS A C   1 
ATOM   1017 C  C   B LYS A 1 141 ? 8.701   -9.376  -6.343  0.50 16.49 ? 168 LYS A C   1 
ATOM   1018 O  O   A LYS A 1 141 ? 7.629   -9.923  -6.365  0.50 17.87 ? 168 LYS A O   1 
ATOM   1019 O  O   B LYS A 1 141 ? 7.762   -10.066 -5.991  0.50 18.37 ? 168 LYS A O   1 
ATOM   1020 C  CB  A LYS A 1 141 ? 9.694   -8.924  -8.697  0.50 17.76 ? 168 LYS A CB  1 
ATOM   1021 C  CB  B LYS A 1 141 ? 9.216   -9.408  -8.799  0.50 19.34 ? 168 LYS A CB  1 
ATOM   1022 C  CG  A LYS A 1 141 ? 8.296   -8.960  -9.324  0.50 21.37 ? 168 LYS A CG  1 
ATOM   1023 C  CG  B LYS A 1 141 ? 9.213   -7.913  -9.030  0.50 22.39 ? 168 LYS A CG  1 
ATOM   1024 C  CD  A LYS A 1 141 ? 8.218   -8.169  -10.645 0.50 28.42 ? 168 LYS A CD  1 
ATOM   1025 C  CD  B LYS A 1 141 ? 9.082   -7.555  -10.502 0.50 23.22 ? 168 LYS A CD  1 
ATOM   1026 N  N   . GLU A 1 142 ? 8.955   -8.180  -5.839  1.00 16.32 ? 169 GLU A N   1 
ATOM   1027 C  CA  . GLU A 1 142 ? 7.961   -7.460  -5.026  1.00 15.40 ? 169 GLU A CA  1 
ATOM   1028 C  C   . GLU A 1 142 ? 7.631   -6.173  -5.732  1.00 14.30 ? 169 GLU A C   1 
ATOM   1029 O  O   . GLU A 1 142 ? 8.491   -5.570  -6.384  1.00 16.32 ? 169 GLU A O   1 
ATOM   1030 C  CB  . GLU A 1 142 ? 8.480   -7.150  -3.670  1.00 16.33 ? 169 GLU A CB  1 
ATOM   1031 C  CG  . GLU A 1 142 ? 7.520   -6.296  -2.799  1.00 21.29 ? 169 GLU A CG  1 
ATOM   1032 C  CD  . GLU A 1 142 ? 7.779   -4.802  -2.824  1.00 24.02 ? 169 GLU A CD  1 
ATOM   1033 O  OE1 . GLU A 1 142 ? 8.695   -4.329  -3.546  1.00 23.54 ? 169 GLU A OE1 1 
ATOM   1034 O  OE2 . GLU A 1 142 ? 7.073   -3.992  -2.158  1.00 22.69 ? 169 GLU A OE2 1 
ATOM   1035 N  N   A GLU A 1 143 ? 6.378   -5.772  -5.657  0.50 15.79 ? 170 GLU A N   1 
ATOM   1036 N  N   B GLU A 1 143 ? 6.371   -5.756  -5.649  0.50 11.92 ? 170 GLU A N   1 
ATOM   1037 C  CA  A GLU A 1 143 ? 5.990   -4.481  -6.168  0.50 17.72 ? 170 GLU A CA  1 
ATOM   1038 C  CA  B GLU A 1 143 ? 5.810   -4.594  -6.382  0.50 11.07 ? 170 GLU A CA  1 
ATOM   1039 C  C   A GLU A 1 143 ? 5.076   -3.769  -5.225  0.50 16.23 ? 170 GLU A C   1 
ATOM   1040 C  C   B GLU A 1 143 ? 4.907   -3.807  -5.463  0.50 12.81 ? 170 GLU A C   1 
ATOM   1041 O  O   A GLU A 1 143 ? 4.470   -4.317  -4.282  0.50 12.15 ? 170 GLU A O   1 
ATOM   1042 O  O   B GLU A 1 143 ? 4.078   -4.379  -4.793  0.50 13.29 ? 170 GLU A O   1 
ATOM   1043 C  CB  A GLU A 1 143 ? 5.400   -4.530  -7.590  0.50 23.31 ? 170 GLU A CB  1 
ATOM   1044 C  CB  B GLU A 1 143 ? 4.950   -5.001  -7.594  0.50 12.89 ? 170 GLU A CB  1 
ATOM   1045 C  CG  A GLU A 1 143 ? 4.242   -5.465  -7.855  0.50 29.10 ? 170 GLU A CG  1 
ATOM   1046 C  CG  B GLU A 1 143 ? 5.629   -5.810  -8.622  0.50 15.12 ? 170 GLU A CG  1 
ATOM   1047 C  CD  A GLU A 1 143 ? 4.089   -5.749  -9.353  0.50 32.32 ? 170 GLU A CD  1 
ATOM   1048 C  CD  B GLU A 1 143 ? 6.756   -5.102  -9.315  0.50 23.87 ? 170 GLU A CD  1 
ATOM   1049 O  OE1 A GLU A 1 143 ? 4.954   -6.453  -9.911  0.50 35.52 ? 170 GLU A OE1 1 
ATOM   1050 O  OE1 B GLU A 1 143 ? 7.628   -5.834  -9.834  0.50 31.54 ? 170 GLU A OE1 1 
ATOM   1051 O  OE2 A GLU A 1 143 ? 3.138   -5.231  -9.976  0.50 39.84 ? 170 GLU A OE2 1 
ATOM   1052 O  OE2 B GLU A 1 143 ? 6.794   -3.851  -9.370  0.50 22.67 ? 170 GLU A OE2 1 
HETATM 1053 N  N   . MSE A 1 144 ? 5.032   -2.478  -5.480  1.00 13.44 ? 171 MSE A N   1 
HETATM 1054 C  CA  . MSE A 1 144 ? 4.201   -1.612  -4.662  1.00 12.62 ? 171 MSE A CA  1 
HETATM 1055 C  C   . MSE A 1 144 ? 3.826   -0.393  -5.409  1.00 11.87 ? 171 MSE A C   1 
HETATM 1056 O  O   . MSE A 1 144 ? 4.701   0.275   -5.978  1.00 13.16 ? 171 MSE A O   1 
HETATM 1057 C  CB  . MSE A 1 144 ? 4.872   -1.258  -3.335  1.00 14.10 ? 171 MSE A CB  1 
HETATM 1058 C  CG  . MSE A 1 144 ? 4.045   -0.321  -2.488  1.00 14.61 ? 171 MSE A CG  1 
HETATM 1059 SE SE  . MSE A 1 144 ? 5.046   0.384   -0.922  0.75 14.33 ? 171 MSE A SE  1 
HETATM 1060 C  CE  . MSE A 1 144 ? 4.913   -1.115  0.252   1.00 18.01 ? 171 MSE A CE  1 
ATOM   1061 N  N   . GLN A 1 145 ? 2.547   -0.029  -5.382  1.00 12.24 ? 172 GLN A N   1 
ATOM   1062 C  CA  . GLN A 1 145 ? 2.088   1.252   -5.922  1.00 13.11 ? 172 GLN A CA  1 
ATOM   1063 C  C   . GLN A 1 145 ? 1.580   2.080   -4.776  1.00 13.85 ? 172 GLN A C   1 
ATOM   1064 O  O   . GLN A 1 145 ? 0.929   1.557   -3.863  1.00 13.88 ? 172 GLN A O   1 
ATOM   1065 C  CB  . GLN A 1 145 ? 0.987   1.042   -6.943  1.00 15.17 ? 172 GLN A CB  1 
ATOM   1066 C  CG  . GLN A 1 145 ? 1.444   0.242   -8.138  1.00 18.83 ? 172 GLN A CG  1 
ATOM   1067 C  CD  . GLN A 1 145 ? 1.322   -1.199  -7.866  1.00 26.07 ? 172 GLN A CD  1 
ATOM   1068 O  OE1 . GLN A 1 145 ? 0.272   -1.640  -7.335  1.00 30.42 ? 172 GLN A OE1 1 
ATOM   1069 N  NE2 . GLN A 1 145 ? 2.354   -1.990  -8.221  1.00 33.42 ? 172 GLN A NE2 1 
ATOM   1070 N  N   . THR A 1 146 ? 1.916   3.371   -4.757  1.00 13.45 ? 173 THR A N   1 
ATOM   1071 C  CA  . THR A 1 146 ? 1.618   4.274   -3.654  1.00 14.10 ? 173 THR A CA  1 
ATOM   1072 C  C   . THR A 1 146 ? 1.005   5.567   -4.216  1.00 16.32 ? 173 THR A C   1 
ATOM   1073 O  O   . THR A 1 146 ? 1.403   5.987   -5.336  1.00 17.30 ? 173 THR A O   1 
ATOM   1074 C  CB  . THR A 1 146 ? 2.873   4.633   -2.880  1.00 13.74 ? 173 THR A CB  1 
ATOM   1075 O  OG1 . THR A 1 146 ? 3.831   5.218   -3.822  1.00 16.53 ? 173 THR A OG1 1 
ATOM   1076 C  CG2 . THR A 1 146 ? 3.416   3.425   -2.239  1.00 14.87 ? 173 THR A CG2 1 
ATOM   1077 N  N   . VAL A 1 147 ? 0.088   6.173   -3.471  1.00 12.69 ? 174 VAL A N   1 
ATOM   1078 C  CA  . VAL A 1 147 ? -0.481  7.486   -3.855  1.00 12.75 ? 174 VAL A CA  1 
ATOM   1079 C  C   . VAL A 1 147 ? -0.467  8.380   -2.668  1.00 13.90 ? 174 VAL A C   1 
ATOM   1080 O  O   . VAL A 1 147 ? -0.946  8.023   -1.624  1.00 13.82 ? 174 VAL A O   1 
ATOM   1081 C  CB  . VAL A 1 147 ? -1.916  7.372   -4.364  1.00 13.10 ? 174 VAL A CB  1 
ATOM   1082 C  CG1 . VAL A 1 147 ? -2.466  8.765   -4.774  1.00 15.08 ? 174 VAL A CG1 1 
ATOM   1083 C  CG2 . VAL A 1 147 ? -1.973  6.477   -5.592  1.00 16.21 ? 174 VAL A CG2 1 
ATOM   1084 N  N   . TRP A 1 148 ? 0.044   9.585   -2.875  1.00 13.60 ? 175 TRP A N   1 
ATOM   1085 C  CA  . TRP A 1 148 ? -0.136  10.701  -1.939  1.00 13.73 ? 175 TRP A CA  1 
ATOM   1086 C  C   . TRP A 1 148 ? -1.194  11.605  -2.542  1.00 13.88 ? 175 TRP A C   1 
ATOM   1087 O  O   . TRP A 1 148 ? -0.965  12.169  -3.640  1.00 15.77 ? 175 TRP A O   1 
ATOM   1088 C  CB  . TRP A 1 148 ? 1.193   11.475  -1.706  1.00 15.15 ? 175 TRP A CB  1 
ATOM   1089 C  CG  . TRP A 1 148 ? 2.159   10.826  -0.823  1.00 15.18 ? 175 TRP A CG  1 
ATOM   1090 C  CD1 . TRP A 1 148 ? 2.425   11.184  0.476   1.00 16.99 ? 175 TRP A CD1 1 
ATOM   1091 C  CD2 . TRP A 1 148 ? 3.044   9.729   -1.126  1.00 13.29 ? 175 TRP A CD2 1 
ATOM   1092 N  NE1 . TRP A 1 148 ? 3.380   10.357  0.992   1.00 16.32 ? 175 TRP A NE1 1 
ATOM   1093 C  CE2 . TRP A 1 148 ? 3.805   9.479   0.029   1.00 14.08 ? 175 TRP A CE2 1 
ATOM   1094 C  CE3 . TRP A 1 148 ? 3.286   8.947   -2.261  1.00 13.73 ? 175 TRP A CE3 1 
ATOM   1095 C  CZ2 . TRP A 1 148 ? 4.746   8.442   0.102   1.00 15.00 ? 175 TRP A CZ2 1 
ATOM   1096 C  CZ3 . TRP A 1 148 ? 4.245   7.947   -2.182  1.00 15.04 ? 175 TRP A CZ3 1 
ATOM   1097 C  CH2 . TRP A 1 148 ? 4.970   7.699   -0.999  1.00 13.79 ? 175 TRP A CH2 1 
ATOM   1098 N  N   . SER A 1 149 ? -2.333  11.726  -1.877  1.00 14.94 ? 176 SER A N   1 
ATOM   1099 C  CA  . SER A 1 149 ? -3.417  12.594  -2.276  1.00 17.68 ? 176 SER A CA  1 
ATOM   1100 C  C   . SER A 1 149 ? -3.654  13.703  -1.249  1.00 18.66 ? 176 SER A C   1 
ATOM   1101 O  O   . SER A 1 149 ? -4.524  14.538  -1.451  1.00 20.46 ? 176 SER A O   1 
ATOM   1102 C  CB  . SER A 1 149 ? -4.684  11.793  -2.444  1.00 18.26 ? 176 SER A CB  1 
ATOM   1103 O  OG  . SER A 1 149 ? -4.956  11.108  -1.234  1.00 20.40 ? 176 SER A OG  1 
ATOM   1104 N  N   . SER A 1 150 ? -2.890  13.667  -0.177  1.00 16.71 ? 177 SER A N   1 
ATOM   1105 C  CA  . SER A 1 150 ? -2.846  14.713  0.876   1.00 17.93 ? 177 SER A CA  1 
ATOM   1106 C  C   . SER A 1 150 ? -1.404  14.996  1.274   1.00 18.54 ? 177 SER A C   1 
ATOM   1107 O  O   . SER A 1 150 ? -0.483  14.254  0.934   1.00 19.06 ? 177 SER A O   1 
ATOM   1108 C  CB  . SER A 1 150 ? -3.615  14.268  2.106   1.00 18.24 ? 177 SER A CB  1 
ATOM   1109 O  OG  . SER A 1 150 ? -2.938  13.216  2.803   1.00 17.90 ? 177 SER A OG  1 
ATOM   1110 N  N   . GLY A 1 151 ? -1.197  16.122  1.979   1.00 17.57 ? 178 GLY A N   1 
ATOM   1111 C  CA  . GLY A 1 151 ? 0.127   16.472  2.478   1.00 18.77 ? 178 GLY A CA  1 
ATOM   1112 C  C   . GLY A 1 151 ? 0.966   17.237  1.483   1.00 19.02 ? 178 GLY A C   1 
ATOM   1113 O  O   . GLY A 1 151 ? 2.153   17.457  1.682   1.00 18.92 ? 178 GLY A O   1 
ATOM   1114 N  N   . ILE A 1 152 ? 0.332   17.585  0.379   1.00 16.99 ? 179 ILE A N   1 
ATOM   1115 C  CA  . ILE A 1 152 ? 0.989   18.302  -0.757  1.00 16.88 ? 179 ILE A CA  1 
ATOM   1116 C  C   . ILE A 1 152 ? 0.739   19.817  -0.720  1.00 19.73 ? 179 ILE A C   1 
ATOM   1117 O  O   . ILE A 1 152 ? -0.386  20.265  -0.545  1.00 20.94 ? 179 ILE A O   1 
ATOM   1118 C  CB  . ILE A 1 152 ? 0.556   17.716  -2.125  1.00 19.26 ? 179 ILE A CB  1 
ATOM   1119 C  CG1 . ILE A 1 152 ? 0.856   16.212  -2.183  1.00 17.11 ? 179 ILE A CG1 1 
ATOM   1120 C  CG2 . ILE A 1 152 ? 1.260   18.409  -3.261  1.00 18.70 ? 179 ILE A CG2 1 
ATOM   1121 C  CD1 . ILE A 1 152 ? 0.282   15.513  -3.391  1.00 18.80 ? 179 ILE A CD1 1 
ATOM   1122 N  N   . LYS A 1 153 ? 1.826   20.561  -0.836  1.00 19.39 ? 180 LYS A N   1 
ATOM   1123 C  CA  . LYS A 1 153 ? 1.772   22.022  -0.770  1.00 21.87 ? 180 LYS A CA  1 
ATOM   1124 C  C   . LYS A 1 153 ? 1.800   22.491  -2.164  1.00 22.31 ? 180 LYS A C   1 
ATOM   1125 O  O   . LYS A 1 153 ? 2.858   22.515  -2.762  1.00 26.45 ? 180 LYS A O   1 
ATOM   1126 C  CB  . LYS A 1 153 ? 3.013   22.607  -0.060  1.00 27.48 ? 180 LYS A CB  1 
ATOM   1127 N  N   . THR A 1 154 ? 0.647   22.850  -2.705  1.00 22.39 ? 181 THR A N   1 
ATOM   1128 C  CA  . THR A 1 154 ? 0.619   23.453  -4.033  1.00 27.54 ? 181 THR A CA  1 
ATOM   1129 C  C   . THR A 1 154 ? -0.661  24.228  -4.307  1.00 30.11 ? 181 THR A C   1 
ATOM   1130 O  O   . THR A 1 154 ? -1.619  24.191  -3.522  1.00 34.74 ? 181 THR A O   1 
ATOM   1131 C  CB  . THR A 1 154 ? 0.838   22.399  -5.135  1.00 31.61 ? 181 THR A CB  1 
ATOM   1132 O  OG1 . THR A 1 154 ? 1.172   23.051  -6.381  1.00 32.78 ? 181 THR A OG1 1 
ATOM   1133 C  CG2 . THR A 1 154 ? -0.414  21.518  -5.295  1.00 29.78 ? 181 THR A CG2 1 
ATOM   1134 N  N   . LYS A 1 155 ? -0.669  24.909  -5.447  1.00 29.45 ? 182 LYS A N   1 
ATOM   1135 C  CA  . LYS A 1 155 ? -1.783  25.796  -5.778  1.00 30.82 ? 182 LYS A CA  1 
ATOM   1136 C  C   . LYS A 1 155 ? -3.068  24.971  -5.797  1.00 32.08 ? 182 LYS A C   1 
ATOM   1137 O  O   . LYS A 1 155 ? -4.065  25.339  -5.170  1.00 33.98 ? 182 LYS A O   1 
ATOM   1138 C  CB  . LYS A 1 155 ? -1.562  26.555  -7.099  1.00 31.78 ? 182 LYS A CB  1 
ATOM   1139 N  N   . SER A 1 156 ? -3.015  23.835  -6.486  1.00 31.83 ? 183 SER A N   1 
ATOM   1140 C  CA  . SER A 1 156 ? -4.209  22.998  -6.702  1.00 32.47 ? 183 SER A CA  1 
ATOM   1141 C  C   . SER A 1 156 ? -4.474  22.034  -5.579  1.00 34.80 ? 183 SER A C   1 
ATOM   1142 O  O   . SER A 1 156 ? -3.582  21.307  -5.090  1.00 33.71 ? 183 SER A O   1 
ATOM   1143 C  CB  . SER A 1 156 ? -4.149  22.215  -8.027  1.00 33.04 ? 183 SER A CB  1 
ATOM   1144 O  OG  . SER A 1 156 ? -5.017  21.088  -7.977  1.00 36.53 ? 183 SER A OG  1 
ATOM   1145 N  N   . SER A 1 157 ? -5.744  22.016  -5.217  1.00 34.75 ? 184 SER A N   1 
ATOM   1146 C  CA  . SER A 1 157 ? -6.251  21.212  -4.114  1.00 34.35 ? 184 SER A CA  1 
ATOM   1147 C  C   . SER A 1 157 ? -6.278  19.748  -4.506  1.00 34.30 ? 184 SER A C   1 
ATOM   1148 O  O   . SER A 1 157 ? -6.330  18.859  -3.648  1.00 37.93 ? 184 SER A O   1 
ATOM   1149 C  CB  . SER A 1 157 ? -7.674  21.675  -3.726  1.00 34.66 ? 184 SER A CB  1 
ATOM   1150 N  N   . SER A 1 158 ? -6.224  19.514  -5.815  1.00 32.52 ? 185 SER A N   1 
ATOM   1151 C  CA  . SER A 1 158 ? -6.514  18.186  -6.365  1.00 27.51 ? 185 SER A CA  1 
ATOM   1152 C  C   . SER A 1 158 ? -5.240  17.373  -6.650  1.00 24.93 ? 185 SER A C   1 
ATOM   1153 O  O   . SER A 1 158 ? -5.266  16.298  -7.185  1.00 24.12 ? 185 SER A O   1 
ATOM   1154 C  CB  . SER A 1 158 ? -7.361  18.338  -7.644  1.00 30.94 ? 185 SER A CB  1 
ATOM   1155 N  N   . ALA A 1 159 ? -4.115  17.930  -6.266  1.00 23.25 ? 186 ALA A N   1 
ATOM   1156 C  CA  . ALA A 1 159 ? -2.820  17.344  -6.614  1.00 18.32 ? 186 ALA A CA  1 
ATOM   1157 C  C   . ALA A 1 159 ? -2.610  15.954  -6.021  1.00 18.02 ? 186 ALA A C   1 
ATOM   1158 O  O   . ALA A 1 159 ? -3.047  15.651  -4.906  1.00 20.32 ? 186 ALA A O   1 
ATOM   1159 C  CB  . ALA A 1 159 ? -1.701  18.270  -6.164  1.00 18.13 ? 186 ALA A CB  1 
ATOM   1160 N  N   . THR A 1 160 ? -1.929  15.121  -6.784  1.00 15.46 ? 187 THR A N   1 
ATOM   1161 C  CA  . THR A 1 160 ? -1.493  13.790  -6.322  1.00 17.07 ? 187 THR A CA  1 
ATOM   1162 C  C   . THR A 1 160 ? -0.105  13.451  -6.810  1.00 14.23 ? 187 THR A C   1 
ATOM   1163 O  O   . THR A 1 160 ? 0.380   13.988  -7.804  1.00 14.24 ? 187 THR A O   1 
ATOM   1164 C  CB  . THR A 1 160 ? -2.482  12.694  -6.768  1.00 19.95 ? 187 THR A CB  1 
ATOM   1165 O  OG1 . THR A 1 160 ? -2.431  12.549  -8.194  1.00 24.49 ? 187 THR A OG1 1 
ATOM   1166 C  CG2 . THR A 1 160 ? -3.892  13.045  -6.372  1.00 23.75 ? 187 THR A CG2 1 
ATOM   1167 N  N   . ILE A 1 161 ? 0.566   12.552  -6.102  1.00 13.98 ? 188 ILE A N   1 
ATOM   1168 C  CA  . ILE A 1 161 ? 1.827   11.962  -6.490  1.00 12.95 ? 188 ILE A CA  1 
ATOM   1169 C  C   . ILE A 1 161 ? 1.651   10.436  -6.407  1.00 13.66 ? 188 ILE A C   1 
ATOM   1170 O  O   . ILE A 1 161 ? 1.121   9.908   -5.423  1.00 15.20 ? 188 ILE A O   1 
ATOM   1171 C  CB  . ILE A 1 161 ? 2.953   12.336  -5.504  1.00 14.97 ? 188 ILE A CB  1 
ATOM   1172 C  CG1 . ILE A 1 161 ? 3.260   13.828  -5.601  1.00 13.87 ? 188 ILE A CG1 1 
ATOM   1173 C  CG2 . ILE A 1 161 ? 4.249   11.527  -5.781  1.00 17.70 ? 188 ILE A CG2 1 
ATOM   1174 C  CD1 . ILE A 1 161 ? 4.147   14.340  -4.462  1.00 17.01 ? 188 ILE A CD1 1 
ATOM   1175 N  N   A GLU A 1 162 ? 1.995   9.736   -7.484  0.60 13.17 ? 189 GLU A N   1 
ATOM   1176 N  N   B GLU A 1 162 ? 2.150   9.756   -7.433  0.40 12.62 ? 189 GLU A N   1 
ATOM   1177 C  CA  A GLU A 1 162 ? 1.986   8.279   -7.501  0.60 12.94 ? 189 GLU A CA  1 
ATOM   1178 C  CA  B GLU A 1 162 ? 2.023   8.314   -7.563  0.40 11.25 ? 189 GLU A CA  1 
ATOM   1179 C  C   A GLU A 1 162 ? 3.383   7.767   -7.809  0.60 12.96 ? 189 GLU A C   1 
ATOM   1180 C  C   B GLU A 1 162 ? 3.352   7.669   -7.881  0.40 11.97 ? 189 GLU A C   1 
ATOM   1181 O  O   A GLU A 1 162 ? 4.056   8.196   -8.770  0.60 13.62 ? 189 GLU A O   1 
ATOM   1182 O  O   B GLU A 1 162 ? 3.914   7.861   -8.960  0.40 12.30 ? 189 GLU A O   1 
ATOM   1183 C  CB  A GLU A 1 162 ? 0.935   7.678   -8.479  0.60 15.37 ? 189 GLU A CB  1 
ATOM   1184 C  CB  B GLU A 1 162 ? 0.987   7.971   -8.648  0.40 11.96 ? 189 GLU A CB  1 
ATOM   1185 C  CG  A GLU A 1 162 ? 0.846   6.127   -8.358  0.60 17.94 ? 189 GLU A CG  1 
ATOM   1186 C  CG  B GLU A 1 162 ? -0.372  8.580   -8.335  0.40 13.30 ? 189 GLU A CG  1 
ATOM   1187 C  CD  A GLU A 1 162 ? -0.440  5.431   -8.880  0.60 23.55 ? 189 GLU A CD  1 
ATOM   1188 C  CD  B GLU A 1 162 ? -1.540  7.949   -9.081  0.40 19.57 ? 189 GLU A CD  1 
ATOM   1189 O  OE1 A GLU A 1 162 ? -1.346  6.058   -9.444  0.60 22.90 ? 189 GLU A OE1 1 
ATOM   1190 O  OE1 B GLU A 1 162 ? -1.321  7.062   -9.922  0.40 26.93 ? 189 GLU A OE1 1 
ATOM   1191 O  OE2 A GLU A 1 162 ? -0.514  4.193   -8.704  0.60 26.30 ? 189 GLU A OE2 1 
ATOM   1192 O  OE2 B GLU A 1 162 ? -2.695  8.389   -8.850  0.40 26.85 ? 189 GLU A OE2 1 
ATOM   1193 N  N   . LEU A 1 163 ? 3.834   6.877   -6.930  1.00 12.41 ? 190 LEU A N   1 
ATOM   1194 C  CA  . LEU A 1 163 ? 5.162   6.275   -7.031  1.00 11.34 ? 190 LEU A CA  1 
ATOM   1195 C  C   . LEU A 1 163 ? 5.034   4.755   -7.122  1.00 12.10 ? 190 LEU A C   1 
ATOM   1196 O  O   . LEU A 1 163 ? 4.240   4.124   -6.408  1.00 14.20 ? 190 LEU A O   1 
ATOM   1197 C  CB  . LEU A 1 163 ? 6.032   6.630   -5.818  1.00 12.94 ? 190 LEU A CB  1 
ATOM   1198 C  CG  . LEU A 1 163 ? 6.185   8.093   -5.441  1.00 11.70 ? 190 LEU A CG  1 
ATOM   1199 C  CD1 . LEU A 1 163 ? 7.143   8.256   -4.219  1.00 13.99 ? 190 LEU A CD1 1 
ATOM   1200 C  CD2 . LEU A 1 163 ? 6.681   8.919   -6.676  1.00 13.17 ? 190 LEU A CD2 1 
ATOM   1201 N  N   A TYR A 1 164 ? 5.763   4.185   -8.059  0.50 12.11 ? 191 TYR A N   1 
ATOM   1202 N  N   B TYR A 1 164 ? 5.863   4.203   -7.972  0.50 12.89 ? 191 TYR A N   1 
ATOM   1203 C  CA  A TYR A 1 164 ? 5.853   2.735   -8.239  0.50 11.89 ? 191 TYR A CA  1 
ATOM   1204 C  CA  B TYR A 1 164 ? 5.897   2.781   -8.285  0.50 13.34 ? 191 TYR A CA  1 
ATOM   1205 C  C   A TYR A 1 164 ? 7.201   2.281   -7.740  0.50 11.15 ? 191 TYR A C   1 
ATOM   1206 C  C   B TYR A 1 164 ? 7.219   2.189   -7.867  0.50 13.11 ? 191 TYR A C   1 
ATOM   1207 O  O   A TYR A 1 164 ? 8.252   2.873   -8.026  0.50 11.69 ? 191 TYR A O   1 
ATOM   1208 O  O   B TYR A 1 164 ? 8.279   2.564   -8.399  0.50 11.80 ? 191 TYR A O   1 
ATOM   1209 C  CB  A TYR A 1 164 ? 5.621   2.315   -9.700  0.50 12.66 ? 191 TYR A CB  1 
ATOM   1210 C  CB  B TYR A 1 164 ? 5.703   2.599   -9.787  0.50 15.09 ? 191 TYR A CB  1 
ATOM   1211 C  CG  A TYR A 1 164 ? 5.725   0.821   -9.931  0.50 16.85 ? 191 TYR A CG  1 
ATOM   1212 C  CG  B TYR A 1 164 ? 4.410   3.171   -10.299 0.50 18.18 ? 191 TYR A CG  1 
ATOM   1213 C  CD1 A TYR A 1 164 ? 4.984   -0.079  -9.145  0.50 17.67 ? 191 TYR A CD1 1 
ATOM   1214 C  CD1 B TYR A 1 164 ? 3.287   2.369   -10.371 0.50 16.77 ? 191 TYR A CD1 1 
ATOM   1215 C  CD2 A TYR A 1 164 ? 6.522   0.310   -10.929 0.50 20.93 ? 191 TYR A CD2 1 
ATOM   1216 C  CD2 B TYR A 1 164 ? 4.282   4.521   -10.650 0.50 19.87 ? 191 TYR A CD2 1 
ATOM   1217 C  CE1 A TYR A 1 164 ? 5.083   -1.377  -9.305  0.50 14.53 ? 191 TYR A CE1 1 
ATOM   1218 C  CE1 B TYR A 1 164 ? 2.093   2.852   -10.852 0.50 15.89 ? 191 TYR A CE1 1 
ATOM   1219 C  CE2 A TYR A 1 164 ? 6.591   -1.068  -11.152 0.50 19.63 ? 191 TYR A CE2 1 
ATOM   1220 C  CE2 B TYR A 1 164 ? 3.052   5.028   -11.095 0.50 14.94 ? 191 TYR A CE2 1 
ATOM   1221 C  CZ  A TYR A 1 164 ? 5.863   -1.903  -10.338 0.50 19.57 ? 191 TYR A CZ  1 
ATOM   1222 C  CZ  B TYR A 1 164 ? 1.972   4.161   -11.185 0.50 14.69 ? 191 TYR A CZ  1 
ATOM   1223 O  OH  A TYR A 1 164 ? 5.949   -3.285  -10.554 0.50 23.05 ? 191 TYR A OH  1 
ATOM   1224 O  OH  B TYR A 1 164 ? 0.719   4.565   -11.628 0.50 19.22 ? 191 TYR A OH  1 
ATOM   1225 N  N   . PHE A 1 165 ? 7.146   1.206   -6.964  1.00 12.92 ? 192 PHE A N   1 
ATOM   1226 C  CA  . PHE A 1 165 ? 8.318   0.557   -6.429  1.00 12.00 ? 192 PHE A CA  1 
ATOM   1227 C  C   . PHE A 1 165 ? 8.401   -0.890  -6.867  1.00 15.05 ? 192 PHE A C   1 
ATOM   1228 O  O   . PHE A 1 165 ? 7.404   -1.577  -6.982  1.00 14.95 ? 192 PHE A O   1 
ATOM   1229 C  CB  . PHE A 1 165 ? 8.319   0.564   -4.876  1.00 13.36 ? 192 PHE A CB  1 
ATOM   1230 C  CG  . PHE A 1 165 ? 8.354   1.973   -4.302  1.00 13.38 ? 192 PHE A CG  1 
ATOM   1231 C  CD1 . PHE A 1 165 ? 7.209   2.742   -4.152  1.00 13.21 ? 192 PHE A CD1 1 
ATOM   1232 C  CD2 . PHE A 1 165 ? 9.544   2.525   -3.943  1.00 13.92 ? 192 PHE A CD2 1 
ATOM   1233 C  CE1 . PHE A 1 165 ? 7.260   4.011   -3.638  1.00 14.47 ? 192 PHE A CE1 1 
ATOM   1234 C  CE2 . PHE A 1 165 ? 9.617   3.840   -3.477  1.00 16.10 ? 192 PHE A CE2 1 
ATOM   1235 C  CZ  . PHE A 1 165 ? 8.431   4.588   -3.339  1.00 15.42 ? 192 PHE A CZ  1 
ATOM   1236 N  N   A GLU A 1 166 ? 9.644   -1.307  -7.040  0.50 14.86 ? 193 GLU A N   1 
ATOM   1237 N  N   B GLU A 1 166 ? 9.603   -1.356  -7.181  0.50 13.75 ? 193 GLU A N   1 
ATOM   1238 C  CA  A GLU A 1 166 ? 9.996   -2.689  -7.299  0.50 14.43 ? 193 GLU A CA  1 
ATOM   1239 C  CA  B GLU A 1 166 ? 9.866   -2.794  -7.369  0.50 13.74 ? 193 GLU A CA  1 
ATOM   1240 C  C   A GLU A 1 166 ? 11.085  -3.068  -6.335  0.50 14.06 ? 193 GLU A C   1 
ATOM   1241 C  C   B GLU A 1 166 ? 11.044  -3.142  -6.491  0.50 13.99 ? 193 GLU A C   1 
ATOM   1242 O  O   A GLU A 1 166 ? 12.099  -2.379  -6.167  0.50 13.21 ? 193 GLU A O   1 
ATOM   1243 O  O   B GLU A 1 166 ? 12.088  -2.484  -6.560  0.50 15.34 ? 193 GLU A O   1 
ATOM   1244 C  CB  A GLU A 1 166 ? 10.425  -2.877  -8.761  0.50 18.56 ? 193 GLU A CB  1 
ATOM   1245 C  CB  B GLU A 1 166 ? 10.117  -3.172  -8.860  0.50 13.88 ? 193 GLU A CB  1 
ATOM   1246 C  CG  A GLU A 1 166 ? 10.423  -4.319  -9.206  0.50 19.08 ? 193 GLU A CG  1 
ATOM   1247 C  CG  B GLU A 1 166 ? 8.921   -3.160  -9.759  0.50 17.80 ? 193 GLU A CG  1 
ATOM   1248 C  CD  A GLU A 1 166 ? 10.511  -4.464  -10.711 0.50 19.24 ? 193 GLU A CD  1 
ATOM   1249 C  CD  B GLU A 1 166 ? 9.169   -3.779  -11.138 0.50 17.52 ? 193 GLU A CD  1 
ATOM   1250 O  OE1 A GLU A 1 166 ? 11.591  -4.204  -11.248 0.50 24.99 ? 193 GLU A OE1 1 
ATOM   1251 O  OE1 B GLU A 1 166 ? 10.342  -3.911  -11.571 0.50 24.28 ? 193 GLU A OE1 1 
ATOM   1252 O  OE2 A GLU A 1 166 ? 9.501   -4.834  -11.352 0.50 24.02 ? 193 GLU A OE2 1 
ATOM   1253 O  OE2 B GLU A 1 166 ? 8.157   -4.111  -11.778 0.50 23.10 ? 193 GLU A OE2 1 
ATOM   1254 N  N   . ASN A 1 167 ? 10.858  -4.178  -5.670  1.00 15.28 ? 194 ASN A N   1 
ATOM   1255 C  CA  . ASN A 1 167 ? 11.845  -4.647  -4.749  1.00 13.84 ? 194 ASN A CA  1 
ATOM   1256 C  C   . ASN A 1 167 ? 12.296  -3.577  -3.751  1.00 15.03 ? 194 ASN A C   1 
ATOM   1257 O  O   . ASN A 1 167 ? 13.485  -3.427  -3.443  1.00 15.53 ? 194 ASN A O   1 
ATOM   1258 C  CB  . ASN A 1 167 ? 13.020  -5.257  -5.524  1.00 15.51 ? 194 ASN A CB  1 
ATOM   1259 C  CG  . ASN A 1 167 ? 12.602  -6.427  -6.405  1.00 18.03 ? 194 ASN A CG  1 
ATOM   1260 O  OD1 . ASN A 1 167 ? 11.712  -7.212  -6.031  1.00 18.54 ? 194 ASN A OD1 1 
ATOM   1261 N  ND2 . ASN A 1 167 ? 13.223  -6.548  -7.589  1.00 22.58 ? 194 ASN A ND2 1 
ATOM   1262 N  N   . GLY A 1 168 ? 11.344  -2.745  -3.328  1.00 14.89 ? 195 GLY A N   1 
ATOM   1263 C  CA  . GLY A 1 168 ? 11.641  -1.764  -2.321  1.00 13.79 ? 195 GLY A CA  1 
ATOM   1264 C  C   . GLY A 1 168 ? 12.279  -0.461  -2.799  1.00 13.38 ? 195 GLY A C   1 
ATOM   1265 O  O   . GLY A 1 168 ? 12.705  0.364   -1.980  1.00 15.80 ? 195 GLY A O   1 
ATOM   1266 N  N   . LEU A 1 169 ? 12.443  -0.345  -4.109  1.00 13.03 ? 196 LEU A N   1 
ATOM   1267 C  CA  . LEU A 1 169 ? 13.155  0.785   -4.716  1.00 14.39 ? 196 LEU A CA  1 
ATOM   1268 C  C   . LEU A 1 169 ? 12.295  1.470   -5.740  1.00 13.64 ? 196 LEU A C   1 
ATOM   1269 O  O   . LEU A 1 169 ? 11.572  0.824   -6.494  1.00 13.46 ? 196 LEU A O   1 
ATOM   1270 C  CB  . LEU A 1 169 ? 14.432  0.298   -5.416  1.00 16.15 ? 196 LEU A CB  1 
ATOM   1271 C  CG  . LEU A 1 169 ? 15.422  -0.527  -4.600  1.00 14.72 ? 196 LEU A CG  1 
ATOM   1272 C  CD1 . LEU A 1 169 ? 16.550  -1.115  -5.522  1.00 18.12 ? 196 LEU A CD1 1 
ATOM   1273 C  CD2 . LEU A 1 169 ? 15.987  0.279   -3.471  1.00 17.62 ? 196 LEU A CD2 1 
ATOM   1274 N  N   . LEU A 1 170 ? 12.468  2.788   -5.825  1.00 11.94 ? 197 LEU A N   1 
ATOM   1275 C  CA  . LEU A 1 170 ? 11.655  3.599   -6.763  1.00 12.92 ? 197 LEU A CA  1 
ATOM   1276 C  C   . LEU A 1 170 ? 11.929  3.210   -8.203  1.00 13.06 ? 197 LEU A C   1 
ATOM   1277 O  O   . LEU A 1 170 ? 13.081  3.234   -8.635  1.00 14.71 ? 197 LEU A O   1 
ATOM   1278 C  CB  . LEU A 1 170 ? 11.856  5.091   -6.513  1.00 13.00 ? 197 LEU A CB  1 
ATOM   1279 C  CG  . LEU A 1 170 ? 10.959  6.004   -7.359  1.00 13.00 ? 197 LEU A CG  1 
ATOM   1280 C  CD1 . LEU A 1 170 ? 9.499   5.807   -6.973  1.00 13.62 ? 197 LEU A CD1 1 
ATOM   1281 C  CD2 . LEU A 1 170 ? 11.331  7.472   -7.212  1.00 14.53 ? 197 LEU A CD2 1 
ATOM   1282 N  N   . LYS A 1 171 ? 10.901  2.916   -8.969  1.00 13.69 ? 198 LYS A N   1 
ATOM   1283 C  CA  . LYS A 1 171 ? 10.998  2.529   -10.357 1.00 16.94 ? 198 LYS A CA  1 
ATOM   1284 C  C   . LYS A 1 171 ? 10.432  3.616   -11.279 1.00 16.25 ? 198 LYS A C   1 
ATOM   1285 O  O   . LYS A 1 171 ? 10.920  3.821   -12.393 1.00 18.30 ? 198 LYS A O   1 
ATOM   1286 C  CB  . LYS A 1 171 ? 10.304  1.198   -10.629 1.00 18.84 ? 198 LYS A CB  1 
ATOM   1287 C  CG  . LYS A 1 171 ? 10.493  0.713   -12.040 1.00 29.27 ? 198 LYS A CG  1 
ATOM   1288 N  N   . ASN A 1 172 ? 9.378   4.278   -10.848 1.00 14.81 ? 199 ASN A N   1 
ATOM   1289 C  CA  . ASN A 1 172 ? 8.754   5.355   -11.649 1.00 14.70 ? 199 ASN A CA  1 
ATOM   1290 C  C   . ASN A 1 172 ? 8.000   6.311   -10.766 1.00 15.01 ? 199 ASN A C   1 
ATOM   1291 O  O   . ASN A 1 172 ? 7.472   5.891   -9.734  1.00 13.56 ? 199 ASN A O   1 
ATOM   1292 C  CB  . ASN A 1 172 ? 7.761   4.734   -12.660 1.00 16.31 ? 199 ASN A CB  1 
ATOM   1293 C  CG  . ASN A 1 172 ? 7.217   5.737   -13.670 1.00 27.61 ? 199 ASN A CG  1 
ATOM   1294 O  OD1 . ASN A 1 172 ? 7.922   6.641   -14.137 1.00 40.36 ? 199 ASN A OD1 1 
ATOM   1295 N  ND2 . ASN A 1 172 ? 5.931   5.588   -13.996 1.00 42.03 ? 199 ASN A ND2 1 
ATOM   1296 N  N   . LYS A 1 173 ? 7.965   7.580   -11.159 1.00 15.34 ? 200 LYS A N   1 
ATOM   1297 C  CA  . LYS A 1 173 ? 7.164   8.577   -10.475 1.00 13.30 ? 200 LYS A CA  1 
ATOM   1298 C  C   . LYS A 1 173 ? 6.294   9.363   -11.434 1.00 12.84 ? 200 LYS A C   1 
ATOM   1299 O  O   . LYS A 1 173 ? 6.722   9.657   -12.542 1.00 14.91 ? 200 LYS A O   1 
ATOM   1300 C  CB  . LYS A 1 173 ? 8.058   9.539   -9.654  1.00 14.58 ? 200 LYS A CB  1 
ATOM   1301 C  CG  . LYS A 1 173 ? 9.000   10.397  -10.487 1.00 16.72 ? 200 LYS A CG  1 
ATOM   1302 C  CD  . LYS A 1 173 ? 9.849   11.328  -9.588  1.00 15.59 ? 200 LYS A CD  1 
ATOM   1303 C  CE  . LYS A 1 173 ? 10.771  12.253  -10.364 1.00 18.90 ? 200 LYS A CE  1 
ATOM   1304 N  NZ  . LYS A 1 173 ? 11.672  13.079  -9.482  1.00 16.70 ? 200 LYS A NZ  1 
ATOM   1305 N  N   . THR A 1 174 ? 5.103   9.713   -10.955 1.00 13.61 ? 201 THR A N   1 
ATOM   1306 C  CA  . THR A 1 174 ? 4.151   10.543  -11.693 1.00 13.30 ? 201 THR A CA  1 
ATOM   1307 C  C   . THR A 1 174 ? 3.486   11.516  -10.743 1.00 15.22 ? 201 THR A C   1 
ATOM   1308 O  O   . THR A 1 174 ? 3.434   11.282  -9.517  1.00 12.23 ? 201 THR A O   1 
ATOM   1309 C  CB  . THR A 1 174 ? 3.066   9.693   -12.404 1.00 17.48 ? 201 THR A CB  1 
ATOM   1310 O  OG1 . THR A 1 174 ? 2.181   9.093   -11.462 1.00 18.89 ? 201 THR A OG1 1 
ATOM   1311 C  CG2 . THR A 1 174 ? 3.701   8.624   -13.290 1.00 22.52 ? 201 THR A CG2 1 
ATOM   1312 N  N   . GLN A 1 175 ? 2.930   12.578  -11.296 1.00 13.93 ? 202 GLN A N   1 
ATOM   1313 C  CA  . GLN A 1 175 ? 2.227   13.602  -10.507 1.00 14.75 ? 202 GLN A CA  1 
ATOM   1314 C  C   . GLN A 1 175 ? 1.113   14.228  -11.314 1.00 16.16 ? 202 GLN A C   1 
ATOM   1315 O  O   . GLN A 1 175 ? 1.149   14.189  -12.548 1.00 18.17 ? 202 GLN A O   1 
ATOM   1316 C  CB  . GLN A 1 175 ? 3.174   14.702  -9.984  1.00 16.42 ? 202 GLN A CB  1 
ATOM   1317 C  CG  . GLN A 1 175 ? 3.996   15.408  -11.019 1.00 15.93 ? 202 GLN A CG  1 
ATOM   1318 C  CD  . GLN A 1 175 ? 3.244   16.506  -11.728 1.00 23.94 ? 202 GLN A CD  1 
ATOM   1319 O  OE1 . GLN A 1 175 ? 2.248   17.050  -11.204 1.00 18.99 ? 202 GLN A OE1 1 
ATOM   1320 N  NE2 . GLN A 1 175 ? 3.701   16.828  -12.937 1.00 22.38 ? 202 GLN A NE2 1 
ATOM   1321 N  N   . LYS A 1 176 ? 0.086   14.659  -10.601 1.00 15.86 ? 203 LYS A N   1 
ATOM   1322 C  CA  . LYS A 1 176 ? -1.055  15.406  -11.145 1.00 16.55 ? 203 LYS A CA  1 
ATOM   1323 C  C   . LYS A 1 176 ? -1.134  16.720  -10.397 1.00 17.12 ? 203 LYS A C   1 
ATOM   1324 O  O   . LYS A 1 176 ? -1.196  16.783  -9.185  1.00 17.00 ? 203 LYS A O   1 
ATOM   1325 C  CB  . LYS A 1 176 ? -2.336  14.621  -10.951 1.00 18.56 ? 203 LYS A CB  1 
ATOM   1326 C  CG  . LYS A 1 176 ? -3.583  15.325  -11.430 1.00 19.48 ? 203 LYS A CG  1 
ATOM   1327 C  CD  . LYS A 1 176 ? -4.836  14.577  -11.032 1.00 25.27 ? 203 LYS A CD  1 
ATOM   1328 C  CE  . LYS A 1 176 ? -6.094  15.379  -11.262 1.00 35.37 ? 203 LYS A CE  1 
ATOM   1329 N  NZ  . LYS A 1 176 ? -7.297  14.721  -10.654 1.00 38.80 ? 203 LYS A NZ  1 
ATOM   1330 N  N   . ASP A 1 177 ? -1.159  17.794  -11.193 1.00 18.61 ? 204 ASP A N   1 
ATOM   1331 C  CA  . ASP A 1 177 ? -1.441  19.168  -10.722 1.00 20.62 ? 204 ASP A CA  1 
ATOM   1332 C  C   . ASP A 1 177 ? -0.437  19.718  -9.736  1.00 20.47 ? 204 ASP A C   1 
ATOM   1333 O  O   . ASP A 1 177 ? -0.765  20.599  -8.958  1.00 25.10 ? 204 ASP A O   1 
ATOM   1334 C  CB  . ASP A 1 177 ? -2.850  19.240  -10.107 1.00 21.23 ? 204 ASP A CB  1 
ATOM   1335 C  CG  . ASP A 1 177 ? -3.958  19.148  -11.138 1.00 30.33 ? 204 ASP A CG  1 
ATOM   1336 O  OD1 . ASP A 1 177 ? -3.683  19.391  -12.332 1.00 30.92 ? 204 ASP A OD1 1 
ATOM   1337 O  OD2 . ASP A 1 177 ? -5.113  18.831  -10.743 1.00 41.68 ? 204 ASP A OD2 1 
ATOM   1338 N  N   . LEU A 1 178 ? 0.790   19.175  -9.734  1.00 21.00 ? 205 LEU A N   1 
ATOM   1339 C  CA  . LEU A 1 178 ? 1.870   19.623  -8.827  1.00 22.54 ? 205 LEU A CA  1 
ATOM   1340 C  C   . LEU A 1 178 ? 2.939   20.489  -9.488  1.00 25.85 ? 205 LEU A C   1 
ATOM   1341 O  O   . LEU A 1 178 ? 3.481   21.428  -8.873  1.00 26.84 ? 205 LEU A O   1 
ATOM   1342 C  CB  . LEU A 1 178 ? 2.564   18.419  -8.205  1.00 23.44 ? 205 LEU A CB  1 
ATOM   1343 C  CG  . LEU A 1 178 ? 3.667   18.776  -7.235  1.00 21.98 ? 205 LEU A CG  1 
ATOM   1344 C  CD1 . LEU A 1 178 ? 3.147   19.658  -6.074  1.00 24.08 ? 205 LEU A CD1 1 
ATOM   1345 C  CD2 . LEU A 1 178 ? 4.372   17.531  -6.695  1.00 23.55 ? 205 LEU A CD2 1 
ATOM   1346 N  N   . GLU A 1 179 ? 3.269   20.137  -10.725 1.00 25.20 ? 206 GLU A N   1 
ATOM   1347 C  CA  . GLU A 1 179 ? 4.255   20.902  -11.529 1.00 26.40 ? 206 GLU A CA  1 
ATOM   1348 C  C   . GLU A 1 179 ? 4.006   20.738  -13.017 1.00 28.28 ? 206 GLU A C   1 
ATOM   1349 O  O   . GLU A 1 179 ? 4.628   21.429  -13.860 1.00 29.52 ? 206 GLU A O   1 
ATOM   1350 C  CB  . GLU A 1 179 ? 5.699   20.499  -11.203 1.00 25.41 ? 206 GLU A CB  1 
ATOM   1351 C  CG  . GLU A 1 179 ? 6.046   19.090  -11.642 1.00 25.16 ? 206 GLU A CG  1 
ATOM   1352 C  CD  . GLU A 1 179 ? 7.449   18.684  -11.251 1.00 23.71 ? 206 GLU A CD  1 
ATOM   1353 O  OE1 . GLU A 1 179 ? 8.017   19.303  -10.321 1.00 26.38 ? 206 GLU A OE1 1 
ATOM   1354 O  OE2 . GLU A 1 179 ? 8.006   17.757  -11.871 1.00 26.68 ? 206 GLU A OE2 1 
ATOM   1355 O  OXT . GLU A 1 179 ? 3.151   19.928  -13.384 1.00 26.41 ? 206 GLU A OXT 1 
HETATM 1356 C  C   . ACT B 2 .   ? 4.355   -9.406  -7.939  1.00 51.96 ? 1   ACT A C   1 
HETATM 1357 O  O   . ACT B 2 .   ? 3.136   -9.634  -7.721  1.00 50.65 ? 1   ACT A O   1 
HETATM 1358 O  OXT . ACT B 2 .   ? 5.048   -9.046  -6.960  1.00 50.30 ? 1   ACT A OXT 1 
HETATM 1359 C  CH3 . ACT B 2 .   ? 4.961   -9.566  -9.299  1.00 50.78 ? 1   ACT A CH3 1 
HETATM 1360 C  C1  . EDO C 3 .   ? -11.572 -17.890 2.428   1.00 32.98 ? 2   EDO A C1  1 
HETATM 1361 O  O1  . EDO C 3 .   ? -12.642 -18.539 3.119   1.00 46.11 ? 2   EDO A O1  1 
HETATM 1362 C  C2  . EDO C 3 .   ? -11.951 -17.668 0.989   1.00 36.84 ? 2   EDO A C2  1 
HETATM 1363 O  O2  . EDO C 3 .   ? -11.414 -18.786 0.294   1.00 40.61 ? 2   EDO A O2  1 
HETATM 1364 C  C1  . EDO D 3 .   ? 4.113   0.605   3.821   1.00 26.14 ? 3   EDO A C1  1 
HETATM 1365 O  O1  . EDO D 3 .   ? 4.217   1.882   4.477   1.00 38.18 ? 3   EDO A O1  1 
HETATM 1366 C  C2  . EDO D 3 .   ? 4.702   -0.463  4.677   1.00 22.85 ? 3   EDO A C2  1 
HETATM 1367 O  O2  . EDO D 3 .   ? 5.641   -1.305  4.074   1.00 31.20 ? 3   EDO A O2  1 
HETATM 1368 C  C1  . EDO E 3 .   ? 18.089  10.234  -2.783  1.00 45.51 ? 4   EDO A C1  1 
HETATM 1369 O  O1  . EDO E 3 .   ? 18.118  9.051   -3.578  1.00 52.15 ? 4   EDO A O1  1 
HETATM 1370 C  C2  . EDO E 3 .   ? 18.073  11.433  -3.720  1.00 53.34 ? 4   EDO A C2  1 
HETATM 1371 O  O2  . EDO E 3 .   ? 16.901  12.213  -3.466  1.00 52.28 ? 4   EDO A O2  1 
HETATM 1372 O  O   . HOH F 4 .   ? 4.425   -5.627  3.883   1.00 13.66 ? 207 HOH A O   1 
HETATM 1373 O  O   . HOH F 4 .   ? -12.569 -10.697 -1.231  1.00 15.67 ? 208 HOH A O   1 
HETATM 1374 O  O   . HOH F 4 .   ? -16.013 1.530   -1.333  1.00 16.39 ? 209 HOH A O   1 
HETATM 1375 O  O   . HOH F 4 .   ? 1.538   -10.200 10.826  1.00 16.81 ? 210 HOH A O   1 
HETATM 1376 O  O   . HOH F 4 .   ? -8.173  -2.230  -1.602  1.00 17.56 ? 211 HOH A O   1 
HETATM 1377 O  O   . HOH F 4 .   ? -3.814  -21.195 -0.133  1.00 17.80 ? 212 HOH A O   1 
HETATM 1378 O  O   . HOH F 4 .   ? -7.866  4.841   -3.934  1.00 18.24 ? 213 HOH A O   1 
HETATM 1379 O  O   . HOH F 4 .   ? 7.946   -13.079 5.813   1.00 18.71 ? 214 HOH A O   1 
HETATM 1380 O  O   . HOH F 4 .   ? -6.354  -17.830 5.260   1.00 18.73 ? 215 HOH A O   1 
HETATM 1381 O  O   . HOH F 4 .   ? 8.017   -1.341  -1.626  1.00 19.19 ? 216 HOH A O   1 
HETATM 1382 O  O   . HOH F 4 .   ? -4.985  -18.833 3.079   1.00 19.84 ? 217 HOH A O   1 
HETATM 1383 O  O   . HOH F 4 .   ? -18.918 1.913   3.516   1.00 19.91 ? 218 HOH A O   1 
HETATM 1384 O  O   . HOH F 4 .   ? -2.351  -23.698 -3.526  1.00 19.91 ? 219 HOH A O   1 
HETATM 1385 O  O   . HOH F 4 .   ? -12.859 -3.363  9.843   1.00 20.52 ? 220 HOH A O   1 
HETATM 1386 O  O   . HOH F 4 .   ? -6.178  -23.899 -7.649  1.00 21.14 ? 221 HOH A O   1 
HETATM 1387 O  O   . HOH F 4 .   ? 6.712   -7.073  3.838   1.00 21.15 ? 222 HOH A O   1 
HETATM 1388 O  O   . HOH F 4 .   ? 7.745   -9.137  -0.270  1.00 21.20 ? 223 HOH A O   1 
HETATM 1389 O  O   . HOH F 4 .   ? 12.758  0.288   0.865   1.00 21.32 ? 224 HOH A O   1 
HETATM 1390 O  O   . HOH F 4 .   ? -15.237 -2.726  8.639   1.00 21.44 ? 225 HOH A O   1 
HETATM 1391 O  O   . HOH F 4 .   ? 9.275   23.105  -3.752  1.00 21.48 ? 226 HOH A O   1 
HETATM 1392 O  O   . HOH F 4 .   ? -15.883 -5.271  8.044   1.00 21.71 ? 227 HOH A O   1 
HETATM 1393 O  O   . HOH F 4 .   ? 3.700   -4.125  6.157   1.00 22.31 ? 228 HOH A O   1 
HETATM 1394 O  O   . HOH F 4 .   ? 8.951   -2.232  0.764   1.00 22.43 ? 229 HOH A O   1 
HETATM 1395 O  O   . HOH F 4 .   ? 3.879   12.934  -14.179 1.00 22.68 ? 230 HOH A O   1 
HETATM 1396 O  O   . HOH F 4 .   ? 2.097   -0.136  5.589   1.00 23.01 ? 231 HOH A O   1 
HETATM 1397 O  O   . HOH F 4 .   ? 1.363   2.671   11.864  1.00 23.04 ? 232 HOH A O   1 
HETATM 1398 O  O   . HOH F 4 .   ? -15.594 -6.138  10.892  1.00 23.40 ? 233 HOH A O   1 
HETATM 1399 O  O   . HOH F 4 .   ? -8.868  -13.815 15.249  1.00 23.71 ? 234 HOH A O   1 
HETATM 1400 O  O   . HOH F 4 .   ? -11.332 3.728   11.666  1.00 23.92 ? 235 HOH A O   1 
HETATM 1401 O  O   . HOH F 4 .   ? -20.641 4.021   4.384   1.00 23.93 ? 236 HOH A O   1 
HETATM 1402 O  O   . HOH F 4 .   ? -3.190  -23.872 -0.932  1.00 24.49 ? 237 HOH A O   1 
HETATM 1403 O  O   . HOH F 4 .   ? 14.478  0.948   -9.395  1.00 24.76 ? 238 HOH A O   1 
HETATM 1404 O  O   . HOH F 4 .   ? 12.204  14.002  -1.658  1.00 24.90 ? 239 HOH A O   1 
HETATM 1405 O  O   . HOH F 4 .   ? -6.074  -21.944 1.118   1.00 24.97 ? 240 HOH A O   1 
HETATM 1406 O  O   . HOH F 4 .   ? 2.180   3.296   5.135   1.00 25.61 ? 241 HOH A O   1 
HETATM 1407 O  O   . HOH F 4 .   ? -18.634 -2.374  6.247   1.00 25.79 ? 242 HOH A O   1 
HETATM 1408 O  O   . HOH F 4 .   ? 13.581  -1.543  -8.598  1.00 26.00 ? 243 HOH A O   1 
HETATM 1409 O  O   . HOH F 4 .   ? 0.295   -24.745 -3.572  1.00 26.11 ? 244 HOH A O   1 
HETATM 1410 O  O   . HOH F 4 .   ? -13.542 6.657   2.161   1.00 26.58 ? 245 HOH A O   1 
HETATM 1411 O  O   . HOH F 4 .   ? -16.717 -8.763  13.274  1.00 26.82 ? 246 HOH A O   1 
HETATM 1412 O  O   . HOH F 4 .   ? 19.492  1.971   -5.427  1.00 26.87 ? 247 HOH A O   1 
HETATM 1413 O  O   . HOH F 4 .   ? 14.353  12.200  -2.019  1.00 27.12 ? 248 HOH A O   1 
HETATM 1414 O  O   . HOH F 4 .   ? 7.213   -3.394  2.702   1.00 27.12 ? 249 HOH A O   1 
HETATM 1415 O  O   . HOH F 4 .   ? -5.680  15.091  -3.898  1.00 27.32 ? 250 HOH A O   1 
HETATM 1416 O  O   . HOH F 4 .   ? 10.814  -20.680 4.312   1.00 27.35 ? 251 HOH A O   1 
HETATM 1417 O  O   . HOH F 4 .   ? -18.740 1.432   7.191   1.00 27.42 ? 252 HOH A O   1 
HETATM 1418 O  O   . HOH F 4 .   ? -18.203 -7.162  9.498   1.00 27.52 ? 253 HOH A O   1 
HETATM 1419 O  O   . HOH F 4 .   ? -5.721  8.593   -1.618  1.00 27.55 ? 254 HOH A O   1 
HETATM 1420 O  O   . HOH F 4 .   ? -11.055 -18.642 -8.690  1.00 28.44 ? 255 HOH A O   1 
HETATM 1421 O  O   . HOH F 4 .   ? 16.603  -4.951  -6.499  1.00 28.52 ? 256 HOH A O   1 
HETATM 1422 O  O   . HOH F 4 .   ? 11.971  -10.864 -0.205  1.00 28.67 ? 257 HOH A O   1 
HETATM 1423 O  O   . HOH F 4 .   ? -2.591  17.811  -0.431  1.00 28.70 ? 258 HOH A O   1 
HETATM 1424 O  O   . HOH F 4 .   ? 9.778   8.116   -13.466 1.00 28.71 ? 259 HOH A O   1 
HETATM 1425 O  O   . HOH F 4 .   ? -10.718 -18.235 6.346   1.00 29.16 ? 260 HOH A O   1 
HETATM 1426 O  O   . HOH F 4 .   ? -0.148  0.558   12.949  1.00 29.22 ? 261 HOH A O   1 
HETATM 1427 O  O   . HOH F 4 .   ? 7.290   13.471  -13.493 1.00 29.38 ? 262 HOH A O   1 
HETATM 1428 O  O   . HOH F 4 .   ? 11.650  -5.447  -0.992  1.00 29.52 ? 263 HOH A O   1 
HETATM 1429 O  O   . HOH F 4 .   ? -3.772  17.697  -2.831  1.00 29.62 ? 264 HOH A O   1 
HETATM 1430 O  O   . HOH F 4 .   ? -10.615 9.078   4.252   1.00 29.63 ? 265 HOH A O   1 
HETATM 1431 O  O   . HOH F 4 .   ? 17.712  5.249   -0.859  1.00 29.72 ? 266 HOH A O   1 
HETATM 1432 O  O   . HOH F 4 .   ? 15.230  -7.247  -3.735  1.00 29.76 ? 267 HOH A O   1 
HETATM 1433 O  O   . HOH F 4 .   ? 5.740   -16.833 -7.103  1.00 29.80 ? 268 HOH A O   1 
HETATM 1434 O  O   . HOH F 4 .   ? -14.808 -18.742 -3.020  1.00 29.88 ? 269 HOH A O   1 
HETATM 1435 O  O   . HOH F 4 .   ? -2.536  -6.060  -3.791  1.00 30.11 ? 270 HOH A O   1 
HETATM 1436 O  O   . HOH F 4 .   ? -0.905  -6.996  16.800  1.00 30.48 ? 271 HOH A O   1 
HETATM 1437 O  O   . HOH F 4 .   ? 12.961  2.694   -13.715 1.00 30.64 ? 272 HOH A O   1 
HETATM 1438 O  O   . HOH F 4 .   ? -10.468 6.315   13.414  1.00 30.70 ? 273 HOH A O   1 
HETATM 1439 O  O   . HOH F 4 .   ? -4.643  -25.278 -4.752  1.00 30.89 ? 274 HOH A O   1 
HETATM 1440 O  O   . HOH F 4 .   ? -9.635  -21.858 0.279   1.00 31.11 ? 275 HOH A O   1 
HETATM 1441 O  O   . HOH F 4 .   ? -1.564  -16.027 13.571  1.00 31.12 ? 276 HOH A O   1 
HETATM 1442 O  O   . HOH F 4 .   ? 3.714   -11.430 10.254  1.00 31.39 ? 277 HOH A O   1 
HETATM 1443 O  O   . HOH F 4 .   ? -5.732  -2.791  14.920  1.00 31.44 ? 278 HOH A O   1 
HETATM 1444 O  O   . HOH F 4 .   ? 15.071  -4.393  -8.464  1.00 31.61 ? 279 HOH A O   1 
HETATM 1445 O  O   . HOH F 4 .   ? 12.648  -9.741  5.632   1.00 31.73 ? 280 HOH A O   1 
HETATM 1446 O  O   . HOH F 4 .   ? 9.096   -16.508 7.759   1.00 31.82 ? 281 HOH A O   1 
HETATM 1447 O  O   . HOH F 4 .   ? -14.200 -15.097 5.699   1.00 32.06 ? 282 HOH A O   1 
HETATM 1448 O  O   . HOH F 4 .   ? 0.459   7.215   -12.265 1.00 32.10 ? 283 HOH A O   1 
HETATM 1449 O  O   . HOH F 4 .   ? -6.478  3.116   -5.154  1.00 32.12 ? 284 HOH A O   1 
HETATM 1450 O  O   . HOH F 4 .   ? 18.623  3.111   -2.034  1.00 32.37 ? 285 HOH A O   1 
HETATM 1451 O  O   . HOH F 4 .   ? -5.027  -6.423  -2.814  1.00 32.39 ? 286 HOH A O   1 
HETATM 1452 O  O   . HOH F 4 .   ? -11.512 -6.431  -2.772  1.00 32.83 ? 287 HOH A O   1 
HETATM 1453 O  O   . HOH F 4 .   ? 3.856   -1.576  7.275   1.00 33.03 ? 288 HOH A O   1 
HETATM 1454 O  O   . HOH F 4 .   ? 11.976  -9.485  -4.677  1.00 33.06 ? 289 HOH A O   1 
HETATM 1455 O  O   . HOH F 4 .   ? 16.304  9.645   -11.234 1.00 33.07 ? 290 HOH A O   1 
HETATM 1456 O  O   . HOH F 4 .   ? -19.332 -10.585 6.626   1.00 33.20 ? 291 HOH A O   1 
HETATM 1457 O  O   . HOH F 4 .   ? -8.015  7.282   -2.314  1.00 33.20 ? 292 HOH A O   1 
HETATM 1458 O  O   . HOH F 4 .   ? -11.789 6.860   4.452   1.00 33.22 ? 293 HOH A O   1 
HETATM 1459 O  O   . HOH F 4 .   ? -2.874  18.202  2.949   1.00 33.27 ? 294 HOH A O   1 
HETATM 1460 O  O   . HOH F 4 .   ? -12.422 -1.772  11.865  1.00 33.54 ? 295 HOH A O   1 
HETATM 1461 O  O   . HOH F 4 .   ? 13.488  -20.637 3.310   1.00 33.89 ? 296 HOH A O   1 
HETATM 1462 O  O   . HOH F 4 .   ? 11.813  -13.749 5.215   1.00 33.91 ? 297 HOH A O   1 
HETATM 1463 O  O   . HOH F 4 .   ? 3.763   1.843   10.519  1.00 34.22 ? 298 HOH A O   1 
HETATM 1464 O  O   . HOH F 4 .   ? -0.149  11.039  -10.413 1.00 34.31 ? 299 HOH A O   1 
HETATM 1465 O  O   . HOH F 4 .   ? 13.110  -9.052  -9.249  1.00 34.36 ? 300 HOH A O   1 
HETATM 1466 O  O   . HOH F 4 .   ? 6.689   16.351  -13.574 1.00 34.38 ? 301 HOH A O   1 
HETATM 1467 O  O   . HOH F 4 .   ? -5.092  17.269  4.156   1.00 34.84 ? 302 HOH A O   1 
HETATM 1468 O  O   . HOH F 4 .   ? 16.295  -9.753  -4.266  1.00 34.89 ? 303 HOH A O   1 
HETATM 1469 O  O   . HOH F 4 .   ? -10.064 -16.071 14.075  1.00 35.12 ? 304 HOH A O   1 
HETATM 1470 O  O   . HOH F 4 .   ? 12.392  15.974  0.291   1.00 35.35 ? 305 HOH A O   1 
HETATM 1471 O  O   . HOH F 4 .   ? 9.388   -4.788  -0.320  1.00 35.71 ? 306 HOH A O   1 
HETATM 1472 O  O   . HOH F 4 .   ? 6.916   -12.534 9.813   1.00 35.72 ? 307 HOH A O   1 
HETATM 1473 O  O   . HOH F 4 .   ? 4.043   23.656  -7.084  1.00 35.73 ? 308 HOH A O   1 
HETATM 1474 O  O   . HOH F 4 .   ? -4.462  3.525   15.401  1.00 35.77 ? 309 HOH A O   1 
HETATM 1475 O  O   . HOH F 4 .   ? 2.635   -1.703  12.159  1.00 36.02 ? 310 HOH A O   1 
HETATM 1476 O  O   . HOH F 4 .   ? 1.996   -7.354  11.919  1.00 36.09 ? 311 HOH A O   1 
HETATM 1477 O  O   . HOH F 4 .   ? -11.897 -8.391  16.150  1.00 36.27 ? 312 HOH A O   1 
HETATM 1478 O  O   . HOH F 4 .   ? 10.316  5.104   6.548   1.00 36.46 ? 313 HOH A O   1 
HETATM 1479 O  O   . HOH F 4 .   ? -16.762 -1.299  10.587  1.00 36.91 ? 314 HOH A O   1 
HETATM 1480 O  O   . HOH F 4 .   ? -13.829 -12.031 13.704  1.00 37.40 ? 315 HOH A O   1 
HETATM 1481 O  O   . HOH F 4 .   ? -2.443  -0.600  -7.692  1.00 37.46 ? 316 HOH A O   1 
HETATM 1482 O  O   . HOH F 4 .   ? 18.676  7.147   -10.824 1.00 37.84 ? 317 HOH A O   1 
HETATM 1483 O  O   . HOH F 4 .   ? 12.587  -7.677  -2.452  1.00 37.96 ? 318 HOH A O   1 
HETATM 1484 O  O   . HOH F 4 .   ? -0.028  17.049  9.834   1.00 38.08 ? 319 HOH A O   1 
HETATM 1485 O  O   . HOH F 4 .   ? 7.579   9.613   7.793   1.00 38.09 ? 320 HOH A O   1 
HETATM 1486 O  O   . HOH F 4 .   ? -13.127 -16.586 7.213   1.00 38.12 ? 321 HOH A O   1 
HETATM 1487 O  O   . HOH F 4 .   ? 2.177   16.072  5.858   1.00 38.39 ? 322 HOH A O   1 
HETATM 1488 O  O   . HOH F 4 .   ? -1.439  -4.879  17.382  1.00 38.46 ? 323 HOH A O   1 
HETATM 1489 O  O   . HOH F 4 .   ? 14.737  0.966   -12.289 1.00 38.97 ? 324 HOH A O   1 
HETATM 1490 O  O   . HOH F 4 .   ? -6.288  15.990  0.112   1.00 39.00 ? 325 HOH A O   1 
HETATM 1491 O  O   . HOH F 4 .   ? -0.742  23.075  -8.156  1.00 39.39 ? 326 HOH A O   1 
HETATM 1492 O  O   . HOH F 4 .   ? -10.470 -10.737 -4.738  1.00 39.80 ? 327 HOH A O   1 
HETATM 1493 O  O   . HOH F 4 .   ? -10.799 -12.299 16.279  1.00 40.20 ? 328 HOH A O   1 
HETATM 1494 O  O   . HOH F 4 .   ? -5.117  1.455   14.540  1.00 40.51 ? 329 HOH A O   1 
HETATM 1495 O  O   . HOH F 4 .   ? 4.204   14.990  4.493   1.00 41.11 ? 330 HOH A O   1 
HETATM 1496 O  O   . HOH F 4 .   ? 12.527  14.818  -11.519 1.00 41.45 ? 331 HOH A O   1 
HETATM 1497 O  O   . HOH F 4 .   ? -5.499  -27.589 -6.913  1.00 41.47 ? 332 HOH A O   1 
HETATM 1498 O  O   . HOH F 4 .   ? -5.621  -1.217  -5.199  1.00 41.56 ? 333 HOH A O   1 
HETATM 1499 O  O   . HOH F 4 .   ? -7.254  -20.546 9.148   1.00 41.90 ? 334 HOH A O   1 
HETATM 1500 O  O   . HOH F 4 .   ? -12.192 -3.768  13.930  1.00 41.94 ? 335 HOH A O   1 
HETATM 1501 O  O   . HOH F 4 .   ? -6.740  -20.272 6.591   1.00 41.99 ? 336 HOH A O   1 
HETATM 1502 O  O   . HOH F 4 .   ? -14.744 -15.350 12.316  1.00 42.30 ? 337 HOH A O   1 
HETATM 1503 O  O   . HOH F 4 .   ? 12.052  9.911   -13.164 1.00 42.60 ? 338 HOH A O   1 
HETATM 1504 O  O   . HOH F 4 .   ? 10.765  16.079  3.196   1.00 42.89 ? 339 HOH A O   1 
HETATM 1505 O  O   . HOH F 4 .   ? 20.904  3.679   -2.067  1.00 43.88 ? 340 HOH A O   1 
HETATM 1506 O  O   . HOH F 4 .   ? 19.215  6.258   -6.543  1.00 43.89 ? 341 HOH A O   1 
HETATM 1507 O  O   . HOH F 4 .   ? 9.012   -5.654  3.270   1.00 43.95 ? 342 HOH A O   1 
HETATM 1508 O  O   . HOH F 4 .   ? -8.425  -16.777 -10.201 1.00 44.21 ? 343 HOH A O   1 
HETATM 1509 O  O   . HOH F 4 .   ? 10.954  -22.791 -3.377  1.00 44.46 ? 344 HOH A O   1 
HETATM 1510 O  O   . HOH F 4 .   ? 13.582  -3.218  -10.388 1.00 44.67 ? 345 HOH A O   1 
HETATM 1511 O  O   . HOH F 4 .   ? 6.737   15.975  4.146   1.00 45.00 ? 346 HOH A O   1 
HETATM 1512 O  O   . HOH F 4 .   ? 6.494   -11.922 -10.555 1.00 45.36 ? 347 HOH A O   1 
HETATM 1513 O  O   . HOH F 4 .   ? -2.010  22.783  -1.065  1.00 45.59 ? 348 HOH A O   1 
HETATM 1514 O  O   . HOH F 4 .   ? 14.239  -10.672 -5.380  1.00 45.99 ? 349 HOH A O   1 
HETATM 1515 O  O   . HOH F 4 .   ? 3.119   -12.421 12.380  1.00 46.14 ? 350 HOH A O   1 
HETATM 1516 O  O   . HOH F 4 .   ? -18.535 -14.131 -1.575  1.00 46.27 ? 351 HOH A O   1 
HETATM 1517 O  O   . HOH F 4 .   ? 4.049   1.590   8.023   1.00 46.35 ? 352 HOH A O   1 
HETATM 1518 O  O   . HOH F 4 .   ? 18.995  7.097   -2.548  1.00 48.10 ? 353 HOH A O   1 
HETATM 1519 O  O   . HOH F 4 .   ? 14.491  -12.996 -7.019  1.00 49.47 ? 354 HOH A O   1 
HETATM 1520 O  O   . HOH F 4 .   ? -12.348 -5.687  15.513  1.00 49.89 ? 355 HOH A O   1 
HETATM 1521 O  O   . HOH F 4 .   ? -4.200  -3.195  -6.498  1.00 51.09 ? 356 HOH A O   1 
HETATM 1522 O  O   . HOH F 4 .   ? 6.948   -16.142 -9.858  1.00 51.23 ? 357 HOH A O   1 
HETATM 1523 O  O   . HOH F 4 .   ? -7.098  19.757  -13.185 1.00 53.20 ? 358 HOH A O   1 
HETATM 1524 O  O   . HOH F 4 .   ? 16.271  14.003  -8.817  1.00 53.74 ? 359 HOH A O   1 
HETATM 1525 O  O   . HOH F 4 .   ? -9.133  -21.334 3.560   1.00 54.56 ? 360 HOH A O   1 
HETATM 1526 O  O   . HOH F 4 .   ? 8.594   17.502  3.048   1.00 56.09 ? 361 HOH A O   1 
HETATM 1527 O  O   . HOH F 4 .   ? -15.711 -14.478 8.957   1.00 57.05 ? 362 HOH A O   1 
HETATM 1528 O  O   A HOH F 4 .   ? 6.756   -23.926 -0.375  0.50 26.62 ? 363 HOH A O   1 
HETATM 1529 O  O   B HOH F 4 .   ? 5.491   -23.178 -1.104  0.50 23.62 ? 363 HOH A O   1 
# 
